data_3P43
# 
_entry.id   3P43 
# 
_audit_conform.dict_name       mmcif_pdbx.dic 
_audit_conform.dict_version    5.379 
_audit_conform.dict_location   http://mmcif.pdb.org/dictionaries/ascii/mmcif_pdbx.dic 
# 
loop_
_database_2.database_id 
_database_2.database_code 
_database_2.pdbx_database_accession 
_database_2.pdbx_DOI 
PDB   3P43         pdb_00003p43 10.2210/pdb3p43/pdb 
RCSB  RCSB061930   ?            ?                   
WWPDB D_1000061930 ?            ?                   
# 
_pdbx_database_status.status_code                     REL 
_pdbx_database_status.entry_id                        3P43 
_pdbx_database_status.recvd_initial_deposition_date   2010-10-05 
_pdbx_database_status.deposit_site                    RCSB 
_pdbx_database_status.process_site                    RCSB 
_pdbx_database_status.status_code_sf                  REL 
_pdbx_database_status.status_code_mr                  ? 
_pdbx_database_status.SG_entry                        ? 
_pdbx_database_status.status_code_cs                  ? 
_pdbx_database_status.pdb_format_compatible           Y 
_pdbx_database_status.status_code_nmr_data            ? 
_pdbx_database_status.methods_development_category    ? 
# 
loop_
_audit_author.name 
_audit_author.pdbx_ordinal 
'Smith, P.'  1 
'Nair, P.A.' 2 
'Das, U.'    3 
'Shuman, S.' 4 
# 
_citation.id                        primary 
_citation.title                     
;Structures and activities of archaeal members of the LigD 3'-phosphoesterase DNA repair enzyme superfamily.
;
_citation.journal_abbrev            'Nucleic Acids Res.' 
_citation.journal_volume            39 
_citation.page_first                3310 
_citation.page_last                 3320 
_citation.year                      2011 
_citation.journal_id_ASTM           NARHAD 
_citation.country                   UK 
_citation.journal_id_ISSN           0305-1048 
_citation.journal_id_CSD            0389 
_citation.book_publisher            ? 
_citation.pdbx_database_id_PubMed   21208981 
_citation.pdbx_database_id_DOI      10.1093/nar/gkq1163 
# 
loop_
_citation_author.citation_id 
_citation_author.name 
_citation_author.ordinal 
_citation_author.identifier_ORCID 
primary 'Smith, P.'  1 ? 
primary 'Nair, P.A.' 2 ? 
primary 'Das, U.'    3 ? 
primary 'Zhu, H.'    4 ? 
primary 'Shuman, S.' 5 ? 
# 
_cell.entry_id           3P43 
_cell.length_a           30.368 
_cell.length_b           60.166 
_cell.length_c           76.471 
_cell.angle_alpha        90.00 
_cell.angle_beta         90.00 
_cell.angle_gamma        90.00 
_cell.Z_PDB              4 
_cell.pdbx_unique_axis   ? 
_cell.length_a_esd       ? 
_cell.length_b_esd       ? 
_cell.length_c_esd       ? 
_cell.angle_alpha_esd    ? 
_cell.angle_beta_esd     ? 
_cell.angle_gamma_esd    ? 
# 
_symmetry.entry_id                         3P43 
_symmetry.space_group_name_H-M             'P 21 21 21' 
_symmetry.pdbx_full_space_group_name_H-M   ? 
_symmetry.cell_setting                     ? 
_symmetry.Int_Tables_number                19 
_symmetry.space_group_name_Hall            ? 
# 
loop_
_entity.id 
_entity.type 
_entity.src_method 
_entity.pdbx_description 
_entity.formula_weight 
_entity.pdbx_number_of_molecules 
_entity.pdbx_ec 
_entity.pdbx_mutation 
_entity.pdbx_fragment 
_entity.details 
1 polymer     man 'Putative uncharacterized protein' 17575.104 1  ? ? ? ? 
2 non-polymer syn 'MANGANESE (II) ION'               54.938    1  ? ? ? ? 
3 non-polymer syn 'CHLORIDE ION'                     35.453    1  ? ? ? ? 
4 non-polymer syn 'PHOSPHATE ION'                    94.971    1  ? ? ? ? 
5 water       nat water                              18.015    92 ? ? ? ? 
# 
_entity_poly.entity_id                      1 
_entity_poly.type                           'polypeptide(L)' 
_entity_poly.nstd_linkage                   no 
_entity_poly.nstd_monomer                   no 
_entity_poly.pdbx_seq_one_letter_code       
;SMLEEYEKKRHFQKTPEPSTTGVKKSSDKPIFVVQRHDARKLHYDFRLEMDGVLKSWAVPKEPPKDAGTRRLAIETEDHP
LAYADFEGEIPAGEYGAGKVEIWDRGTFELLKREEREIVVSLEGKELKGIYVLIRTKYGKGEKGWLFFKKAS
;
_entity_poly.pdbx_seq_one_letter_code_can   
;SMLEEYEKKRHFQKTPEPSTTGVKKSSDKPIFVVQRHDARKLHYDFRLEMDGVLKSWAVPKEPPKDAGTRRLAIETEDHP
LAYADFEGEIPAGEYGAGKVEIWDRGTFELLKREEREIVVSLEGKELKGIYVLIRTKYGKGEKGWLFFKKAS
;
_entity_poly.pdbx_strand_id                 A 
_entity_poly.pdbx_target_identifier         ? 
# 
loop_
_entity_poly_seq.entity_id 
_entity_poly_seq.num 
_entity_poly_seq.mon_id 
_entity_poly_seq.hetero 
1 1   SER n 
1 2   MET n 
1 3   LEU n 
1 4   GLU n 
1 5   GLU n 
1 6   TYR n 
1 7   GLU n 
1 8   LYS n 
1 9   LYS n 
1 10  ARG n 
1 11  HIS n 
1 12  PHE n 
1 13  GLN n 
1 14  LYS n 
1 15  THR n 
1 16  PRO n 
1 17  GLU n 
1 18  PRO n 
1 19  SER n 
1 20  THR n 
1 21  THR n 
1 22  GLY n 
1 23  VAL n 
1 24  LYS n 
1 25  LYS n 
1 26  SER n 
1 27  SER n 
1 28  ASP n 
1 29  LYS n 
1 30  PRO n 
1 31  ILE n 
1 32  PHE n 
1 33  VAL n 
1 34  VAL n 
1 35  GLN n 
1 36  ARG n 
1 37  HIS n 
1 38  ASP n 
1 39  ALA n 
1 40  ARG n 
1 41  LYS n 
1 42  LEU n 
1 43  HIS n 
1 44  TYR n 
1 45  ASP n 
1 46  PHE n 
1 47  ARG n 
1 48  LEU n 
1 49  GLU n 
1 50  MET n 
1 51  ASP n 
1 52  GLY n 
1 53  VAL n 
1 54  LEU n 
1 55  LYS n 
1 56  SER n 
1 57  TRP n 
1 58  ALA n 
1 59  VAL n 
1 60  PRO n 
1 61  LYS n 
1 62  GLU n 
1 63  PRO n 
1 64  PRO n 
1 65  LYS n 
1 66  ASP n 
1 67  ALA n 
1 68  GLY n 
1 69  THR n 
1 70  ARG n 
1 71  ARG n 
1 72  LEU n 
1 73  ALA n 
1 74  ILE n 
1 75  GLU n 
1 76  THR n 
1 77  GLU n 
1 78  ASP n 
1 79  HIS n 
1 80  PRO n 
1 81  LEU n 
1 82  ALA n 
1 83  TYR n 
1 84  ALA n 
1 85  ASP n 
1 86  PHE n 
1 87  GLU n 
1 88  GLY n 
1 89  GLU n 
1 90  ILE n 
1 91  PRO n 
1 92  ALA n 
1 93  GLY n 
1 94  GLU n 
1 95  TYR n 
1 96  GLY n 
1 97  ALA n 
1 98  GLY n 
1 99  LYS n 
1 100 VAL n 
1 101 GLU n 
1 102 ILE n 
1 103 TRP n 
1 104 ASP n 
1 105 ARG n 
1 106 GLY n 
1 107 THR n 
1 108 PHE n 
1 109 GLU n 
1 110 LEU n 
1 111 LEU n 
1 112 LYS n 
1 113 ARG n 
1 114 GLU n 
1 115 GLU n 
1 116 ARG n 
1 117 GLU n 
1 118 ILE n 
1 119 VAL n 
1 120 VAL n 
1 121 SER n 
1 122 LEU n 
1 123 GLU n 
1 124 GLY n 
1 125 LYS n 
1 126 GLU n 
1 127 LEU n 
1 128 LYS n 
1 129 GLY n 
1 130 ILE n 
1 131 TYR n 
1 132 VAL n 
1 133 LEU n 
1 134 ILE n 
1 135 ARG n 
1 136 THR n 
1 137 LYS n 
1 138 TYR n 
1 139 GLY n 
1 140 LYS n 
1 141 GLY n 
1 142 GLU n 
1 143 LYS n 
1 144 GLY n 
1 145 TRP n 
1 146 LEU n 
1 147 PHE n 
1 148 PHE n 
1 149 LYS n 
1 150 LYS n 
1 151 ALA n 
1 152 SER n 
# 
_entity_src_gen.entity_id                          1 
_entity_src_gen.pdbx_src_id                        1 
_entity_src_gen.pdbx_alt_source_flag               sample 
_entity_src_gen.pdbx_seq_type                      ? 
_entity_src_gen.pdbx_beg_seq_num                   ? 
_entity_src_gen.pdbx_end_seq_num                   ? 
_entity_src_gen.gene_src_common_name               ? 
_entity_src_gen.gene_src_genus                     ? 
_entity_src_gen.pdbx_gene_src_gene                 Mbar_A2115 
_entity_src_gen.gene_src_species                   ? 
_entity_src_gen.gene_src_strain                    'Fusaro / DSM 804' 
_entity_src_gen.gene_src_tissue                    ? 
_entity_src_gen.gene_src_tissue_fraction           ? 
_entity_src_gen.gene_src_details                   ? 
_entity_src_gen.pdbx_gene_src_fragment             ? 
_entity_src_gen.pdbx_gene_src_scientific_name      'Methanosarcina barkeri str. Fusaro' 
_entity_src_gen.pdbx_gene_src_ncbi_taxonomy_id     269797 
_entity_src_gen.pdbx_gene_src_variant              ? 
_entity_src_gen.pdbx_gene_src_cell_line            ? 
_entity_src_gen.pdbx_gene_src_atcc                 ? 
_entity_src_gen.pdbx_gene_src_organ                ? 
_entity_src_gen.pdbx_gene_src_organelle            ? 
_entity_src_gen.pdbx_gene_src_cell                 ? 
_entity_src_gen.pdbx_gene_src_cellular_location    ? 
_entity_src_gen.host_org_common_name               ? 
_entity_src_gen.pdbx_host_org_scientific_name      'Escherichia coli' 
_entity_src_gen.pdbx_host_org_ncbi_taxonomy_id     469008 
_entity_src_gen.host_org_genus                     ? 
_entity_src_gen.pdbx_host_org_gene                 ? 
_entity_src_gen.pdbx_host_org_organ                ? 
_entity_src_gen.host_org_species                   ? 
_entity_src_gen.pdbx_host_org_tissue               ? 
_entity_src_gen.pdbx_host_org_tissue_fraction      ? 
_entity_src_gen.pdbx_host_org_strain               'BL21(DE3)RIL' 
_entity_src_gen.pdbx_host_org_variant              ? 
_entity_src_gen.pdbx_host_org_cell_line            ? 
_entity_src_gen.pdbx_host_org_atcc                 ? 
_entity_src_gen.pdbx_host_org_culture_collection   ? 
_entity_src_gen.pdbx_host_org_cell                 ? 
_entity_src_gen.pdbx_host_org_organelle            ? 
_entity_src_gen.pdbx_host_org_cellular_location    ? 
_entity_src_gen.pdbx_host_org_vector_type          Plasmid 
_entity_src_gen.pdbx_host_org_vector               ? 
_entity_src_gen.host_org_details                   ? 
_entity_src_gen.expression_system_id               ? 
_entity_src_gen.plasmid_name                       pET28b-Smt3-His10 
_entity_src_gen.plasmid_details                    'Codon optimized synthetic gene' 
_entity_src_gen.pdbx_description                   ? 
# 
_struct_ref.id                         1 
_struct_ref.db_name                    UNP 
_struct_ref.db_code                    Q46AP6_METBF 
_struct_ref.pdbx_db_accession          Q46AP6 
_struct_ref.entity_id                  1 
_struct_ref.pdbx_seq_one_letter_code   
;MLEEYEKKRHFQKTPEPSTTGVKKSSDKPIFVVQRHDARKLHYDFRLEMDGVLKSWAVPKEPPKDAGTRRLAIETEDHPL
AYADFEGEIPAGEYGAGKVEIWDRGTFELLKREEREIVVSLEGKELKGIYVLIRTKYGKGEKGWLFFKKAS
;
_struct_ref.pdbx_align_begin           1 
_struct_ref.pdbx_db_isoform            ? 
# 
_struct_ref_seq.align_id                      1 
_struct_ref_seq.ref_id                        1 
_struct_ref_seq.pdbx_PDB_id_code              3P43 
_struct_ref_seq.pdbx_strand_id                A 
_struct_ref_seq.seq_align_beg                 2 
_struct_ref_seq.pdbx_seq_align_beg_ins_code   ? 
_struct_ref_seq.seq_align_end                 152 
_struct_ref_seq.pdbx_seq_align_end_ins_code   ? 
_struct_ref_seq.pdbx_db_accession             Q46AP6 
_struct_ref_seq.db_align_beg                  1 
_struct_ref_seq.pdbx_db_align_beg_ins_code    ? 
_struct_ref_seq.db_align_end                  151 
_struct_ref_seq.pdbx_db_align_end_ins_code    ? 
_struct_ref_seq.pdbx_auth_seq_align_beg       1 
_struct_ref_seq.pdbx_auth_seq_align_end       151 
# 
_struct_ref_seq_dif.align_id                     1 
_struct_ref_seq_dif.pdbx_pdb_id_code             3P43 
_struct_ref_seq_dif.mon_id                       SER 
_struct_ref_seq_dif.pdbx_pdb_strand_id           A 
_struct_ref_seq_dif.seq_num                      1 
_struct_ref_seq_dif.pdbx_pdb_ins_code            ? 
_struct_ref_seq_dif.pdbx_seq_db_name             UNP 
_struct_ref_seq_dif.pdbx_seq_db_accession_code   Q46AP6 
_struct_ref_seq_dif.db_mon_id                    ? 
_struct_ref_seq_dif.pdbx_seq_db_seq_num          ? 
_struct_ref_seq_dif.details                      'expression tag' 
_struct_ref_seq_dif.pdbx_auth_seq_num            0 
_struct_ref_seq_dif.pdbx_ordinal                 1 
# 
loop_
_chem_comp.id 
_chem_comp.type 
_chem_comp.mon_nstd_flag 
_chem_comp.name 
_chem_comp.pdbx_synonyms 
_chem_comp.formula 
_chem_comp.formula_weight 
ALA 'L-peptide linking' y ALANINE              ? 'C3 H7 N O2'     89.093  
ARG 'L-peptide linking' y ARGININE             ? 'C6 H15 N4 O2 1' 175.209 
ASP 'L-peptide linking' y 'ASPARTIC ACID'      ? 'C4 H7 N O4'     133.103 
CL  non-polymer         . 'CHLORIDE ION'       ? 'Cl -1'          35.453  
GLN 'L-peptide linking' y GLUTAMINE            ? 'C5 H10 N2 O3'   146.144 
GLU 'L-peptide linking' y 'GLUTAMIC ACID'      ? 'C5 H9 N O4'     147.129 
GLY 'peptide linking'   y GLYCINE              ? 'C2 H5 N O2'     75.067  
HIS 'L-peptide linking' y HISTIDINE            ? 'C6 H10 N3 O2 1' 156.162 
HOH non-polymer         . WATER                ? 'H2 O'           18.015  
ILE 'L-peptide linking' y ISOLEUCINE           ? 'C6 H13 N O2'    131.173 
LEU 'L-peptide linking' y LEUCINE              ? 'C6 H13 N O2'    131.173 
LYS 'L-peptide linking' y LYSINE               ? 'C6 H15 N2 O2 1' 147.195 
MET 'L-peptide linking' y METHIONINE           ? 'C5 H11 N O2 S'  149.211 
MN  non-polymer         . 'MANGANESE (II) ION' ? 'Mn 2'           54.938  
PHE 'L-peptide linking' y PHENYLALANINE        ? 'C9 H11 N O2'    165.189 
PO4 non-polymer         . 'PHOSPHATE ION'      ? 'O4 P -3'        94.971  
PRO 'L-peptide linking' y PROLINE              ? 'C5 H9 N O2'     115.130 
SER 'L-peptide linking' y SERINE               ? 'C3 H7 N O3'     105.093 
THR 'L-peptide linking' y THREONINE            ? 'C4 H9 N O3'     119.119 
TRP 'L-peptide linking' y TRYPTOPHAN           ? 'C11 H12 N2 O2'  204.225 
TYR 'L-peptide linking' y TYROSINE             ? 'C9 H11 N O3'    181.189 
VAL 'L-peptide linking' y VALINE               ? 'C5 H11 N O2'    117.146 
# 
_exptl.entry_id          3P43 
_exptl.method            'X-RAY DIFFRACTION' 
_exptl.crystals_number   1 
# 
_exptl_crystal.id                    1 
_exptl_crystal.density_meas          ? 
_exptl_crystal.density_Matthews      1.99 
_exptl_crystal.density_percent_sol   38.11 
_exptl_crystal.description           ? 
_exptl_crystal.F_000                 ? 
_exptl_crystal.preparation           ? 
# 
_exptl_crystal_grow.crystal_id      1 
_exptl_crystal_grow.method          'VAPOR DIFFUSION, SITTING DROP' 
_exptl_crystal_grow.temp            298 
_exptl_crystal_grow.temp_details    ? 
_exptl_crystal_grow.pH              7.5 
_exptl_crystal_grow.pdbx_details    
;vapor-diffusion, sitting-drop setups with 1:1 mixtures of protein solution containing 0.5 mM Mba and 2mM MnCl2 and reservoir solution containing PEG 4000 (32%), 0.18 M MgCl2, 2.5% 1,4-dioxane, 0.1 M Tris-HCl pH 7.5, temperature 298K, VAPOR DIFFUSION, SITTING DROP
;
_exptl_crystal_grow.pdbx_pH_range   ? 
# 
_diffrn.id                     1 
_diffrn.ambient_temp           130 
_diffrn.ambient_temp_details   ? 
_diffrn.crystal_id             1 
# 
_diffrn_detector.diffrn_id              1 
_diffrn_detector.detector               CCD 
_diffrn_detector.type                   'ADSC QUANTUM 315' 
_diffrn_detector.pdbx_collection_date   2010-06-02 
_diffrn_detector.details                ? 
# 
_diffrn_radiation.diffrn_id                        1 
_diffrn_radiation.wavelength_id                    1 
_diffrn_radiation.pdbx_monochromatic_or_laue_m_l   M 
_diffrn_radiation.monochromator                    'Double silicon(111) crystal' 
_diffrn_radiation.pdbx_diffrn_protocol             'SINGLE WAVELENGTH' 
_diffrn_radiation.pdbx_scattering_type             x-ray 
# 
_diffrn_radiation_wavelength.id           1 
_diffrn_radiation_wavelength.wavelength   1.1 
_diffrn_radiation_wavelength.wt           1.0 
# 
_diffrn_source.diffrn_id                   1 
_diffrn_source.source                      SYNCHROTRON 
_diffrn_source.type                        'NSLS BEAMLINE X25' 
_diffrn_source.pdbx_synchrotron_site       NSLS 
_diffrn_source.pdbx_synchrotron_beamline   X25 
_diffrn_source.pdbx_wavelength             ? 
_diffrn_source.pdbx_wavelength_list        1.1 
# 
_reflns.entry_id                     3P43 
_reflns.observed_criterion_sigma_I   -3 
_reflns.observed_criterion_sigma_F   ? 
_reflns.d_resolution_low             38.236 
_reflns.d_resolution_high            2.1 
_reflns.number_obs                   8606 
_reflns.number_all                   8827 
_reflns.percent_possible_obs         97.5 
_reflns.pdbx_Rmerge_I_obs            ? 
_reflns.pdbx_Rsym_value              0.122 
_reflns.pdbx_netI_over_sigmaI        11.12 
_reflns.B_iso_Wilson_estimate        20.6 
_reflns.pdbx_redundancy              4.9 
_reflns.R_free_details               ? 
_reflns.limit_h_max                  ? 
_reflns.limit_h_min                  ? 
_reflns.limit_k_max                  ? 
_reflns.limit_k_min                  ? 
_reflns.limit_l_max                  ? 
_reflns.limit_l_min                  ? 
_reflns.observed_criterion_F_max     ? 
_reflns.observed_criterion_F_min     ? 
_reflns.pdbx_chi_squared             ? 
_reflns.pdbx_scaling_rejects         ? 
_reflns.pdbx_diffrn_id               1 
_reflns.pdbx_ordinal                 1 
# 
_reflns_shell.d_res_high             2.1 
_reflns_shell.d_res_low              2.18 
_reflns_shell.percent_possible_all   97.2 
_reflns_shell.Rmerge_I_obs           0.465 
_reflns_shell.pdbx_Rsym_value        ? 
_reflns_shell.meanI_over_sigI_obs    2.74 
_reflns_shell.pdbx_redundancy        3.3 
_reflns_shell.percent_possible_obs   ? 
_reflns_shell.number_unique_all      ? 
_reflns_shell.number_measured_all    ? 
_reflns_shell.number_measured_obs    843 
_reflns_shell.number_unique_obs      ? 
_reflns_shell.pdbx_chi_squared       ? 
_reflns_shell.pdbx_diffrn_id         ? 
_reflns_shell.pdbx_ordinal           1 
# 
_refine.entry_id                                 3P43 
_refine.ls_number_reflns_obs                     8458 
_refine.ls_number_reflns_all                     ? 
_refine.pdbx_ls_sigma_I                          ? 
_refine.pdbx_ls_sigma_F                          1.0 
_refine.pdbx_data_cutoff_high_absF               ? 
_refine.pdbx_data_cutoff_low_absF                ? 
_refine.pdbx_data_cutoff_high_rms_absF           ? 
_refine.ls_d_res_low                             38.236 
_refine.ls_d_res_high                            2.100 
_refine.ls_percent_reflns_obs                    97.52 
_refine.ls_R_factor_obs                          0.2086 
_refine.ls_R_factor_all                          ? 
_refine.ls_R_factor_R_work                       0.2029 
_refine.ls_R_factor_R_free                       0.2572 
_refine.ls_R_factor_R_free_error                 ? 
_refine.ls_R_factor_R_free_error_details         ? 
_refine.ls_percent_reflns_R_free                 10.01 
_refine.ls_number_reflns_R_free                  847 
_refine.ls_number_parameters                     ? 
_refine.ls_number_restraints                     ? 
_refine.occupancy_min                            ? 
_refine.occupancy_max                            ? 
_refine.correlation_coeff_Fo_to_Fc               ? 
_refine.correlation_coeff_Fo_to_Fc_free          ? 
_refine.B_iso_mean                               23.1 
_refine.aniso_B[1][1]                            -3.9711 
_refine.aniso_B[2][2]                            -5.1005 
_refine.aniso_B[3][3]                            9.0717 
_refine.aniso_B[1][2]                            -0.0000 
_refine.aniso_B[1][3]                            0.0000 
_refine.aniso_B[2][3]                            -0.0000 
_refine.solvent_model_details                    'FLAT BULK SOLVENT MODEL' 
_refine.solvent_model_param_ksol                 0.347 
_refine.solvent_model_param_bsol                 37.534 
_refine.pdbx_solvent_vdw_probe_radii             1.11 
_refine.pdbx_solvent_ion_probe_radii             ? 
_refine.pdbx_solvent_shrinkage_radii             0.90 
_refine.pdbx_ls_cross_valid_method               ? 
_refine.details                                  ? 
_refine.pdbx_starting_model                      'PDB ENTRY 3N9B' 
_refine.pdbx_method_to_determine_struct          'MOLECULAR REPLACEMENT' 
_refine.pdbx_isotropic_thermal_model             ? 
_refine.pdbx_stereochemistry_target_values       ML 
_refine.pdbx_stereochem_target_val_spec_case     ? 
_refine.pdbx_R_Free_selection_details            Random 
_refine.pdbx_overall_ESU_R_Free                  ? 
_refine.overall_SU_ML                            0.26 
_refine.overall_SU_B                             ? 
_refine.overall_SU_R_Cruickshank_DPI             ? 
_refine.ls_redundancy_reflns_obs                 ? 
_refine.B_iso_min                                ? 
_refine.B_iso_max                                ? 
_refine.overall_SU_R_free                        ? 
_refine.ls_wR_factor_R_free                      ? 
_refine.ls_wR_factor_R_work                      ? 
_refine.overall_FOM_free_R_set                   ? 
_refine.overall_FOM_work_R_set                   ? 
_refine.pdbx_overall_phase_error                 23.73 
_refine.pdbx_refine_id                           'X-RAY DIFFRACTION' 
_refine.pdbx_overall_ESU_R                       ? 
_refine.pdbx_diffrn_id                           1 
_refine.pdbx_TLS_residual_ADP_flag               ? 
_refine.pdbx_overall_SU_R_free_Cruickshank_DPI   ? 
_refine.pdbx_overall_SU_R_Blow_DPI               ? 
_refine.pdbx_overall_SU_R_free_Blow_DPI          ? 
# 
_refine_hist.pdbx_refine_id                   'X-RAY DIFFRACTION' 
_refine_hist.cycle_id                         LAST 
_refine_hist.pdbx_number_atoms_protein        1004 
_refine_hist.pdbx_number_atoms_nucleic_acid   0 
_refine_hist.pdbx_number_atoms_ligand         7 
_refine_hist.number_atoms_solvent             92 
_refine_hist.number_atoms_total               1103 
_refine_hist.d_res_high                       2.100 
_refine_hist.d_res_low                        38.236 
# 
loop_
_refine_ls_restr.type 
_refine_ls_restr.dev_ideal 
_refine_ls_restr.dev_ideal_target 
_refine_ls_restr.weight 
_refine_ls_restr.number 
_refine_ls_restr.pdbx_refine_id 
_refine_ls_restr.pdbx_restraint_function 
f_bond_d           0.005  ? ? 1045 'X-RAY DIFFRACTION' ? 
f_angle_d          0.950  ? ? 1408 'X-RAY DIFFRACTION' ? 
f_dihedral_angle_d 15.322 ? ? 399  'X-RAY DIFFRACTION' ? 
f_chiral_restr     0.066  ? ? 144  'X-RAY DIFFRACTION' ? 
f_plane_restr      0.003  ? ? 180  'X-RAY DIFFRACTION' ? 
# 
loop_
_refine_ls_shell.pdbx_total_number_of_bins_used 
_refine_ls_shell.d_res_high 
_refine_ls_shell.d_res_low 
_refine_ls_shell.number_reflns_R_work 
_refine_ls_shell.R_factor_R_work 
_refine_ls_shell.percent_reflns_obs 
_refine_ls_shell.R_factor_R_free 
_refine_ls_shell.R_factor_R_free_error 
_refine_ls_shell.percent_reflns_R_free 
_refine_ls_shell.number_reflns_R_free 
_refine_ls_shell.number_reflns_all 
_refine_ls_shell.R_factor_all 
_refine_ls_shell.number_reflns_obs 
_refine_ls_shell.redundancy_reflns_obs 
_refine_ls_shell.pdbx_refine_id 
. 2.1000 2.2316  1241 0.2417 97.00 0.2883 . . 137 . . 1241 . 'X-RAY DIFFRACTION' 
. 2.2316 2.4038  1236 0.2323 97.00 0.2825 . . 138 . . 1236 . 'X-RAY DIFFRACTION' 
. 2.4038 2.6457  1224 0.2301 96.00 0.3022 . . 136 . . 1224 . 'X-RAY DIFFRACTION' 
. 2.6457 3.0284  1258 0.2268 97.00 0.2765 . . 139 . . 1258 . 'X-RAY DIFFRACTION' 
. 3.0284 3.8149  1280 0.1886 99.00 0.2336 . . 144 . . 1280 . 'X-RAY DIFFRACTION' 
. 3.8149 38.2418 1372 0.1732 99.00 0.2335 . . 153 . . 1372 . 'X-RAY DIFFRACTION' 
# 
_struct.entry_id                  3P43 
_struct.title                     
;Structure and Activities of Archaeal Members of the LigD 3' Phosphoesterase DNA Repair Enzyme Superfamily
;
_struct.pdbx_model_details        ? 
_struct.pdbx_CASP_flag            ? 
_struct.pdbx_model_type_details   ? 
# 
_struct_keywords.entry_id        3P43 
_struct_keywords.pdbx_keywords   HYDROLASE 
_struct_keywords.text            'Phosphoesterase, Metalloenzyme, Hydrolase, Manganese, Beta Barrel' 
# 
loop_
_struct_asym.id 
_struct_asym.pdbx_blank_PDB_chainid_flag 
_struct_asym.pdbx_modified 
_struct_asym.entity_id 
_struct_asym.details 
A N N 1 ? 
B N N 2 ? 
C N N 3 ? 
D N N 4 ? 
E N N 5 ? 
# 
_struct_biol.id        1 
_struct_biol.details   ? 
# 
_struct_conf.conf_type_id            HELX_P 
_struct_conf.id                      HELX_P1 
_struct_conf.pdbx_PDB_helix_id       1 
_struct_conf.beg_label_comp_id       ALA 
_struct_conf.beg_label_asym_id       A 
_struct_conf.beg_label_seq_id        82 
_struct_conf.pdbx_beg_PDB_ins_code   ? 
_struct_conf.end_label_comp_id       PHE 
_struct_conf.end_label_asym_id       A 
_struct_conf.end_label_seq_id        86 
_struct_conf.pdbx_end_PDB_ins_code   ? 
_struct_conf.beg_auth_comp_id        ALA 
_struct_conf.beg_auth_asym_id        A 
_struct_conf.beg_auth_seq_id         81 
_struct_conf.end_auth_comp_id        PHE 
_struct_conf.end_auth_asym_id        A 
_struct_conf.end_auth_seq_id         85 
_struct_conf.pdbx_PDB_helix_class    5 
_struct_conf.details                 ? 
_struct_conf.pdbx_PDB_helix_length   5 
# 
_struct_conf_type.id          HELX_P 
_struct_conf_type.criteria    ? 
_struct_conf_type.reference   ? 
# 
loop_
_struct_conn.id 
_struct_conn.conn_type_id 
_struct_conn.pdbx_leaving_atom_flag 
_struct_conn.pdbx_PDB_id 
_struct_conn.ptnr1_label_asym_id 
_struct_conn.ptnr1_label_comp_id 
_struct_conn.ptnr1_label_seq_id 
_struct_conn.ptnr1_label_atom_id 
_struct_conn.pdbx_ptnr1_label_alt_id 
_struct_conn.pdbx_ptnr1_PDB_ins_code 
_struct_conn.pdbx_ptnr1_standard_comp_id 
_struct_conn.ptnr1_symmetry 
_struct_conn.ptnr2_label_asym_id 
_struct_conn.ptnr2_label_comp_id 
_struct_conn.ptnr2_label_seq_id 
_struct_conn.ptnr2_label_atom_id 
_struct_conn.pdbx_ptnr2_label_alt_id 
_struct_conn.pdbx_ptnr2_PDB_ins_code 
_struct_conn.ptnr1_auth_asym_id 
_struct_conn.ptnr1_auth_comp_id 
_struct_conn.ptnr1_auth_seq_id 
_struct_conn.ptnr2_auth_asym_id 
_struct_conn.ptnr2_auth_comp_id 
_struct_conn.ptnr2_auth_seq_id 
_struct_conn.ptnr2_symmetry 
_struct_conn.pdbx_ptnr3_label_atom_id 
_struct_conn.pdbx_ptnr3_label_seq_id 
_struct_conn.pdbx_ptnr3_label_comp_id 
_struct_conn.pdbx_ptnr3_label_asym_id 
_struct_conn.pdbx_ptnr3_label_alt_id 
_struct_conn.pdbx_ptnr3_PDB_ins_code 
_struct_conn.details 
_struct_conn.pdbx_dist_value 
_struct_conn.pdbx_value_order 
_struct_conn.pdbx_role 
metalc1 metalc ? ? A HIS 37 ND1 ? ? ? 1_555 B MN  . MN ? ? A HIS 36  A MN  152 1_555 ? ? ? ? ? ? ? 2.400 ? ? 
metalc2 metalc ? ? A HIS 43 NE2 ? ? ? 1_555 B MN  . MN ? ? A HIS 42  A MN  152 1_555 ? ? ? ? ? ? ? 2.257 ? ? 
metalc3 metalc ? ? A ASP 45 OD2 ? ? ? 1_555 B MN  . MN ? ? A ASP 44  A MN  152 1_555 ? ? ? ? ? ? ? 2.232 ? ? 
metalc4 metalc ? ? A ASP 45 OD1 ? ? ? 1_555 B MN  . MN ? ? A ASP 44  A MN  152 1_555 ? ? ? ? ? ? ? 2.671 ? ? 
metalc5 metalc ? ? B MN  .  MN  ? ? ? 1_555 D PO4 . O3 ? ? A MN  152 A PO4 201 1_555 ? ? ? ? ? ? ? 2.716 ? ? 
metalc6 metalc ? ? B MN  .  MN  ? ? ? 1_555 D PO4 . O1 ? ? A MN  152 A PO4 201 1_555 ? ? ? ? ? ? ? 2.740 ? ? 
metalc7 metalc ? ? B MN  .  MN  ? ? ? 1_555 D PO4 . O2 ? ? A MN  152 A PO4 201 1_555 ? ? ? ? ? ? ? 2.789 ? ? 
# 
_struct_conn_type.id          metalc 
_struct_conn_type.criteria    ? 
_struct_conn_type.reference   ? 
# 
loop_
_struct_sheet.id 
_struct_sheet.type 
_struct_sheet.number_strands 
_struct_sheet.details 
A ? 6 ? 
B ? 8 ? 
# 
loop_
_struct_sheet_order.sheet_id 
_struct_sheet_order.range_id_1 
_struct_sheet_order.range_id_2 
_struct_sheet_order.offset 
_struct_sheet_order.sense 
A 1 2 ? anti-parallel 
A 2 3 ? anti-parallel 
A 3 4 ? anti-parallel 
A 4 5 ? anti-parallel 
A 5 6 ? anti-parallel 
B 1 2 ? anti-parallel 
B 2 3 ? anti-parallel 
B 3 4 ? anti-parallel 
B 4 5 ? anti-parallel 
B 5 6 ? anti-parallel 
B 6 7 ? anti-parallel 
B 7 8 ? anti-parallel 
# 
loop_
_struct_sheet_range.sheet_id 
_struct_sheet_range.id 
_struct_sheet_range.beg_label_comp_id 
_struct_sheet_range.beg_label_asym_id 
_struct_sheet_range.beg_label_seq_id 
_struct_sheet_range.pdbx_beg_PDB_ins_code 
_struct_sheet_range.end_label_comp_id 
_struct_sheet_range.end_label_asym_id 
_struct_sheet_range.end_label_seq_id 
_struct_sheet_range.pdbx_end_PDB_ins_code 
_struct_sheet_range.beg_auth_comp_id 
_struct_sheet_range.beg_auth_asym_id 
_struct_sheet_range.beg_auth_seq_id 
_struct_sheet_range.end_auth_comp_id 
_struct_sheet_range.end_auth_asym_id 
_struct_sheet_range.end_auth_seq_id 
A 1 HIS A 79  ? PRO A 80  ? HIS A 78  PRO A 79  
A 2 VAL A 53  ? VAL A 59  ? VAL A 52  VAL A 58  
A 3 LEU A 42  ? MET A 50  ? LEU A 41  MET A 49  
A 4 ILE A 31  ? ASP A 38  ? ILE A 30  ASP A 37  
A 5 GLY A 98  ? GLU A 114 ? GLY A 97  GLU A 113 
A 6 GLY A 88  ? ILE A 90  ? GLY A 87  ILE A 89  
B 1 HIS A 79  ? PRO A 80  ? HIS A 78  PRO A 79  
B 2 VAL A 53  ? VAL A 59  ? VAL A 52  VAL A 58  
B 3 ARG A 70  ? GLU A 75  ? ARG A 69  GLU A 74  
B 4 TRP A 145 ? LYS A 149 ? TRP A 144 LYS A 148 
B 5 LYS A 128 ? ARG A 135 ? LYS A 127 ARG A 134 
B 6 GLU A 117 ? GLU A 123 ? GLU A 116 GLU A 122 
B 7 GLY A 98  ? GLU A 114 ? GLY A 97  GLU A 113 
B 8 GLY A 88  ? ILE A 90  ? GLY A 87  ILE A 89  
# 
loop_
_pdbx_struct_sheet_hbond.sheet_id 
_pdbx_struct_sheet_hbond.range_id_1 
_pdbx_struct_sheet_hbond.range_id_2 
_pdbx_struct_sheet_hbond.range_1_label_atom_id 
_pdbx_struct_sheet_hbond.range_1_label_comp_id 
_pdbx_struct_sheet_hbond.range_1_label_asym_id 
_pdbx_struct_sheet_hbond.range_1_label_seq_id 
_pdbx_struct_sheet_hbond.range_1_PDB_ins_code 
_pdbx_struct_sheet_hbond.range_1_auth_atom_id 
_pdbx_struct_sheet_hbond.range_1_auth_comp_id 
_pdbx_struct_sheet_hbond.range_1_auth_asym_id 
_pdbx_struct_sheet_hbond.range_1_auth_seq_id 
_pdbx_struct_sheet_hbond.range_2_label_atom_id 
_pdbx_struct_sheet_hbond.range_2_label_comp_id 
_pdbx_struct_sheet_hbond.range_2_label_asym_id 
_pdbx_struct_sheet_hbond.range_2_label_seq_id 
_pdbx_struct_sheet_hbond.range_2_PDB_ins_code 
_pdbx_struct_sheet_hbond.range_2_auth_atom_id 
_pdbx_struct_sheet_hbond.range_2_auth_comp_id 
_pdbx_struct_sheet_hbond.range_2_auth_asym_id 
_pdbx_struct_sheet_hbond.range_2_auth_seq_id 
A 1 2 O HIS A 79  ? O HIS A 78  N LEU A 54  ? N LEU A 53  
A 2 3 O VAL A 59  ? O VAL A 58  N TYR A 44  ? N TYR A 43  
A 3 4 O ASP A 45  ? O ASP A 44  N GLN A 35  ? N GLN A 34  
A 4 5 N ASP A 38  ? N ASP A 37  O LYS A 99  ? O LYS A 98  
A 5 6 O VAL A 100 ? O VAL A 99  N GLY A 88  ? N GLY A 87  
B 1 2 O HIS A 79  ? O HIS A 78  N LEU A 54  ? N LEU A 53  
B 2 3 N ALA A 58  ? N ALA A 57  O ILE A 74  ? O ILE A 73  
B 3 4 N ARG A 71  ? N ARG A 70  O PHE A 147 ? O PHE A 146 
B 4 5 O LEU A 146 ? O LEU A 145 N ILE A 134 ? N ILE A 133 
B 5 6 O LEU A 133 ? O LEU A 132 N ILE A 118 ? N ILE A 117 
B 6 7 O SER A 121 ? O SER A 120 N GLU A 109 ? N GLU A 108 
B 7 8 O VAL A 100 ? O VAL A 99  N GLY A 88  ? N GLY A 87  
# 
loop_
_struct_site.id 
_struct_site.pdbx_evidence_code 
_struct_site.pdbx_auth_asym_id 
_struct_site.pdbx_auth_comp_id 
_struct_site.pdbx_auth_seq_id 
_struct_site.pdbx_auth_ins_code 
_struct_site.pdbx_num_residues 
_struct_site.details 
AC1 Software A MN  152 ? 4 'BINDING SITE FOR RESIDUE MN A 152'  
AC2 Software A CL  153 ? 1 'BINDING SITE FOR RESIDUE CL A 153'  
AC3 Software A PO4 201 ? 7 'BINDING SITE FOR RESIDUE PO4 A 201' 
# 
loop_
_struct_site_gen.id 
_struct_site_gen.site_id 
_struct_site_gen.pdbx_num_res 
_struct_site_gen.label_comp_id 
_struct_site_gen.label_asym_id 
_struct_site_gen.label_seq_id 
_struct_site_gen.pdbx_auth_ins_code 
_struct_site_gen.auth_comp_id 
_struct_site_gen.auth_asym_id 
_struct_site_gen.auth_seq_id 
_struct_site_gen.label_atom_id 
_struct_site_gen.label_alt_id 
_struct_site_gen.symmetry 
_struct_site_gen.details 
1  AC1 4 HIS A 37 ? HIS A 36  . ? 1_555 ? 
2  AC1 4 HIS A 43 ? HIS A 42  . ? 1_555 ? 
3  AC1 4 ASP A 45 ? ASP A 44  . ? 1_555 ? 
4  AC1 4 PO4 D .  ? PO4 A 201 . ? 1_555 ? 
5  AC2 1 LEU A 72 ? LEU A 71  . ? 1_555 ? 
6  AC3 7 HIS A 37 ? HIS A 36  . ? 1_555 ? 
7  AC3 7 HIS A 43 ? HIS A 42  . ? 1_555 ? 
8  AC3 7 ASP A 45 ? ASP A 44  . ? 1_555 ? 
9  AC3 7 THR A 76 ? THR A 75  . ? 1_555 ? 
10 AC3 7 TYR A 95 ? TYR A 94  . ? 1_555 ? 
11 AC3 7 MN  B .  ? MN  A 152 . ? 1_555 ? 
12 AC3 7 HOH E .  ? HOH A 245 . ? 1_555 ? 
# 
_atom_sites.entry_id                    3P43 
_atom_sites.fract_transf_matrix[1][1]   -0.00272985 
_atom_sites.fract_transf_matrix[1][2]   -0.02821688 
_atom_sites.fract_transf_matrix[1][3]   0.01675335 
_atom_sites.fract_transf_matrix[2][1]   0.00136793 
_atom_sites.fract_transf_matrix[2][2]   -0.00855437 
_atom_sites.fract_transf_matrix[2][3]   -0.01418482 
_atom_sites.fract_transf_matrix[3][1]   0.01298747 
_atom_sites.fract_transf_matrix[3][2]   -0.00037763 
_atom_sites.fract_transf_matrix[3][3]   0.00148020 
_atom_sites.fract_transf_vector[1]      0.034872 
_atom_sites.fract_transf_vector[2]      -0.226170 
_atom_sites.fract_transf_vector[3]      -0.208893 
# 
loop_
_atom_type.symbol 
C  
CL 
MN 
N  
O  
P  
S  
# 
loop_
_atom_site.group_PDB 
_atom_site.id 
_atom_site.type_symbol 
_atom_site.label_atom_id 
_atom_site.label_alt_id 
_atom_site.label_comp_id 
_atom_site.label_asym_id 
_atom_site.label_entity_id 
_atom_site.label_seq_id 
_atom_site.pdbx_PDB_ins_code 
_atom_site.Cartn_x 
_atom_site.Cartn_y 
_atom_site.Cartn_z 
_atom_site.occupancy 
_atom_site.B_iso_or_equiv 
_atom_site.pdbx_formal_charge 
_atom_site.auth_seq_id 
_atom_site.auth_comp_id 
_atom_site.auth_asym_id 
_atom_site.auth_atom_id 
_atom_site.pdbx_PDB_model_num 
ATOM   1    C  CA  . ASP A 1 28  ? 13.820  -10.496 -0.144  1.00 41.27 ? 27  ASP A CA  1 
ATOM   2    C  C   . ASP A 1 28  ? 13.301  -11.483 -1.188  1.00 37.51 ? 27  ASP A C   1 
ATOM   3    O  O   . ASP A 1 28  ? 14.068  -12.266 -1.743  1.00 44.70 ? 27  ASP A O   1 
ATOM   4    C  CB  . ASP A 1 28  ? 15.343  -10.612 -0.020  1.00 43.96 ? 27  ASP A CB  1 
ATOM   5    N  N   . LYS A 1 29  ? 11.997  -11.443 -1.447  1.00 29.56 ? 28  LYS A N   1 
ATOM   6    C  CA  . LYS A 1 29  ? 11.385  -12.322 -2.439  1.00 29.98 ? 28  LYS A CA  1 
ATOM   7    C  C   . LYS A 1 29  ? 9.926   -11.947 -2.725  1.00 26.06 ? 28  LYS A C   1 
ATOM   8    O  O   . LYS A 1 29  ? 9.567   -11.721 -3.876  1.00 31.55 ? 28  LYS A O   1 
ATOM   9    C  CB  . LYS A 1 29  ? 11.528  -13.786 -2.022  1.00 32.07 ? 28  LYS A CB  1 
ATOM   10   C  CG  . LYS A 1 29  ? 11.214  -14.792 -3.111  1.00 33.95 ? 28  LYS A CG  1 
ATOM   11   C  CD  . LYS A 1 29  ? 9.808   -15.326 -2.952  1.00 30.10 ? 28  LYS A CD  1 
ATOM   12   C  CE  . LYS A 1 29  ? 9.440   -15.442 -1.475  1.00 37.55 ? 28  LYS A CE  1 
ATOM   13   N  NZ  . LYS A 1 29  ? 10.474  -16.156 -0.666  1.00 43.45 ? 28  LYS A NZ  1 
ATOM   14   N  N   . PRO A 1 30  ? 9.078   -11.870 -1.686  1.00 23.14 ? 29  PRO A N   1 
ATOM   15   C  CA  . PRO A 1 30  ? 7.769   -11.278 -1.964  1.00 22.83 ? 29  PRO A CA  1 
ATOM   16   C  C   . PRO A 1 30  ? 7.995   -9.803  -2.262  1.00 21.97 ? 29  PRO A C   1 
ATOM   17   O  O   . PRO A 1 30  ? 8.997   -9.256  -1.813  1.00 18.06 ? 29  PRO A O   1 
ATOM   18   C  CB  . PRO A 1 30  ? 7.020   -11.446 -0.644  1.00 18.05 ? 29  PRO A CB  1 
ATOM   19   C  CG  . PRO A 1 30  ? 8.066   -11.516 0.377   1.00 21.26 ? 29  PRO A CG  1 
ATOM   20   C  CD  . PRO A 1 30  ? 9.240   -12.202 -0.260  1.00 27.06 ? 29  PRO A CD  1 
ATOM   21   N  N   . ILE A 1 31  ? 7.105   -9.170  -3.012  1.00 17.92 ? 30  ILE A N   1 
ATOM   22   C  CA  . ILE A 1 31  ? 7.351   -7.790  -3.403  1.00 19.23 ? 30  ILE A CA  1 
ATOM   23   C  C   . ILE A 1 31  ? 6.301   -6.824  -2.867  1.00 15.98 ? 30  ILE A C   1 
ATOM   24   O  O   . ILE A 1 31  ? 5.196   -7.224  -2.507  1.00 16.10 ? 30  ILE A O   1 
ATOM   25   C  CB  . ILE A 1 31  ? 7.453   -7.637  -4.935  1.00 20.83 ? 30  ILE A CB  1 
ATOM   26   C  CG1 . ILE A 1 31  ? 6.079   -7.768  -5.587  1.00 19.68 ? 30  ILE A CG1 1 
ATOM   27   C  CG2 . ILE A 1 31  ? 8.453   -8.635  -5.517  1.00 22.88 ? 30  ILE A CG2 1 
ATOM   28   C  CD1 . ILE A 1 31  ? 6.117   -7.640  -7.087  1.00 30.02 ? 30  ILE A CD1 1 
ATOM   29   N  N   . PHE A 1 32  ? 6.669   -5.549  -2.803  1.00 16.63 ? 31  PHE A N   1 
ATOM   30   C  CA  . PHE A 1 32  ? 5.727   -4.502  -2.463  1.00 13.56 ? 31  PHE A CA  1 
ATOM   31   C  C   . PHE A 1 32  ? 5.799   -3.469  -3.569  1.00 17.49 ? 31  PHE A C   1 
ATOM   32   O  O   . PHE A 1 32  ? 6.842   -3.302  -4.211  1.00 14.75 ? 31  PHE A O   1 
ATOM   33   C  CB  . PHE A 1 32  ? 6.034   -3.885  -1.082  1.00 13.52 ? 31  PHE A CB  1 
ATOM   34   C  CG  . PHE A 1 32  ? 7.037   -2.749  -1.110  1.00 13.59 ? 31  PHE A CG  1 
ATOM   35   C  CD1 . PHE A 1 32  ? 6.622   -1.443  -1.319  1.00 15.78 ? 31  PHE A CD1 1 
ATOM   36   C  CD2 . PHE A 1 32  ? 8.386   -2.987  -0.895  1.00 12.98 ? 31  PHE A CD2 1 
ATOM   37   C  CE1 . PHE A 1 32  ? 7.536   -0.398  -1.345  1.00 13.66 ? 31  PHE A CE1 1 
ATOM   38   C  CE2 . PHE A 1 32  ? 9.303   -1.953  -0.911  1.00 15.05 ? 31  PHE A CE2 1 
ATOM   39   C  CZ  . PHE A 1 32  ? 8.882   -0.655  -1.137  1.00 14.79 ? 31  PHE A CZ  1 
ATOM   40   N  N   . VAL A 1 33  ? 4.681   -2.800  -3.816  1.00 14.44 ? 32  VAL A N   1 
ATOM   41   C  CA  . VAL A 1 33  ? 4.653   -1.731  -4.804  1.00 14.99 ? 32  VAL A CA  1 
ATOM   42   C  C   . VAL A 1 33  ? 3.839   -0.567  -4.264  1.00 15.09 ? 32  VAL A C   1 
ATOM   43   O  O   . VAL A 1 33  ? 2.900   -0.747  -3.485  1.00 11.45 ? 32  VAL A O   1 
ATOM   44   C  CB  . VAL A 1 33  ? 4.072   -2.197  -6.157  1.00 17.52 ? 32  VAL A CB  1 
ATOM   45   C  CG1 . VAL A 1 33  ? 2.590   -2.463  -6.033  1.00 18.94 ? 32  VAL A CG1 1 
ATOM   46   C  CG2 . VAL A 1 33  ? 4.339   -1.160  -7.249  1.00 17.60 ? 32  VAL A CG2 1 
ATOM   47   N  N   . VAL A 1 34  ? 4.238   0.634   -4.655  1.00 16.12 ? 33  VAL A N   1 
ATOM   48   C  CA  . VAL A 1 34  ? 3.467   1.823   -4.372  1.00 14.04 ? 33  VAL A CA  1 
ATOM   49   C  C   . VAL A 1 34  ? 3.173   2.496   -5.708  1.00 17.44 ? 33  VAL A C   1 
ATOM   50   O  O   . VAL A 1 34  ? 4.084   2.901   -6.429  1.00 16.45 ? 33  VAL A O   1 
ATOM   51   C  CB  . VAL A 1 34  ? 4.232   2.792   -3.464  1.00 14.55 ? 33  VAL A CB  1 
ATOM   52   C  CG1 . VAL A 1 34  ? 3.452   4.094   -3.314  1.00 18.74 ? 33  VAL A CG1 1 
ATOM   53   C  CG2 . VAL A 1 34  ? 4.503   2.163   -2.110  1.00 12.02 ? 33  VAL A CG2 1 
ATOM   54   N  N   . GLN A 1 35  ? 1.895   2.591   -6.041  1.00 14.77 ? 34  GLN A N   1 
ATOM   55   C  CA  . GLN A 1 35  ? 1.478   3.263   -7.261  1.00 15.33 ? 34  GLN A CA  1 
ATOM   56   C  C   . GLN A 1 35  ? 0.743   4.561   -6.941  1.00 18.34 ? 34  GLN A C   1 
ATOM   57   O  O   . GLN A 1 35  ? -0.253  4.565   -6.212  1.00 21.12 ? 34  GLN A O   1 
ATOM   58   C  CB  . GLN A 1 35  ? 0.596   2.335   -8.107  1.00 16.78 ? 34  GLN A CB  1 
ATOM   59   C  CG  . GLN A 1 35  ? 1.385   1.365   -8.993  1.00 17.70 ? 34  GLN A CG  1 
ATOM   60   C  CD  . GLN A 1 35  ? 0.591   0.124   -9.350  1.00 21.36 ? 34  GLN A CD  1 
ATOM   61   O  OE1 . GLN A 1 35  ? -0.276  -0.302  -8.591  1.00 22.33 ? 34  GLN A OE1 1 
ATOM   62   N  NE2 . GLN A 1 35  ? 0.894   -0.472  -10.503 1.00 18.83 ? 34  GLN A NE2 1 
ATOM   63   N  N   . ARG A 1 36  ? 1.252   5.662   -7.475  1.00 17.71 ? 35  ARG A N   1 
ATOM   64   C  CA  . ARG A 1 36  ? 0.536   6.920   -7.441  1.00 15.61 ? 35  ARG A CA  1 
ATOM   65   C  C   . ARG A 1 36  ? -0.625  6.800   -8.407  1.00 17.92 ? 35  ARG A C   1 
ATOM   66   O  O   . ARG A 1 36  ? -0.425  6.541   -9.592  1.00 16.37 ? 35  ARG A O   1 
ATOM   67   C  CB  . ARG A 1 36  ? 1.439   8.071   -7.865  1.00 16.72 ? 35  ARG A CB  1 
ATOM   68   C  CG  . ARG A 1 36  ? 0.832   9.437   -7.605  1.00 15.52 ? 35  ARG A CG  1 
ATOM   69   C  CD  . ARG A 1 36  ? 1.743   10.547  -8.080  1.00 20.78 ? 35  ARG A CD  1 
ATOM   70   N  NE  . ARG A 1 36  ? 1.749   10.667  -9.534  1.00 20.35 ? 35  ARG A NE  1 
ATOM   71   C  CZ  . ARG A 1 36  ? 2.805   11.042  -10.249 1.00 23.60 ? 35  ARG A CZ  1 
ATOM   72   N  NH1 . ARG A 1 36  ? 3.950   11.324  -9.645  1.00 25.38 ? 35  ARG A NH1 1 
ATOM   73   N  NH2 . ARG A 1 36  ? 2.721   11.128  -11.571 1.00 24.15 ? 35  ARG A NH2 1 
ATOM   74   N  N   . HIS A 1 37  ? -1.838  6.976   -7.900  1.00 18.52 ? 36  HIS A N   1 
ATOM   75   C  CA  . HIS A 1 37  ? -3.029  6.796   -8.718  1.00 17.03 ? 36  HIS A CA  1 
ATOM   76   C  C   . HIS A 1 37  ? -3.764  8.122   -8.873  1.00 20.43 ? 36  HIS A C   1 
ATOM   77   O  O   . HIS A 1 37  ? -4.307  8.652   -7.909  1.00 17.52 ? 36  HIS A O   1 
ATOM   78   C  CB  . HIS A 1 37  ? -3.940  5.739   -8.094  1.00 15.53 ? 36  HIS A CB  1 
ATOM   79   C  CG  . HIS A 1 37  ? -5.066  5.310   -8.978  1.00 21.27 ? 36  HIS A CG  1 
ATOM   80   N  ND1 . HIS A 1 37  ? -6.092  4.503   -8.537  1.00 22.77 ? 36  HIS A ND1 1 
ATOM   81   C  CD2 . HIS A 1 37  ? -5.332  5.577   -10.279 1.00 19.45 ? 36  HIS A CD2 1 
ATOM   82   C  CE1 . HIS A 1 37  ? -6.940  4.291   -9.526  1.00 22.48 ? 36  HIS A CE1 1 
ATOM   83   N  NE2 . HIS A 1 37  ? -6.501  4.930   -10.596 1.00 20.82 ? 36  HIS A NE2 1 
ATOM   84   N  N   . ASP A 1 38  ? -3.755  8.663   -10.087 1.00 17.76 ? 37  ASP A N   1 
ATOM   85   C  CA  . ASP A 1 38  ? -4.469  9.899   -10.384 1.00 19.08 ? 37  ASP A CA  1 
ATOM   86   C  C   . ASP A 1 38  ? -5.888  9.581   -10.852 1.00 19.95 ? 37  ASP A C   1 
ATOM   87   O  O   . ASP A 1 38  ? -6.125  9.380   -12.039 1.00 20.70 ? 37  ASP A O   1 
ATOM   88   C  CB  . ASP A 1 38  ? -3.723  10.691  -11.464 1.00 21.30 ? 37  ASP A CB  1 
ATOM   89   C  CG  . ASP A 1 38  ? -4.158  12.152  -11.530 1.00 27.12 ? 37  ASP A CG  1 
ATOM   90   O  OD1 . ASP A 1 38  ? -5.098  12.526  -10.799 1.00 29.18 ? 37  ASP A OD1 1 
ATOM   91   O  OD2 . ASP A 1 38  ? -3.555  12.927  -12.308 1.00 31.55 ? 37  ASP A OD2 1 
ATOM   92   N  N   . ALA A 1 39  ? -6.828  9.529   -9.917  1.00 22.48 ? 38  ALA A N   1 
ATOM   93   C  CA  . ALA A 1 39  ? -8.200  9.155   -10.242 1.00 23.21 ? 38  ALA A CA  1 
ATOM   94   C  C   . ALA A 1 39  ? -9.134  10.314  -9.926  1.00 24.66 ? 38  ALA A C   1 
ATOM   95   O  O   . ALA A 1 39  ? -8.897  11.440  -10.359 1.00 30.92 ? 38  ALA A O   1 
ATOM   96   C  CB  . ALA A 1 39  ? -8.606  7.911   -9.461  1.00 20.64 ? 38  ALA A CB  1 
ATOM   97   N  N   . ARG A 1 40  ? -10.198 10.034  -9.177  1.00 29.39 ? 39  ARG A N   1 
ATOM   98   C  CA  . ARG A 1 40  ? -11.072 11.091  -8.680  1.00 33.36 ? 39  ARG A CA  1 
ATOM   99   C  C   . ARG A 1 40  ? -10.196 12.096  -7.951  1.00 26.87 ? 39  ARG A C   1 
ATOM   100  O  O   . ARG A 1 40  ? -10.205 13.286  -8.248  1.00 32.48 ? 39  ARG A O   1 
ATOM   101  C  CB  . ARG A 1 40  ? -12.119 10.518  -7.724  1.00 37.87 ? 39  ARG A CB  1 
ATOM   102  C  CG  . ARG A 1 40  ? -13.037 9.490   -8.352  1.00 40.83 ? 39  ARG A CG  1 
ATOM   103  C  CD  . ARG A 1 40  ? -13.873 10.107  -9.461  1.00 54.84 ? 39  ARG A CD  1 
ATOM   104  N  NE  . ARG A 1 40  ? -14.926 10.975  -8.939  1.00 68.00 ? 39  ARG A NE  1 
ATOM   105  C  CZ  . ARG A 1 40  ? -15.726 11.719  -9.698  1.00 71.80 ? 39  ARG A CZ  1 
ATOM   106  N  NH1 . ARG A 1 40  ? -15.592 11.708  -11.017 1.00 73.92 ? 39  ARG A NH1 1 
ATOM   107  N  NH2 . ARG A 1 40  ? -16.659 12.477  -9.136  1.00 74.14 ? 39  ARG A NH2 1 
ATOM   108  N  N   . LYS A 1 41  ? -9.425  11.598  -6.996  1.00 24.84 ? 40  LYS A N   1 
ATOM   109  C  CA  . LYS A 1 41  ? -8.415  12.405  -6.343  1.00 23.27 ? 40  LYS A CA  1 
ATOM   110  C  C   . LYS A 1 41  ? -7.080  11.726  -6.560  1.00 25.31 ? 40  LYS A C   1 
ATOM   111  O  O   . LYS A 1 41  ? -7.023  10.541  -6.902  1.00 25.91 ? 40  LYS A O   1 
ATOM   112  C  CB  . LYS A 1 41  ? -8.689  12.488  -4.844  1.00 27.99 ? 40  LYS A CB  1 
ATOM   113  C  CG  . LYS A 1 41  ? -10.149 12.328  -4.480  1.00 34.71 ? 40  LYS A CG  1 
ATOM   114  C  CD  . LYS A 1 41  ? -10.780 13.660  -4.127  1.00 33.24 ? 40  LYS A CD  1 
ATOM   115  C  CE  . LYS A 1 41  ? -10.173 14.233  -2.856  1.00 38.03 ? 40  LYS A CE  1 
ATOM   116  N  NZ  . LYS A 1 41  ? -10.937 15.418  -2.368  1.00 45.19 ? 40  LYS A NZ  1 
ATOM   117  N  N   . LEU A 1 42  ? -6.002  12.474  -6.366  1.00 21.67 ? 41  LEU A N   1 
ATOM   118  C  CA  A LEU A 1 42  ? -4.683  11.874  -6.398  0.30 20.02 ? 41  LEU A CA  1 
ATOM   119  C  CA  B LEU A 1 42  ? -4.667  11.904  -6.392  0.70 19.99 ? 41  LEU A CA  1 
ATOM   120  C  C   . LEU A 1 42  ? -4.435  11.178  -5.069  1.00 20.42 ? 41  LEU A C   1 
ATOM   121  O  O   . LEU A 1 42  ? -4.609  11.768  -4.001  1.00 21.54 ? 41  LEU A O   1 
ATOM   122  C  CB  A LEU A 1 42  ? -3.596  12.915  -6.654  0.30 18.75 ? 41  LEU A CB  1 
ATOM   123  C  CB  B LEU A 1 42  ? -3.630  13.017  -6.582  0.70 18.58 ? 41  LEU A CB  1 
ATOM   124  C  CG  A LEU A 1 42  ? -2.219  12.265  -6.790  0.30 18.61 ? 41  LEU A CG  1 
ATOM   125  C  CG  B LEU A 1 42  ? -2.183  12.656  -6.929  0.70 18.58 ? 41  LEU A CG  1 
ATOM   126  C  CD1 A LEU A 1 42  ? -1.792  12.209  -8.253  0.30 17.95 ? 41  LEU A CD1 1 
ATOM   127  C  CD1 B LEU A 1 42  ? -1.491  11.900  -5.790  0.70 15.60 ? 41  LEU A CD1 1 
ATOM   128  C  CD2 A LEU A 1 42  ? -1.183  12.972  -5.935  0.30 17.01 ? 41  LEU A CD2 1 
ATOM   129  C  CD2 B LEU A 1 42  ? -2.130  11.869  -8.240  0.70 17.44 ? 41  LEU A CD2 1 
ATOM   130  N  N   . HIS A 1 43  ? -4.052  9.909   -5.141  1.00 16.19 ? 42  HIS A N   1 
ATOM   131  C  CA  . HIS A 1 43  ? -3.733  9.138   -3.943  1.00 20.23 ? 42  HIS A CA  1 
ATOM   132  C  C   . HIS A 1 43  ? -2.679  8.092   -4.261  1.00 16.96 ? 42  HIS A C   1 
ATOM   133  O  O   . HIS A 1 43  ? -2.227  7.980   -5.399  1.00 18.19 ? 42  HIS A O   1 
ATOM   134  C  CB  . HIS A 1 43  ? -4.982  8.470   -3.371  1.00 16.38 ? 42  HIS A CB  1 
ATOM   135  C  CG  . HIS A 1 43  ? -5.590  7.459   -4.287  1.00 19.31 ? 42  HIS A CG  1 
ATOM   136  N  ND1 . HIS A 1 43  ? -6.476  7.799   -5.285  1.00 22.71 ? 42  HIS A ND1 1 
ATOM   137  C  CD2 . HIS A 1 43  ? -5.439  6.116   -4.358  1.00 20.37 ? 42  HIS A CD2 1 
ATOM   138  C  CE1 . HIS A 1 43  ? -6.847  6.709   -5.931  1.00 20.06 ? 42  HIS A CE1 1 
ATOM   139  N  NE2 . HIS A 1 43  ? -6.235  5.675   -5.386  1.00 20.99 ? 42  HIS A NE2 1 
ATOM   140  N  N   . TYR A 1 44  ? -2.281  7.332   -3.251  1.00 16.45 ? 43  TYR A N   1 
ATOM   141  C  CA  . TYR A 1 44  ? -1.255  6.323   -3.441  1.00 14.55 ? 43  TYR A CA  1 
ATOM   142  C  C   . TYR A 1 44  ? -1.776  4.961   -3.047  1.00 16.45 ? 43  TYR A C   1 
ATOM   143  O  O   . TYR A 1 44  ? -2.335  4.778   -1.967  1.00 16.24 ? 43  TYR A O   1 
ATOM   144  C  CB  . TYR A 1 44  ? 0.007   6.677   -2.653  1.00 17.90 ? 43  TYR A CB  1 
ATOM   145  C  CG  . TYR A 1 44  ? 0.742   7.873   -3.218  1.00 19.75 ? 43  TYR A CG  1 
ATOM   146  C  CD1 . TYR A 1 44  ? 1.890   7.707   -3.982  1.00 16.60 ? 43  TYR A CD1 1 
ATOM   147  C  CD2 . TYR A 1 44  ? 0.279   9.168   -2.997  1.00 16.26 ? 43  TYR A CD2 1 
ATOM   148  C  CE1 . TYR A 1 44  ? 2.563   8.793   -4.511  1.00 17.54 ? 43  TYR A CE1 1 
ATOM   149  C  CE2 . TYR A 1 44  ? 0.949   10.267  -3.524  1.00 16.82 ? 43  TYR A CE2 1 
ATOM   150  C  CZ  . TYR A 1 44  ? 2.090   10.072  -4.279  1.00 17.70 ? 43  TYR A CZ  1 
ATOM   151  O  OH  . TYR A 1 44  ? 2.766   11.147  -4.805  1.00 18.08 ? 43  TYR A OH  1 
ATOM   152  N  N   . ASP A 1 45  ? -1.612  4.003   -3.946  1.00 16.27 ? 44  ASP A N   1 
ATOM   153  C  CA  . ASP A 1 45  ? -1.998  2.639   -3.645  1.00 18.30 ? 44  ASP A CA  1 
ATOM   154  C  C   . ASP A 1 45  ? -0.776  1.883   -3.148  1.00 16.53 ? 44  ASP A C   1 
ATOM   155  O  O   . ASP A 1 45  ? 0.249   1.811   -3.828  1.00 14.39 ? 44  ASP A O   1 
ATOM   156  C  CB  . ASP A 1 45  ? -2.628  1.973   -4.864  1.00 16.75 ? 44  ASP A CB  1 
ATOM   157  C  CG  . ASP A 1 45  ? -3.976  2.569   -5.207  1.00 20.20 ? 44  ASP A CG  1 
ATOM   158  O  OD1 . ASP A 1 45  ? -4.863  2.568   -4.331  1.00 21.87 ? 44  ASP A OD1 1 
ATOM   159  O  OD2 . ASP A 1 45  ? -4.153  3.045   -6.342  1.00 18.33 ? 44  ASP A OD2 1 
ATOM   160  N  N   . PHE A 1 46  ? -0.889  1.369   -1.928  1.00 14.80 ? 45  PHE A N   1 
ATOM   161  C  CA  . PHE A 1 46  ? 0.167   0.602   -1.294  1.00 14.66 ? 45  PHE A CA  1 
ATOM   162  C  C   . PHE A 1 46  ? -0.206  -0.883  -1.338  1.00 15.83 ? 45  PHE A C   1 
ATOM   163  O  O   . PHE A 1 46  ? -1.263  -1.272  -0.849  1.00 14.05 ? 45  PHE A O   1 
ATOM   164  C  CB  . PHE A 1 46  ? 0.357   1.071   0.154   1.00 13.89 ? 45  PHE A CB  1 
ATOM   165  C  CG  . PHE A 1 46  ? 1.370   0.277   0.912   1.00 12.66 ? 45  PHE A CG  1 
ATOM   166  C  CD1 . PHE A 1 46  ? 2.723   0.474   0.697   1.00 12.05 ? 45  PHE A CD1 1 
ATOM   167  C  CD2 . PHE A 1 46  ? 0.973   -0.673  1.832   1.00 13.31 ? 45  PHE A CD2 1 
ATOM   168  C  CE1 . PHE A 1 46  ? 3.658   -0.262  1.385   1.00 14.41 ? 45  PHE A CE1 1 
ATOM   169  C  CE2 . PHE A 1 46  ? 1.907   -1.410  2.528   1.00 15.29 ? 45  PHE A CE2 1 
ATOM   170  C  CZ  . PHE A 1 46  ? 3.252   -1.209  2.301   1.00 11.95 ? 45  PHE A CZ  1 
ATOM   171  N  N   . ARG A 1 47  ? 0.657   -1.701  -1.931  1.00 13.58 ? 46  ARG A N   1 
ATOM   172  C  CA  . ARG A 1 47  ? 0.339   -3.108  -2.160  1.00 14.83 ? 46  ARG A CA  1 
ATOM   173  C  C   . ARG A 1 47  ? 1.424   -4.044  -1.648  1.00 15.95 ? 46  ARG A C   1 
ATOM   174  O  O   . ARG A 1 47  ? 2.610   -3.827  -1.891  1.00 15.78 ? 46  ARG A O   1 
ATOM   175  C  CB  . ARG A 1 47  ? 0.132   -3.372  -3.650  1.00 15.82 ? 46  ARG A CB  1 
ATOM   176  C  CG  . ARG A 1 47  ? -0.811  -2.413  -4.346  1.00 17.55 ? 46  ARG A CG  1 
ATOM   177  C  CD  . ARG A 1 47  ? -1.045  -2.866  -5.772  1.00 17.15 ? 46  ARG A CD  1 
ATOM   178  N  NE  . ARG A 1 47  ? -1.528  -1.781  -6.605  1.00 20.91 ? 46  ARG A NE  1 
ATOM   179  C  CZ  . ARG A 1 47  ? -2.785  -1.360  -6.617  1.00 18.79 ? 46  ARG A CZ  1 
ATOM   180  N  NH1 . ARG A 1 47  ? -3.682  -1.944  -5.833  1.00 21.15 ? 46  ARG A NH1 1 
ATOM   181  N  NH2 . ARG A 1 47  ? -3.140  -0.357  -7.408  1.00 18.55 ? 46  ARG A NH2 1 
ATOM   182  N  N   . LEU A 1 48  ? 0.999   -5.100  -0.961  1.00 14.78 ? 47  LEU A N   1 
ATOM   183  C  CA  . LEU A 1 48  ? 1.908   -6.118  -0.444  1.00 15.59 ? 47  LEU A CA  1 
ATOM   184  C  C   . LEU A 1 48  ? 1.565   -7.464  -1.061  1.00 14.87 ? 47  LEU A C   1 
ATOM   185  O  O   . LEU A 1 48  ? 0.396   -7.863  -1.090  1.00 12.62 ? 47  LEU A O   1 
ATOM   186  C  CB  . LEU A 1 48  ? 1.769   -6.240  1.076   1.00 15.24 ? 47  LEU A CB  1 
ATOM   187  C  CG  . LEU A 1 48  ? 2.259   -5.100  1.960   1.00 14.08 ? 47  LEU A CG  1 
ATOM   188  C  CD1 . LEU A 1 48  ? 1.814   -5.332  3.398   1.00 14.07 ? 47  LEU A CD1 1 
ATOM   189  C  CD2 . LEU A 1 48  ? 3.774   -4.956  1.878   1.00 16.13 ? 47  LEU A CD2 1 
ATOM   190  N  N   . GLU A 1 49  ? 2.578   -8.167  -1.552  1.00 12.83 ? 48  GLU A N   1 
ATOM   191  C  CA  . GLU A 1 49  ? 2.355   -9.507  -2.076  1.00 17.38 ? 48  GLU A CA  1 
ATOM   192  C  C   . GLU A 1 49  ? 2.120   -10.471 -0.929  1.00 17.43 ? 48  GLU A C   1 
ATOM   193  O  O   . GLU A 1 49  ? 3.000   -10.681 -0.093  1.00 18.95 ? 48  GLU A O   1 
ATOM   194  C  CB  . GLU A 1 49  ? 3.529   -9.997  -2.922  1.00 17.85 ? 48  GLU A CB  1 
ATOM   195  C  CG  . GLU A 1 49  ? 3.370   -11.451 -3.359  1.00 24.69 ? 48  GLU A CG  1 
ATOM   196  C  CD  . GLU A 1 49  ? 4.538   -11.962 -4.178  1.00 26.64 ? 48  GLU A CD  1 
ATOM   197  O  OE1 . GLU A 1 49  ? 5.339   -11.131 -4.658  1.00 26.75 ? 48  GLU A OE1 1 
ATOM   198  O  OE2 . GLU A 1 49  ? 4.648   -13.196 -4.348  1.00 27.55 ? 48  GLU A OE2 1 
ATOM   199  N  N   . MET A 1 50  ? 0.914   -11.027 -0.887  1.00 18.32 ? 49  MET A N   1 
ATOM   200  C  CA  . MET A 1 50  ? 0.555   -12.073 0.055   1.00 19.98 ? 49  MET A CA  1 
ATOM   201  C  C   . MET A 1 50  ? -0.211  -13.139 -0.710  1.00 20.97 ? 49  MET A C   1 
ATOM   202  O  O   . MET A 1 50  ? -1.091  -12.818 -1.507  1.00 20.86 ? 49  MET A O   1 
ATOM   203  C  CB  . MET A 1 50  ? -0.356  -11.510 1.149   1.00 25.06 ? 49  MET A CB  1 
ATOM   204  C  CG  . MET A 1 50  ? 0.159   -10.249 1.818   1.00 27.53 ? 49  MET A CG  1 
ATOM   205  S  SD  . MET A 1 50  ? 0.842   -10.576 3.451   1.00 29.19 ? 49  MET A SD  1 
ATOM   206  C  CE  . MET A 1 50  ? 1.217   -8.924  4.005   1.00 23.64 ? 49  MET A CE  1 
ATOM   207  N  N   . ASP A 1 51  ? 0.118   -14.400 -0.466  1.00 22.28 ? 50  ASP A N   1 
ATOM   208  C  CA  . ASP A 1 51  ? -0.639  -15.513 -1.025  1.00 24.41 ? 50  ASP A CA  1 
ATOM   209  C  C   . ASP A 1 51  ? -0.871  -15.371 -2.527  1.00 21.70 ? 50  ASP A C   1 
ATOM   210  O  O   . ASP A 1 51  ? -1.957  -15.656 -3.022  1.00 19.82 ? 50  ASP A O   1 
ATOM   211  C  CB  . ASP A 1 51  ? -1.978  -15.652 -0.302  1.00 26.47 ? 50  ASP A CB  1 
ATOM   212  C  CG  . ASP A 1 51  ? -1.818  -16.111 1.141   1.00 31.13 ? 50  ASP A CG  1 
ATOM   213  O  OD1 . ASP A 1 51  ? -1.368  -17.259 1.354   1.00 29.24 ? 50  ASP A OD1 1 
ATOM   214  O  OD2 . ASP A 1 51  ? -2.146  -15.328 2.062   1.00 30.75 ? 50  ASP A OD2 1 
ATOM   215  N  N   . GLY A 1 52  ? 0.149   -14.915 -3.243  1.00 21.80 ? 51  GLY A N   1 
ATOM   216  C  CA  . GLY A 1 52  ? 0.082   -14.846 -4.693  1.00 27.43 ? 51  GLY A CA  1 
ATOM   217  C  C   . GLY A 1 52  ? -0.650  -13.649 -5.272  1.00 25.62 ? 51  GLY A C   1 
ATOM   218  O  O   . GLY A 1 52  ? -0.605  -13.428 -6.483  1.00 27.34 ? 51  GLY A O   1 
ATOM   219  N  N   . VAL A 1 53  ? -1.336  -12.882 -4.426  1.00 20.88 ? 52  VAL A N   1 
ATOM   220  C  CA  . VAL A 1 53  ? -1.963  -11.648 -4.888  1.00 22.85 ? 52  VAL A CA  1 
ATOM   221  C  C   . VAL A 1 53  ? -1.376  -10.419 -4.193  1.00 20.60 ? 52  VAL A C   1 
ATOM   222  O  O   . VAL A 1 53  ? -0.516  -10.537 -3.321  1.00 20.66 ? 52  VAL A O   1 
ATOM   223  C  CB  . VAL A 1 53  ? -3.510  -11.659 -4.726  1.00 22.16 ? 52  VAL A CB  1 
ATOM   224  C  CG1 . VAL A 1 53  ? -4.120  -12.816 -5.498  1.00 18.64 ? 52  VAL A CG1 1 
ATOM   225  C  CG2 . VAL A 1 53  ? -3.912  -11.693 -3.251  1.00 18.63 ? 52  VAL A CG2 1 
ATOM   226  N  N   . LEU A 1 54  ? -1.837  -9.242  -4.598  1.00 16.49 ? 53  LEU A N   1 
ATOM   227  C  CA  . LEU A 1 54  ? -1.388  -7.997  -4.000  1.00 15.29 ? 53  LEU A CA  1 
ATOM   228  C  C   . LEU A 1 54  ? -2.463  -7.447  -3.074  1.00 14.96 ? 53  LEU A C   1 
ATOM   229  O  O   . LEU A 1 54  ? -3.455  -6.882  -3.535  1.00 16.82 ? 53  LEU A O   1 
ATOM   230  C  CB  . LEU A 1 54  ? -1.066  -6.970  -5.088  1.00 15.59 ? 53  LEU A CB  1 
ATOM   231  C  CG  . LEU A 1 54  ? 0.159   -7.244  -5.966  1.00 18.91 ? 53  LEU A CG  1 
ATOM   232  C  CD1 . LEU A 1 54  ? 0.230   -6.260  -7.130  1.00 15.93 ? 53  LEU A CD1 1 
ATOM   233  C  CD2 . LEU A 1 54  ? 1.422   -7.182  -5.137  1.00 16.75 ? 53  LEU A CD2 1 
ATOM   234  N  N   . LYS A 1 55  ? -2.277  -7.617  -1.769  1.00 11.49 ? 54  LYS A N   1 
ATOM   235  C  CA  . LYS A 1 55  ? -3.199  -7.028  -0.801  1.00 14.34 ? 54  LYS A CA  1 
ATOM   236  C  C   . LYS A 1 55  ? -2.974  -5.523  -0.848  1.00 14.85 ? 54  LYS A C   1 
ATOM   237  O  O   . LYS A 1 55  ? -1.827  -5.069  -0.834  1.00 10.94 ? 54  LYS A O   1 
ATOM   238  C  CB  . LYS A 1 55  ? -2.940  -7.577  0.606   1.00 14.38 ? 54  LYS A CB  1 
ATOM   239  C  CG  . LYS A 1 55  ? -4.066  -7.300  1.604   1.00 15.92 ? 54  LYS A CG  1 
ATOM   240  C  CD  . LYS A 1 55  ? -3.731  -7.870  2.984   1.00 20.64 ? 54  LYS A CD  1 
ATOM   241  C  CE  . LYS A 1 55  ? -4.763  -7.462  4.027   1.00 24.92 ? 54  LYS A CE  1 
ATOM   242  N  NZ  . LYS A 1 55  ? -6.124  -7.971  3.704   1.00 22.72 ? 54  LYS A NZ  1 
ATOM   243  N  N   . SER A 1 56  ? -4.056  -4.750  -0.904  1.00 14.57 ? 55  SER A N   1 
ATOM   244  C  CA  . SER A 1 56  ? -3.941  -3.346  -1.301  1.00 14.54 ? 55  SER A CA  1 
ATOM   245  C  C   . SER A 1 56  ? -4.643  -2.348  -0.387  1.00 16.73 ? 55  SER A C   1 
ATOM   246  O  O   . SER A 1 56  ? -5.700  -2.642  0.180   1.00 16.53 ? 55  SER A O   1 
ATOM   247  C  CB  . SER A 1 56  ? -4.451  -3.165  -2.735  1.00 16.60 ? 55  SER A CB  1 
ATOM   248  O  OG  . SER A 1 56  ? -3.653  -3.891  -3.648  1.00 15.91 ? 55  SER A OG  1 
ATOM   249  N  N   . TRP A 1 57  ? -4.045  -1.163  -0.268  1.00 13.66 ? 56  TRP A N   1 
ATOM   250  C  CA  . TRP A 1 57  ? -4.616  -0.057  0.498   1.00 15.83 ? 56  TRP A CA  1 
ATOM   251  C  C   . TRP A 1 57  ? -4.489  1.237   -0.289  1.00 20.11 ? 56  TRP A C   1 
ATOM   252  O  O   . TRP A 1 57  ? -3.460  1.482   -0.921  1.00 17.84 ? 56  TRP A O   1 
ATOM   253  C  CB  . TRP A 1 57  ? -3.887  0.133   1.834   1.00 16.79 ? 56  TRP A CB  1 
ATOM   254  C  CG  . TRP A 1 57  ? -4.054  -0.977  2.841   1.00 13.46 ? 56  TRP A CG  1 
ATOM   255  C  CD1 . TRP A 1 57  ? -4.920  -1.005  3.894   1.00 14.62 ? 56  TRP A CD1 1 
ATOM   256  C  CD2 . TRP A 1 57  ? -3.309  -2.200  2.903   1.00 13.71 ? 56  TRP A CD2 1 
ATOM   257  N  NE1 . TRP A 1 57  ? -4.767  -2.173  4.605   1.00 16.96 ? 56  TRP A NE1 1 
ATOM   258  C  CE2 . TRP A 1 57  ? -3.782  -2.923  4.017   1.00 17.52 ? 56  TRP A CE2 1 
ATOM   259  C  CE3 . TRP A 1 57  ? -2.281  -2.754  2.126   1.00 13.93 ? 56  TRP A CE3 1 
ATOM   260  C  CZ2 . TRP A 1 57  ? -3.275  -4.175  4.365   1.00 15.85 ? 56  TRP A CZ2 1 
ATOM   261  C  CZ3 . TRP A 1 57  ? -1.780  -3.995  2.471   1.00 15.05 ? 56  TRP A CZ3 1 
ATOM   262  C  CH2 . TRP A 1 57  ? -2.274  -4.690  3.584   1.00 12.09 ? 56  TRP A CH2 1 
ATOM   263  N  N   . ALA A 1 58  ? -5.534  2.062   -0.246  1.00 15.68 ? 57  ALA A N   1 
ATOM   264  C  CA  . ALA A 1 58  ? -5.464  3.424   -0.762  1.00 17.05 ? 57  ALA A CA  1 
ATOM   265  C  C   . ALA A 1 58  ? -5.032  4.380   0.354   1.00 16.98 ? 57  ALA A C   1 
ATOM   266  O  O   . ALA A 1 58  ? -5.664  4.447   1.407   1.00 15.76 ? 57  ALA A O   1 
ATOM   267  C  CB  . ALA A 1 58  ? -6.807  3.845   -1.316  1.00 15.66 ? 57  ALA A CB  1 
ATOM   268  N  N   . VAL A 1 59  ? -3.941  5.100   0.120   1.00 18.45 ? 58  VAL A N   1 
ATOM   269  C  CA  . VAL A 1 59  ? -3.432  6.086   1.064   1.00 17.12 ? 58  VAL A CA  1 
ATOM   270  C  C   . VAL A 1 59  ? -3.540  7.470   0.427   1.00 16.29 ? 58  VAL A C   1 
ATOM   271  O  O   . VAL A 1 59  ? -2.905  7.730   -0.593  1.00 18.62 ? 58  VAL A O   1 
ATOM   272  C  CB  . VAL A 1 59  ? -1.953  5.803   1.409   1.00 18.89 ? 58  VAL A CB  1 
ATOM   273  C  CG1 . VAL A 1 59  ? -1.497  6.666   2.580   1.00 17.72 ? 58  VAL A CG1 1 
ATOM   274  C  CG2 . VAL A 1 59  ? -1.757  4.326   1.723   1.00 18.14 ? 58  VAL A CG2 1 
ATOM   275  N  N   . PRO A 1 60  ? -4.352  8.357   1.020   1.00 19.73 ? 59  PRO A N   1 
ATOM   276  C  CA  . PRO A 1 60  ? -4.610  9.690   0.451   1.00 20.33 ? 59  PRO A CA  1 
ATOM   277  C  C   . PRO A 1 60  ? -3.401  10.637  0.409   1.00 21.36 ? 59  PRO A C   1 
ATOM   278  O  O   . PRO A 1 60  ? -3.516  11.731  -0.134  1.00 23.88 ? 59  PRO A O   1 
ATOM   279  C  CB  . PRO A 1 60  ? -5.715  10.258  1.352   1.00 20.35 ? 59  PRO A CB  1 
ATOM   280  C  CG  . PRO A 1 60  ? -5.677  9.423   2.600   1.00 22.38 ? 59  PRO A CG  1 
ATOM   281  C  CD  . PRO A 1 60  ? -5.211  8.069   2.182   1.00 20.28 ? 59  PRO A CD  1 
ATOM   282  N  N   . LYS A 1 61  ? -2.270  10.229  0.968   1.00 23.41 ? 60  LYS A N   1 
ATOM   283  C  CA  . LYS A 1 61  ? -1.055  11.037  0.908   1.00 18.71 ? 60  LYS A CA  1 
ATOM   284  C  C   . LYS A 1 61  ? 0.125   10.116  0.630   1.00 20.85 ? 60  LYS A C   1 
ATOM   285  O  O   . LYS A 1 61  ? -0.023  8.896   0.663   1.00 17.40 ? 60  LYS A O   1 
ATOM   286  C  CB  . LYS A 1 61  ? -0.834  11.773  2.231   1.00 26.80 ? 60  LYS A CB  1 
ATOM   287  C  CG  . LYS A 1 61  ? -1.689  13.019  2.429   1.00 28.42 ? 60  LYS A CG  1 
ATOM   288  C  CD  . LYS A 1 61  ? -1.565  13.530  3.855   1.00 28.53 ? 60  LYS A CD  1 
ATOM   289  C  CE  . LYS A 1 61  ? -2.338  14.825  4.071   1.00 37.41 ? 60  LYS A CE  1 
ATOM   290  N  NZ  . LYS A 1 61  ? -1.612  16.003  3.515   1.00 44.30 ? 60  LYS A NZ  1 
ATOM   291  N  N   . GLU A 1 62  ? 1.293   10.689  0.364   1.00 20.17 ? 61  GLU A N   1 
ATOM   292  C  CA  . GLU A 1 62  ? 2.486   9.878   0.128   1.00 21.26 ? 61  GLU A CA  1 
ATOM   293  C  C   . GLU A 1 62  ? 2.769   8.996   1.336   1.00 20.64 ? 61  GLU A C   1 
ATOM   294  O  O   . GLU A 1 62  ? 2.684   9.453   2.480   1.00 18.04 ? 61  GLU A O   1 
ATOM   295  C  CB  . GLU A 1 62  ? 3.709   10.755  -0.149  1.00 18.78 ? 61  GLU A CB  1 
ATOM   296  C  CG  . GLU A 1 62  ? 3.589   11.679  -1.357  1.00 19.44 ? 61  GLU A CG  1 
ATOM   297  C  CD  . GLU A 1 62  ? 4.930   12.264  -1.776  1.00 20.13 ? 61  GLU A CD  1 
ATOM   298  O  OE1 . GLU A 1 62  ? 5.929   12.026  -1.059  1.00 21.37 ? 61  GLU A OE1 1 
ATOM   299  O  OE2 . GLU A 1 62  ? 4.993   12.955  -2.820  1.00 19.30 ? 61  GLU A OE2 1 
ATOM   300  N  N   . PRO A 1 63  ? 3.098   7.721   1.092   1.00 20.61 ? 62  PRO A N   1 
ATOM   301  C  CA  . PRO A 1 63  ? 3.517   6.866   2.205   1.00 20.16 ? 62  PRO A CA  1 
ATOM   302  C  C   . PRO A 1 63  ? 4.685   7.536   2.916   1.00 20.20 ? 62  PRO A C   1 
ATOM   303  O  O   . PRO A 1 63  ? 5.524   8.142   2.259   1.00 19.33 ? 62  PRO A O   1 
ATOM   304  C  CB  . PRO A 1 63  ? 3.966   5.579   1.508   1.00 17.21 ? 62  PRO A CB  1 
ATOM   305  C  CG  . PRO A 1 63  ? 3.151   5.546   0.248   1.00 18.41 ? 62  PRO A CG  1 
ATOM   306  C  CD  . PRO A 1 63  ? 3.045   6.988   -0.186  1.00 21.11 ? 62  PRO A CD  1 
ATOM   307  N  N   . PRO A 1 64  ? 4.729   7.449   4.250   1.00 19.42 ? 63  PRO A N   1 
ATOM   308  C  CA  . PRO A 1 64  ? 5.728   8.226   4.991   1.00 22.23 ? 63  PRO A CA  1 
ATOM   309  C  C   . PRO A 1 64  ? 7.117   7.601   4.873   1.00 20.94 ? 63  PRO A C   1 
ATOM   310  O  O   . PRO A 1 64  ? 7.273   6.401   5.093   1.00 17.34 ? 63  PRO A O   1 
ATOM   311  C  CB  . PRO A 1 64  ? 5.217   8.157   6.436   1.00 19.73 ? 63  PRO A CB  1 
ATOM   312  C  CG  . PRO A 1 64  ? 4.480   6.854   6.503   1.00 23.42 ? 63  PRO A CG  1 
ATOM   313  C  CD  . PRO A 1 64  ? 3.868   6.642   5.135   1.00 21.12 ? 63  PRO A CD  1 
ATOM   314  N  N   . LYS A 1 65  ? 8.111   8.409   4.525   1.00 22.60 ? 64  LYS A N   1 
ATOM   315  C  CA  . LYS A 1 65  ? 9.474   7.912   4.366   1.00 22.05 ? 64  LYS A CA  1 
ATOM   316  C  C   . LYS A 1 65  ? 10.212  7.834   5.698   1.00 21.00 ? 64  LYS A C   1 
ATOM   317  O  O   . LYS A 1 65  ? 11.212  7.127   5.823   1.00 22.16 ? 64  LYS A O   1 
ATOM   318  C  CB  . LYS A 1 65  ? 10.261  8.786   3.385   1.00 21.43 ? 64  LYS A CB  1 
ATOM   319  C  CG  . LYS A 1 65  ? 9.683   8.833   1.976   1.00 23.32 ? 64  LYS A CG  1 
ATOM   320  C  CD  . LYS A 1 65  ? 10.512  9.747   1.096   1.00 28.50 ? 64  LYS A CD  1 
ATOM   321  C  CE  . LYS A 1 65  ? 9.826   10.013  -0.229  1.00 31.30 ? 64  LYS A CE  1 
ATOM   322  N  NZ  . LYS A 1 65  ? 10.623  10.928  -1.096  1.00 36.16 ? 64  LYS A NZ  1 
ATOM   323  N  N   . ASP A 1 66  ? 9.715   8.569   6.687   1.00 24.19 ? 65  ASP A N   1 
ATOM   324  C  CA  . ASP A 1 66  ? 10.323  8.599   8.014   1.00 23.59 ? 65  ASP A CA  1 
ATOM   325  C  C   . ASP A 1 66  ? 9.278   8.360   9.094   1.00 21.82 ? 65  ASP A C   1 
ATOM   326  O  O   . ASP A 1 66  ? 8.108   8.684   8.913   1.00 25.18 ? 65  ASP A O   1 
ATOM   327  C  CB  . ASP A 1 66  ? 10.992  9.958   8.259   1.00 27.87 ? 65  ASP A CB  1 
ATOM   328  C  CG  . ASP A 1 66  ? 12.223  10.169  7.402   1.00 28.71 ? 65  ASP A CG  1 
ATOM   329  O  OD1 . ASP A 1 66  ? 12.888  9.170   7.050   1.00 32.58 ? 65  ASP A OD1 1 
ATOM   330  O  OD2 . ASP A 1 66  ? 12.528  11.338  7.087   1.00 36.89 ? 65  ASP A OD2 1 
ATOM   331  N  N   . ALA A 1 67  ? 9.709   7.805   10.225  1.00 22.44 ? 66  ALA A N   1 
ATOM   332  C  CA  . ALA A 1 67  ? 8.826   7.630   11.370  1.00 22.40 ? 66  ALA A CA  1 
ATOM   333  C  C   . ALA A 1 67  ? 8.301   8.985   11.833  1.00 21.45 ? 66  ALA A C   1 
ATOM   334  O  O   . ALA A 1 67  ? 8.792   10.029  11.396  1.00 22.54 ? 66  ALA A O   1 
ATOM   335  C  CB  . ALA A 1 67  ? 9.561   6.931   12.505  1.00 23.66 ? 66  ALA A CB  1 
ATOM   336  N  N   . GLY A 1 68  ? 7.300   8.962   12.710  1.00 23.55 ? 67  GLY A N   1 
ATOM   337  C  CA  . GLY A 1 68  ? 6.707   10.181  13.233  1.00 26.07 ? 67  GLY A CA  1 
ATOM   338  C  C   . GLY A 1 68  ? 5.392   10.558  12.576  1.00 29.95 ? 67  GLY A C   1 
ATOM   339  O  O   . GLY A 1 68  ? 4.534   11.179  13.200  1.00 32.92 ? 67  GLY A O   1 
ATOM   340  N  N   . THR A 1 69  ? 5.230   10.178  11.314  1.00 26.67 ? 68  THR A N   1 
ATOM   341  C  CA  . THR A 1 69  ? 4.034   10.528  10.552  1.00 23.98 ? 68  THR A CA  1 
ATOM   342  C  C   . THR A 1 69  ? 3.072   9.345   10.405  1.00 27.30 ? 68  THR A C   1 
ATOM   343  O  O   . THR A 1 69  ? 3.480   8.257   9.999   1.00 27.60 ? 68  THR A O   1 
ATOM   344  C  CB  . THR A 1 69  ? 4.412   11.022  9.144   1.00 28.39 ? 68  THR A CB  1 
ATOM   345  O  OG1 . THR A 1 69  ? 5.325   12.121  9.254   1.00 26.35 ? 68  THR A OG1 1 
ATOM   346  C  CG2 . THR A 1 69  ? 3.170   11.457  8.376   1.00 27.35 ? 68  THR A CG2 1 
ATOM   347  N  N   . ARG A 1 70  ? 1.798   9.565   10.725  1.00 22.46 ? 69  ARG A N   1 
ATOM   348  C  CA  . ARG A 1 70  ? 0.777   8.526   10.578  1.00 24.38 ? 69  ARG A CA  1 
ATOM   349  C  C   . ARG A 1 70  ? -0.110  8.835   9.381   1.00 21.37 ? 69  ARG A C   1 
ATOM   350  O  O   . ARG A 1 70  ? -0.541  9.972   9.203   1.00 20.63 ? 69  ARG A O   1 
ATOM   351  C  CB  . ARG A 1 70  ? -0.103  8.421   11.829  1.00 22.47 ? 69  ARG A CB  1 
ATOM   352  C  CG  . ARG A 1 70  ? 0.593   8.668   13.160  1.00 27.58 ? 69  ARG A CG  1 
ATOM   353  C  CD  . ARG A 1 70  ? 1.719   7.684   13.405  1.00 28.58 ? 69  ARG A CD  1 
ATOM   354  N  NE  . ARG A 1 70  ? 2.113   7.655   14.812  1.00 30.28 ? 69  ARG A NE  1 
ATOM   355  C  CZ  . ARG A 1 70  ? 3.317   7.291   15.238  1.00 31.76 ? 69  ARG A CZ  1 
ATOM   356  N  NH1 . ARG A 1 70  ? 4.246   6.939   14.364  1.00 31.06 ? 69  ARG A NH1 1 
ATOM   357  N  NH2 . ARG A 1 70  ? 3.594   7.288   16.535  1.00 38.54 ? 69  ARG A NH2 1 
ATOM   358  N  N   . ARG A 1 71  ? -0.383  7.821   8.565   1.00 18.47 ? 70  ARG A N   1 
ATOM   359  C  CA  . ARG A 1 71  ? -1.285  7.967   7.427   1.00 20.10 ? 70  ARG A CA  1 
ATOM   360  C  C   . ARG A 1 71  ? -2.526  7.095   7.564   1.00 19.41 ? 70  ARG A C   1 
ATOM   361  O  O   . ARG A 1 71  ? -2.490  6.050   8.209   1.00 21.24 ? 70  ARG A O   1 
ATOM   362  C  CB  . ARG A 1 71  ? -0.568  7.606   6.122   1.00 19.31 ? 70  ARG A CB  1 
ATOM   363  C  CG  . ARG A 1 71  ? 0.608   8.492   5.789   1.00 21.95 ? 70  ARG A CG  1 
ATOM   364  C  CD  . ARG A 1 71  ? 0.150   9.847   5.300   1.00 23.70 ? 70  ARG A CD  1 
ATOM   365  N  NE  . ARG A 1 71  ? 1.212   10.526  4.566   1.00 29.00 ? 70  ARG A NE  1 
ATOM   366  C  CZ  . ARG A 1 71  ? 1.721   11.703  4.905   1.00 26.90 ? 70  ARG A CZ  1 
ATOM   367  N  NH1 . ARG A 1 71  ? 1.253   12.345  5.966   1.00 23.67 ? 70  ARG A NH1 1 
ATOM   368  N  NH2 . ARG A 1 71  ? 2.691   12.240  4.176   1.00 33.54 ? 70  ARG A NH2 1 
ATOM   369  N  N   . LEU A 1 72  ? -3.623  7.530   6.951   1.00 18.97 ? 71  LEU A N   1 
ATOM   370  C  CA  . LEU A 1 72  ? -4.797  6.680   6.784   1.00 21.39 ? 71  LEU A CA  1 
ATOM   371  C  C   . LEU A 1 72  ? -4.567  5.727   5.614   1.00 19.71 ? 71  LEU A C   1 
ATOM   372  O  O   . LEU A 1 72  ? -4.088  6.136   4.556   1.00 21.69 ? 71  LEU A O   1 
ATOM   373  C  CB  . LEU A 1 72  ? -6.044  7.524   6.512   1.00 24.00 ? 71  LEU A CB  1 
ATOM   374  C  CG  . LEU A 1 72  ? -7.267  6.764   5.990   1.00 24.58 ? 71  LEU A CG  1 
ATOM   375  C  CD1 . LEU A 1 72  ? -7.844  5.843   7.064   1.00 21.30 ? 71  LEU A CD1 1 
ATOM   376  C  CD2 . LEU A 1 72  ? -8.335  7.721   5.465   1.00 23.58 ? 71  LEU A CD2 1 
ATOM   377  N  N   . ALA A 1 73  ? -4.894  4.456   5.805   1.00 20.86 ? 72  ALA A N   1 
ATOM   378  C  CA  . ALA A 1 73  ? -4.823  3.484   4.719   1.00 15.22 ? 72  ALA A CA  1 
ATOM   379  C  C   . ALA A 1 73  ? -6.141  2.738   4.634   1.00 15.72 ? 72  ALA A C   1 
ATOM   380  O  O   . ALA A 1 73  ? -6.569  2.117   5.603   1.00 17.81 ? 72  ALA A O   1 
ATOM   381  C  CB  . ALA A 1 73  ? -3.676  2.523   4.930   1.00 13.60 ? 72  ALA A CB  1 
ATOM   382  N  N   . ILE A 1 74  ? -6.788  2.816   3.478   1.00 14.57 ? 73  ILE A N   1 
ATOM   383  C  CA  . ILE A 1 74  ? -8.084  2.184   3.273   1.00 16.50 ? 73  ILE A CA  1 
ATOM   384  C  C   . ILE A 1 74  ? -7.935  0.919   2.442   1.00 17.69 ? 73  ILE A C   1 
ATOM   385  O  O   . ILE A 1 74  ? -7.526  0.984   1.286   1.00 18.73 ? 73  ILE A O   1 
ATOM   386  C  CB  . ILE A 1 74  ? -9.056  3.130   2.540   1.00 18.22 ? 73  ILE A CB  1 
ATOM   387  C  CG1 . ILE A 1 74  ? -9.020  4.522   3.174   1.00 19.06 ? 73  ILE A CG1 1 
ATOM   388  C  CG2 . ILE A 1 74  ? -10.473 2.558   2.549   1.00 16.88 ? 73  ILE A CG2 1 
ATOM   389  C  CD1 . ILE A 1 74  ? -9.759  5.585   2.370   1.00 23.91 ? 73  ILE A CD1 1 
ATOM   390  N  N   . GLU A 1 75  ? -8.263  -0.230  3.028   1.00 13.47 ? 74  GLU A N   1 
ATOM   391  C  CA  A GLU A 1 75  ? -8.199  -1.491  2.304   0.56 17.88 ? 74  GLU A CA  1 
ATOM   392  C  CA  B GLU A 1 75  ? -8.197  -1.491  2.302   0.44 17.91 ? 74  GLU A CA  1 
ATOM   393  C  C   . GLU A 1 75  ? -9.041  -1.437  1.032   1.00 19.90 ? 74  GLU A C   1 
ATOM   394  O  O   . GLU A 1 75  ? -10.196 -1.000  1.051   1.00 21.49 ? 74  GLU A O   1 
ATOM   395  C  CB  A GLU A 1 75  ? -8.661  -2.649  3.192   0.56 18.33 ? 74  GLU A CB  1 
ATOM   396  C  CB  B GLU A 1 75  ? -8.656  -2.653  3.186   0.44 18.47 ? 74  GLU A CB  1 
ATOM   397  C  CG  A GLU A 1 75  ? -8.754  -3.985  2.465   0.56 21.62 ? 74  GLU A CG  1 
ATOM   398  C  CG  B GLU A 1 75  ? -8.848  -3.977  2.444   0.44 21.68 ? 74  GLU A CG  1 
ATOM   399  C  CD  A GLU A 1 75  ? -9.164  -5.128  3.380   0.56 21.25 ? 74  GLU A CD  1 
ATOM   400  C  CD  B GLU A 1 75  ? -7.551  -4.745  2.238   0.44 20.09 ? 74  GLU A CD  1 
ATOM   401  O  OE1 A GLU A 1 75  ? -8.472  -5.362  4.391   0.56 19.16 ? 74  GLU A OE1 1 
ATOM   402  O  OE1 B GLU A 1 75  ? -6.476  -4.112  2.252   0.44 19.45 ? 74  GLU A OE1 1 
ATOM   403  O  OE2 A GLU A 1 75  ? -10.176 -5.798  3.082   0.56 23.57 ? 74  GLU A OE2 1 
ATOM   404  O  OE2 B GLU A 1 75  ? -7.611  -5.985  2.067   0.44 21.90 ? 74  GLU A OE2 1 
ATOM   405  N  N   . THR A 1 76  ? -8.455  -1.873  -0.072  1.00 17.84 ? 75  THR A N   1 
ATOM   406  C  CA  . THR A 1 76  ? -9.171  -1.974  -1.335  1.00 20.82 ? 75  THR A CA  1 
ATOM   407  C  C   . THR A 1 76  ? -9.148  -3.440  -1.757  1.00 21.54 ? 75  THR A C   1 
ATOM   408  O  O   . THR A 1 76  ? -8.697  -4.301  -1.004  1.00 20.60 ? 75  THR A O   1 
ATOM   409  C  CB  . THR A 1 76  ? -8.523  -1.110  -2.427  1.00 22.84 ? 75  THR A CB  1 
ATOM   410  O  OG1 . THR A 1 76  ? -7.165  -1.529  -2.623  1.00 24.21 ? 75  THR A OG1 1 
ATOM   411  C  CG2 . THR A 1 76  ? -8.545  0.365   -2.025  1.00 18.10 ? 75  THR A CG2 1 
ATOM   412  N  N   . GLU A 1 77  ? -9.630  -3.733  -2.956  1.00 26.65 ? 76  GLU A N   1 
ATOM   413  C  CA  . GLU A 1 77  ? -9.662  -5.117  -3.409  1.00 26.05 ? 76  GLU A CA  1 
ATOM   414  C  C   . GLU A 1 77  ? -8.278  -5.617  -3.812  1.00 19.89 ? 76  GLU A C   1 
ATOM   415  O  O   . GLU A 1 77  ? -7.416  -4.832  -4.184  1.00 18.19 ? 76  GLU A O   1 
ATOM   416  C  CB  . GLU A 1 77  ? -10.664 -5.287  -4.550  1.00 30.05 ? 76  GLU A CB  1 
ATOM   417  C  CG  . GLU A 1 77  ? -12.093 -5.494  -4.066  1.00 34.16 ? 76  GLU A CG  1 
ATOM   418  C  CD  . GLU A 1 77  ? -13.072 -4.521  -4.687  1.00 48.27 ? 76  GLU A CD  1 
ATOM   419  O  OE1 . GLU A 1 77  ? -12.966 -4.263  -5.905  1.00 49.52 ? 76  GLU A OE1 1 
ATOM   420  O  OE2 . GLU A 1 77  ? -13.955 -4.016  -3.957  1.00 52.11 ? 76  GLU A OE2 1 
ATOM   421  N  N   . ASP A 1 78  ? -8.072  -6.928  -3.707  1.00 22.91 ? 77  ASP A N   1 
ATOM   422  C  CA  . ASP A 1 78  ? -6.848  -7.561  -4.185  1.00 18.31 ? 77  ASP A CA  1 
ATOM   423  C  C   . ASP A 1 78  ? -6.593  -7.234  -5.652  1.00 18.00 ? 77  ASP A C   1 
ATOM   424  O  O   . ASP A 1 78  ? -7.524  -7.132  -6.452  1.00 17.32 ? 77  ASP A O   1 
ATOM   425  C  CB  . ASP A 1 78  ? -6.948  -9.079  -4.041  1.00 21.18 ? 77  ASP A CB  1 
ATOM   426  C  CG  . ASP A 1 78  ? -7.027  -9.524  -2.603  1.00 22.98 ? 77  ASP A CG  1 
ATOM   427  O  OD1 . ASP A 1 78  ? -6.799  -8.677  -1.712  1.00 22.85 ? 77  ASP A OD1 1 
ATOM   428  O  OD2 . ASP A 1 78  ? -7.321  -10.717 -2.365  1.00 27.78 ? 77  ASP A OD2 1 
ATOM   429  N  N   . HIS A 1 79  ? -5.328  -7.081  -6.012  1.00 15.62 ? 78  HIS A N   1 
ATOM   430  C  CA  . HIS A 1 79  ? -4.968  -6.941  -7.411  1.00 16.44 ? 78  HIS A CA  1 
ATOM   431  C  C   . HIS A 1 79  ? -4.104  -8.119  -7.785  1.00 18.30 ? 78  HIS A C   1 
ATOM   432  O  O   . HIS A 1 79  ? -3.434  -8.686  -6.921  1.00 19.71 ? 78  HIS A O   1 
ATOM   433  C  CB  . HIS A 1 79  ? -4.198  -5.643  -7.639  1.00 19.12 ? 78  HIS A CB  1 
ATOM   434  C  CG  . HIS A 1 79  ? -5.058  -4.422  -7.606  1.00 20.15 ? 78  HIS A CG  1 
ATOM   435  N  ND1 . HIS A 1 79  ? -5.827  -4.084  -6.513  1.00 21.78 ? 78  HIS A ND1 1 
ATOM   436  C  CD2 . HIS A 1 79  ? -5.278  -3.461  -8.532  1.00 20.71 ? 78  HIS A CD2 1 
ATOM   437  C  CE1 . HIS A 1 79  ? -6.480  -2.963  -6.766  1.00 26.42 ? 78  HIS A CE1 1 
ATOM   438  N  NE2 . HIS A 1 79  ? -6.163  -2.564  -7.984  1.00 26.36 ? 78  HIS A NE2 1 
ATOM   439  N  N   . PRO A 1 80  ? -4.111  -8.497  -9.073  1.00 19.09 ? 79  PRO A N   1 
ATOM   440  C  CA  . PRO A 1 80  ? -3.215  -9.560  -9.519  1.00 22.83 ? 79  PRO A CA  1 
ATOM   441  C  C   . PRO A 1 80  ? -1.767  -9.100  -9.400  1.00 18.90 ? 79  PRO A C   1 
ATOM   442  O  O   . PRO A 1 80  ? -1.473  -7.912  -9.512  1.00 18.71 ? 79  PRO A O   1 
ATOM   443  C  CB  . PRO A 1 80  ? -3.608  -9.760  -10.986 1.00 22.04 ? 79  PRO A CB  1 
ATOM   444  C  CG  . PRO A 1 80  ? -4.232  -8.468  -11.394 1.00 23.85 ? 79  PRO A CG  1 
ATOM   445  C  CD  . PRO A 1 80  ? -4.925  -7.952  -10.174 1.00 21.77 ? 79  PRO A CD  1 
ATOM   446  N  N   . LEU A 1 81  ? -0.877  -10.052 -9.166  1.00 18.16 ? 80  LEU A N   1 
ATOM   447  C  CA  . LEU A 1 81  ? 0.535   -9.780  -8.959  1.00 19.77 ? 80  LEU A CA  1 
ATOM   448  C  C   . LEU A 1 81  ? 1.150   -8.968  -10.099 1.00 22.86 ? 80  LEU A C   1 
ATOM   449  O  O   . LEU A 1 81  ? 1.986   -8.090  -9.869  1.00 22.72 ? 80  LEU A O   1 
ATOM   450  C  CB  . LEU A 1 81  ? 1.277   -11.105 -8.776  1.00 27.26 ? 80  LEU A CB  1 
ATOM   451  C  CG  . LEU A 1 81  ? 2.553   -11.134 -7.939  1.00 30.90 ? 80  LEU A CG  1 
ATOM   452  C  CD1 . LEU A 1 81  ? 2.473   -10.151 -6.790  1.00 28.26 ? 80  LEU A CD1 1 
ATOM   453  C  CD2 . LEU A 1 81  ? 2.780   -12.548 -7.424  1.00 33.15 ? 80  LEU A CD2 1 
ATOM   454  N  N   . ALA A 1 82  ? 0.719   -9.248  -11.325 1.00 22.81 ? 81  ALA A N   1 
ATOM   455  C  CA  . ALA A 1 82  ? 1.277   -8.592  -12.506 1.00 21.55 ? 81  ALA A CA  1 
ATOM   456  C  C   . ALA A 1 82  ? 1.030   -7.083  -12.512 1.00 26.55 ? 81  ALA A C   1 
ATOM   457  O  O   . ALA A 1 82  ? 1.662   -6.338  -13.266 1.00 24.91 ? 81  ALA A O   1 
ATOM   458  C  CB  . ALA A 1 82  ? 0.730   -9.229  -13.770 1.00 22.29 ? 81  ALA A CB  1 
ATOM   459  N  N   . TYR A 1 83  ? 0.110   -6.638  -11.665 1.00 24.01 ? 82  TYR A N   1 
ATOM   460  C  CA  . TYR A 1 83  ? -0.219  -5.226  -11.572 1.00 20.32 ? 82  TYR A CA  1 
ATOM   461  C  C   . TYR A 1 83  ? 0.928   -4.429  -10.957 1.00 20.92 ? 82  TYR A C   1 
ATOM   462  O  O   . TYR A 1 83  ? 1.003   -3.216  -11.126 1.00 18.87 ? 82  TYR A O   1 
ATOM   463  C  CB  . TYR A 1 83  ? -1.498  -5.031  -10.760 1.00 23.13 ? 82  TYR A CB  1 
ATOM   464  C  CG  . TYR A 1 83  ? -2.270  -3.786  -11.131 1.00 21.30 ? 82  TYR A CG  1 
ATOM   465  C  CD1 . TYR A 1 83  ? -2.926  -3.696  -12.349 1.00 24.19 ? 82  TYR A CD1 1 
ATOM   466  C  CD2 . TYR A 1 83  ? -2.348  -2.707  -10.264 1.00 20.56 ? 82  TYR A CD2 1 
ATOM   467  C  CE1 . TYR A 1 83  ? -3.634  -2.562  -12.696 1.00 25.52 ? 82  TYR A CE1 1 
ATOM   468  C  CE2 . TYR A 1 83  ? -3.056  -1.574  -10.597 1.00 22.94 ? 82  TYR A CE2 1 
ATOM   469  C  CZ  . TYR A 1 83  ? -3.698  -1.506  -11.815 1.00 26.10 ? 82  TYR A CZ  1 
ATOM   470  O  OH  . TYR A 1 83  ? -4.406  -0.380  -12.159 1.00 20.38 ? 82  TYR A OH  1 
ATOM   471  N  N   . ALA A 1 84  ? 1.822   -5.115  -10.249 1.00 21.50 ? 83  ALA A N   1 
ATOM   472  C  CA  . ALA A 1 84  ? 2.987   -4.464  -9.653  1.00 23.09 ? 83  ALA A CA  1 
ATOM   473  C  C   . ALA A 1 84  ? 3.888   -3.846  -10.723 1.00 24.99 ? 83  ALA A C   1 
ATOM   474  O  O   . ALA A 1 84  ? 4.748   -3.014  -10.430 1.00 26.10 ? 83  ALA A O   1 
ATOM   475  C  CB  . ALA A 1 84  ? 3.771   -5.449  -8.805  1.00 23.07 ? 83  ALA A CB  1 
ATOM   476  N  N   . ASP A 1 85  ? 3.682   -4.262  -11.964 1.00 23.72 ? 84  ASP A N   1 
ATOM   477  C  CA  . ASP A 1 85  ? 4.499   -3.800  -13.075 1.00 22.91 ? 84  ASP A CA  1 
ATOM   478  C  C   . ASP A 1 85  ? 3.788   -2.739  -13.905 1.00 21.94 ? 84  ASP A C   1 
ATOM   479  O  O   . ASP A 1 85  ? 4.363   -2.216  -14.855 1.00 20.32 ? 84  ASP A O   1 
ATOM   480  C  CB  . ASP A 1 85  ? 4.856   -4.978  -13.986 1.00 25.24 ? 84  ASP A CB  1 
ATOM   481  C  CG  . ASP A 1 85  ? 5.910   -5.882  -13.387 1.00 30.14 ? 84  ASP A CG  1 
ATOM   482  O  OD1 . ASP A 1 85  ? 6.736   -5.396  -12.584 1.00 33.21 ? 84  ASP A OD1 1 
ATOM   483  O  OD2 . ASP A 1 85  ? 5.924   -7.080  -13.737 1.00 40.53 ? 84  ASP A OD2 1 
ATOM   484  N  N   . PHE A 1 86  ? 2.537   -2.427  -13.568 1.00 17.93 ? 85  PHE A N   1 
ATOM   485  C  CA  . PHE A 1 86  ? 1.756   -1.569  -14.444 1.00 17.73 ? 85  PHE A CA  1 
ATOM   486  C  C   . PHE A 1 86  ? 1.902   -0.068  -14.213 1.00 19.94 ? 85  PHE A C   1 
ATOM   487  O  O   . PHE A 1 86  ? 1.790   0.425   -13.093 1.00 17.66 ? 85  PHE A O   1 
ATOM   488  C  CB  . PHE A 1 86  ? 0.271   -1.924  -14.470 1.00 16.31 ? 85  PHE A CB  1 
ATOM   489  C  CG  . PHE A 1 86  ? -0.502  -1.055  -15.407 1.00 16.78 ? 85  PHE A CG  1 
ATOM   490  C  CD1 . PHE A 1 86  ? -0.469  -1.298  -16.776 1.00 20.94 ? 85  PHE A CD1 1 
ATOM   491  C  CD2 . PHE A 1 86  ? -1.183  0.052   -14.944 1.00 16.00 ? 85  PHE A CD2 1 
ATOM   492  C  CE1 . PHE A 1 86  ? -1.142  -0.483  -17.656 1.00 17.34 ? 85  PHE A CE1 1 
ATOM   493  C  CE2 . PHE A 1 86  ? -1.870  0.879   -15.820 1.00 20.36 ? 85  PHE A CE2 1 
ATOM   494  C  CZ  . PHE A 1 86  ? -1.848  0.612   -17.178 1.00 18.89 ? 85  PHE A CZ  1 
ATOM   495  N  N   . GLU A 1 87  ? 2.107   0.640   -15.320 1.00 18.20 ? 86  GLU A N   1 
ATOM   496  C  CA  . GLU A 1 87  ? 2.330   2.071   -15.335 1.00 17.57 ? 86  GLU A CA  1 
ATOM   497  C  C   . GLU A 1 87  ? 1.732   2.560   -16.646 1.00 20.94 ? 86  GLU A C   1 
ATOM   498  O  O   . GLU A 1 87  ? 2.178   2.163   -17.722 1.00 19.53 ? 86  GLU A O   1 
ATOM   499  C  CB  . GLU A 1 87  ? 3.834   2.333   -15.284 1.00 20.83 ? 86  GLU A CB  1 
ATOM   500  C  CG  . GLU A 1 87  ? 4.268   3.769   -15.153 1.00 23.64 ? 86  GLU A CG  1 
ATOM   501  C  CD  . GLU A 1 87  ? 5.703   3.868   -14.655 1.00 26.44 ? 86  GLU A CD  1 
ATOM   502  O  OE1 . GLU A 1 87  ? 6.640   3.722   -15.471 1.00 30.85 ? 86  GLU A OE1 1 
ATOM   503  O  OE2 . GLU A 1 87  ? 5.895   4.070   -13.438 1.00 22.21 ? 86  GLU A OE2 1 
ATOM   504  N  N   . GLY A 1 88  ? 0.703   3.393   -16.553 1.00 19.66 ? 87  GLY A N   1 
ATOM   505  C  CA  . GLY A 1 88  ? -0.091  3.768   -17.714 1.00 20.32 ? 87  GLY A CA  1 
ATOM   506  C  C   . GLY A 1 88  ? -1.477  4.205   -17.283 1.00 18.37 ? 87  GLY A C   1 
ATOM   507  O  O   . GLY A 1 88  ? -1.686  4.543   -16.120 1.00 18.90 ? 87  GLY A O   1 
ATOM   508  N  N   . GLU A 1 89  ? -2.435  4.195   -18.202 1.00 16.96 ? 88  GLU A N   1 
ATOM   509  C  CA  . GLU A 1 89  ? -3.763  4.713   -17.884 1.00 19.99 ? 88  GLU A CA  1 
ATOM   510  C  C   . GLU A 1 89  ? -4.884  3.681   -17.987 1.00 21.57 ? 88  GLU A C   1 
ATOM   511  O  O   . GLU A 1 89  ? -5.064  3.038   -19.018 1.00 22.58 ? 88  GLU A O   1 
ATOM   512  C  CB  . GLU A 1 89  ? -4.100  5.939   -18.744 1.00 28.20 ? 88  GLU A CB  1 
ATOM   513  C  CG  . GLU A 1 89  ? -5.475  6.531   -18.444 1.00 25.39 ? 88  GLU A CG  1 
ATOM   514  C  CD  . GLU A 1 89  ? -5.699  7.891   -19.091 1.00 37.04 ? 88  GLU A CD  1 
ATOM   515  O  OE1 . GLU A 1 89  ? -5.889  7.952   -20.326 1.00 32.31 ? 88  GLU A OE1 1 
ATOM   516  O  OE2 . GLU A 1 89  ? -5.698  8.901   -18.356 1.00 39.28 ? 88  GLU A OE2 1 
ATOM   517  N  N   . ILE A 1 90  ? -5.641  3.543   -16.904 1.00 22.35 ? 89  ILE A N   1 
ATOM   518  C  CA  . ILE A 1 90  ? -6.808  2.676   -16.881 1.00 21.55 ? 89  ILE A CA  1 
ATOM   519  C  C   . ILE A 1 90  ? -8.033  3.457   -17.355 1.00 20.83 ? 89  ILE A C   1 
ATOM   520  O  O   . ILE A 1 90  ? -8.383  4.471   -16.768 1.00 23.13 ? 89  ILE A O   1 
ATOM   521  C  CB  . ILE A 1 90  ? -7.055  2.115   -15.465 1.00 21.37 ? 89  ILE A CB  1 
ATOM   522  C  CG1 . ILE A 1 90  ? -5.838  1.313   -14.984 1.00 18.73 ? 89  ILE A CG1 1 
ATOM   523  C  CG2 . ILE A 1 90  ? -8.322  1.266   -15.427 1.00 20.58 ? 89  ILE A CG2 1 
ATOM   524  C  CD1 . ILE A 1 90  ? -5.561  0.060   -15.800 1.00 18.57 ? 89  ILE A CD1 1 
ATOM   525  N  N   . PRO A 1 91  ? -8.681  2.979   -18.427 1.00 20.71 ? 90  PRO A N   1 
ATOM   526  C  CA  . PRO A 1 91  ? -9.830  3.630   -19.071 1.00 25.10 ? 90  PRO A CA  1 
ATOM   527  C  C   . PRO A 1 91  ? -11.012 3.883   -18.140 1.00 21.88 ? 90  PRO A C   1 
ATOM   528  O  O   . PRO A 1 91  ? -11.277 3.096   -17.224 1.00 23.53 ? 90  PRO A O   1 
ATOM   529  C  CB  . PRO A 1 91  ? -10.240 2.627   -20.160 1.00 24.41 ? 90  PRO A CB  1 
ATOM   530  C  CG  . PRO A 1 91  ? -9.009  1.851   -20.442 1.00 24.16 ? 90  PRO A CG  1 
ATOM   531  C  CD  . PRO A 1 91  ? -8.286  1.745   -19.129 1.00 20.18 ? 90  PRO A CD  1 
ATOM   532  N  N   . ALA A 1 92  ? -11.716 4.983   -18.396 1.00 27.64 ? 91  ALA A N   1 
ATOM   533  C  CA  . ALA A 1 92  ? -12.917 5.340   -17.651 1.00 26.63 ? 91  ALA A CA  1 
ATOM   534  C  C   . ALA A 1 92  ? -13.915 4.184   -17.623 1.00 28.24 ? 91  ALA A C   1 
ATOM   535  O  O   . ALA A 1 92  ? -14.046 3.444   -18.596 1.00 30.10 ? 91  ALA A O   1 
ATOM   536  C  CB  . ALA A 1 92  ? -13.560 6.571   -18.256 1.00 27.73 ? 91  ALA A CB  1 
ATOM   537  N  N   . GLY A 1 93  ? -14.607 4.029   -16.501 1.00 31.39 ? 92  GLY A N   1 
ATOM   538  C  CA  . GLY A 1 93  ? -15.618 2.998   -16.364 1.00 28.42 ? 92  GLY A CA  1 
ATOM   539  C  C   . GLY A 1 93  ? -15.070 1.725   -15.755 1.00 29.87 ? 92  GLY A C   1 
ATOM   540  O  O   . GLY A 1 93  ? -15.827 0.830   -15.394 1.00 31.28 ? 92  GLY A O   1 
ATOM   541  N  N   . GLU A 1 94  ? -13.748 1.645   -15.644 1.00 29.58 ? 93  GLU A N   1 
ATOM   542  C  CA  . GLU A 1 94  ? -13.099 0.493   -15.031 1.00 28.29 ? 93  GLU A CA  1 
ATOM   543  C  C   . GLU A 1 94  ? -12.846 0.730   -13.554 1.00 29.88 ? 93  GLU A C   1 
ATOM   544  O  O   . GLU A 1 94  ? -12.657 1.871   -13.122 1.00 28.01 ? 93  GLU A O   1 
ATOM   545  C  CB  . GLU A 1 94  ? -11.759 0.202   -15.708 1.00 28.13 ? 93  GLU A CB  1 
ATOM   546  C  CG  . GLU A 1 94  ? -11.873 -0.235  -17.139 1.00 26.20 ? 93  GLU A CG  1 
ATOM   547  C  CD  . GLU A 1 94  ? -12.753 -1.450  -17.286 1.00 30.73 ? 93  GLU A CD  1 
ATOM   548  O  OE1 . GLU A 1 94  ? -12.535 -2.438  -16.549 1.00 26.65 ? 93  GLU A OE1 1 
ATOM   549  O  OE2 . GLU A 1 94  ? -13.664 -1.407  -18.135 1.00 29.50 ? 93  GLU A OE2 1 
ATOM   550  N  N   . TYR A 1 95  ? -12.839 -0.354  -12.783 1.00 26.22 ? 94  TYR A N   1 
ATOM   551  C  CA  . TYR A 1 95  ? -12.306 -0.298  -11.432 1.00 31.65 ? 94  TYR A CA  1 
ATOM   552  C  C   . TYR A 1 95  ? -10.830 0.056   -11.545 1.00 31.98 ? 94  TYR A C   1 
ATOM   553  O  O   . TYR A 1 95  ? -10.073 -0.616  -12.247 1.00 30.80 ? 94  TYR A O   1 
ATOM   554  C  CB  . TYR A 1 95  ? -12.464 -1.640  -10.717 1.00 33.70 ? 94  TYR A CB  1 
ATOM   555  C  CG  . TYR A 1 95  ? -12.091 -1.590  -9.250  1.00 39.01 ? 94  TYR A CG  1 
ATOM   556  C  CD1 . TYR A 1 95  ? -13.026 -1.215  -8.291  1.00 44.28 ? 94  TYR A CD1 1 
ATOM   557  C  CD2 . TYR A 1 95  ? -10.806 -1.909  -8.821  1.00 38.95 ? 94  TYR A CD2 1 
ATOM   558  C  CE1 . TYR A 1 95  ? -12.697 -1.163  -6.946  1.00 47.78 ? 94  TYR A CE1 1 
ATOM   559  C  CE2 . TYR A 1 95  ? -10.465 -1.861  -7.475  1.00 39.34 ? 94  TYR A CE2 1 
ATOM   560  C  CZ  . TYR A 1 95  ? -11.418 -1.486  -6.540  1.00 44.74 ? 94  TYR A CZ  1 
ATOM   561  O  OH  . TYR A 1 95  ? -11.100 -1.432  -5.196  1.00 38.86 ? 94  TYR A OH  1 
ATOM   562  N  N   . GLY A 1 96  ? -10.422 1.120   -10.865 1.00 31.91 ? 95  GLY A N   1 
ATOM   563  C  CA  . GLY A 1 96  ? -9.041  1.555   -10.923 1.00 28.26 ? 95  GLY A CA  1 
ATOM   564  C  C   . GLY A 1 96  ? -8.787  2.555   -12.032 1.00 22.86 ? 95  GLY A C   1 
ATOM   565  O  O   . GLY A 1 96  ? -7.636  2.870   -12.330 1.00 22.84 ? 95  GLY A O   1 
ATOM   566  N  N   . ALA A 1 97  ? -9.859  3.054   -12.645 1.00 20.15 ? 96  ALA A N   1 
ATOM   567  C  CA  . ALA A 1 97  ? -9.739  4.061   -13.704 1.00 21.75 ? 96  ALA A CA  1 
ATOM   568  C  C   . ALA A 1 97  ? -8.831  5.207   -13.270 1.00 21.62 ? 96  ALA A C   1 
ATOM   569  O  O   . ALA A 1 97  ? -8.886  5.647   -12.122 1.00 22.46 ? 96  ALA A O   1 
ATOM   570  C  CB  . ALA A 1 97  ? -11.110 4.599   -14.097 1.00 20.62 ? 96  ALA A CB  1 
ATOM   571  N  N   . GLY A 1 98  ? -7.992  5.678   -14.191 1.00 22.44 ? 97  GLY A N   1 
ATOM   572  C  CA  . GLY A 1 98  ? -7.105  6.794   -13.917 1.00 20.36 ? 97  GLY A CA  1 
ATOM   573  C  C   . GLY A 1 98  ? -5.674  6.542   -14.351 1.00 22.50 ? 97  GLY A C   1 
ATOM   574  O  O   . GLY A 1 98  ? -5.368  5.516   -14.953 1.00 21.41 ? 97  GLY A O   1 
ATOM   575  N  N   . LYS A 1 99  ? -4.799  7.491   -14.042 1.00 20.34 ? 98  LYS A N   1 
ATOM   576  C  CA  . LYS A 1 99  ? -3.389  7.393   -14.386 1.00 19.40 ? 98  LYS A CA  1 
ATOM   577  C  C   . LYS A 1 99  ? -2.613  6.691   -13.280 1.00 18.04 ? 98  LYS A C   1 
ATOM   578  O  O   . LYS A 1 99  ? -2.753  7.026   -12.099 1.00 18.09 ? 98  LYS A O   1 
ATOM   579  C  CB  . LYS A 1 99  ? -2.814  8.788   -14.622 1.00 18.61 ? 98  LYS A CB  1 
ATOM   580  C  CG  . LYS A 1 99  ? -3.540  9.564   -15.717 1.00 27.05 ? 98  LYS A CG  1 
ATOM   581  C  CD  . LYS A 1 99  ? -3.201  11.044  -15.667 1.00 30.99 ? 98  LYS A CD  1 
ATOM   582  C  CE  . LYS A 1 99  ? -3.859  11.803  -16.809 1.00 27.80 ? 98  LYS A CE  1 
ATOM   583  N  NZ  . LYS A 1 99  ? -3.469  11.214  -18.125 1.00 31.39 ? 98  LYS A NZ  1 
ATOM   584  N  N   . VAL A 1 100 ? -1.785  5.726   -13.664 1.00 18.56 ? 99  VAL A N   1 
ATOM   585  C  CA  . VAL A 1 100 ? -1.034  4.937   -12.695 1.00 16.27 ? 99  VAL A CA  1 
ATOM   586  C  C   . VAL A 1 100 ? 0.464   5.040   -12.947 1.00 17.19 ? 99  VAL A C   1 
ATOM   587  O  O   . VAL A 1 100 ? 0.929   4.809   -14.059 1.00 13.33 ? 99  VAL A O   1 
ATOM   588  C  CB  . VAL A 1 100 ? -1.440  3.452   -12.751 1.00 17.44 ? 99  VAL A CB  1 
ATOM   589  C  CG1 . VAL A 1 100 ? -0.597  2.620   -11.775 1.00 14.83 ? 99  VAL A CG1 1 
ATOM   590  C  CG2 . VAL A 1 100 ? -2.932  3.291   -12.471 1.00 18.98 ? 99  VAL A CG2 1 
ATOM   591  N  N   . GLU A 1 101 ? 1.217   5.384   -11.906 1.00 17.13 ? 100 GLU A N   1 
ATOM   592  C  CA  . GLU A 1 101 ? 2.675   5.436   -11.999 1.00 18.44 ? 100 GLU A CA  1 
ATOM   593  C  C   . GLU A 1 101 ? 3.326   4.723   -10.822 1.00 17.24 ? 100 GLU A C   1 
ATOM   594  O  O   . GLU A 1 101 ? 2.841   4.799   -9.692  1.00 18.82 ? 100 GLU A O   1 
ATOM   595  C  CB  . GLU A 1 101 ? 3.173   6.881   -12.059 1.00 20.65 ? 100 GLU A CB  1 
ATOM   596  C  CG  . GLU A 1 101 ? 4.697   6.991   -12.090 1.00 24.77 ? 100 GLU A CG  1 
ATOM   597  C  CD  . GLU A 1 101 ? 5.179   8.405   -12.347 1.00 33.52 ? 100 GLU A CD  1 
ATOM   598  O  OE1 . GLU A 1 101 ? 5.148   9.221   -11.401 1.00 36.26 ? 100 GLU A OE1 1 
ATOM   599  O  OE2 . GLU A 1 101 ? 5.587   8.700   -13.492 1.00 32.04 ? 100 GLU A OE2 1 
ATOM   600  N  N   . ILE A 1 102 ? 4.428   4.029   -11.086 1.00 21.65 ? 101 ILE A N   1 
ATOM   601  C  CA  . ILE A 1 102 ? 5.156   3.357   -10.022 1.00 20.43 ? 101 ILE A CA  1 
ATOM   602  C  C   . ILE A 1 102 ? 5.930   4.402   -9.241  1.00 18.49 ? 101 ILE A C   1 
ATOM   603  O  O   . ILE A 1 102 ? 6.853   5.015   -9.774  1.00 17.40 ? 101 ILE A O   1 
ATOM   604  C  CB  . ILE A 1 102 ? 6.146   2.307   -10.555 1.00 19.13 ? 101 ILE A CB  1 
ATOM   605  C  CG1 . ILE A 1 102 ? 5.445   1.312   -11.479 1.00 26.62 ? 101 ILE A CG1 1 
ATOM   606  C  CG2 . ILE A 1 102 ? 6.791   1.558   -9.392  1.00 16.78 ? 101 ILE A CG2 1 
ATOM   607  C  CD1 . ILE A 1 102 ? 4.664   0.261   -10.747 1.00 22.28 ? 101 ILE A CD1 1 
ATOM   608  N  N   . TRP A 1 103 ? 5.538   4.604   -7.985  1.00 21.82 ? 102 TRP A N   1 
ATOM   609  C  CA  . TRP A 1 103 ? 6.205   5.551   -7.098  1.00 17.03 ? 102 TRP A CA  1 
ATOM   610  C  C   . TRP A 1 103 ? 7.366   4.900   -6.353  1.00 19.79 ? 102 TRP A C   1 
ATOM   611  O  O   . TRP A 1 103 ? 8.417   5.514   -6.172  1.00 17.91 ? 102 TRP A O   1 
ATOM   612  C  CB  . TRP A 1 103 ? 5.207   6.126   -6.103  1.00 16.49 ? 102 TRP A CB  1 
ATOM   613  C  CG  . TRP A 1 103 ? 5.766   7.187   -5.198  1.00 19.51 ? 102 TRP A CG  1 
ATOM   614  C  CD1 . TRP A 1 103 ? 5.957   8.504   -5.501  1.00 24.09 ? 102 TRP A CD1 1 
ATOM   615  C  CD2 . TRP A 1 103 ? 6.165   7.032   -3.826  1.00 21.89 ? 102 TRP A CD2 1 
ATOM   616  N  NE1 . TRP A 1 103 ? 6.462   9.174   -4.414  1.00 17.64 ? 102 TRP A NE1 1 
ATOM   617  C  CE2 . TRP A 1 103 ? 6.598   8.294   -3.373  1.00 22.08 ? 102 TRP A CE2 1 
ATOM   618  C  CE3 . TRP A 1 103 ? 6.208   5.948   -2.943  1.00 20.66 ? 102 TRP A CE3 1 
ATOM   619  C  CZ2 . TRP A 1 103 ? 7.068   8.499   -2.080  1.00 22.67 ? 102 TRP A CZ2 1 
ATOM   620  C  CZ3 . TRP A 1 103 ? 6.671   6.157   -1.656  1.00 21.43 ? 102 TRP A CZ3 1 
ATOM   621  C  CH2 . TRP A 1 103 ? 7.093   7.420   -1.237  1.00 23.22 ? 102 TRP A CH2 1 
ATOM   622  N  N   . ASP A 1 104 ? 7.168   3.661   -5.909  1.00 18.36 ? 103 ASP A N   1 
ATOM   623  C  CA  . ASP A 1 104 ? 8.253   2.877   -5.334  1.00 17.36 ? 103 ASP A CA  1 
ATOM   624  C  C   . ASP A 1 104 ? 7.998   1.396   -5.582  1.00 16.22 ? 103 ASP A C   1 
ATOM   625  O  O   . ASP A 1 104 ? 6.875   0.982   -5.867  1.00 14.18 ? 103 ASP A O   1 
ATOM   626  C  CB  . ASP A 1 104 ? 8.401   3.141   -3.830  1.00 16.91 ? 103 ASP A CB  1 
ATOM   627  C  CG  . ASP A 1 104 ? 9.741   2.661   -3.275  1.00 17.81 ? 103 ASP A CG  1 
ATOM   628  O  OD1 . ASP A 1 104 ? 10.670  2.403   -4.066  1.00 21.60 ? 103 ASP A OD1 1 
ATOM   629  O  OD2 . ASP A 1 104 ? 9.871   2.548   -2.042  1.00 20.10 ? 103 ASP A OD2 1 
ATOM   630  N  N   . ARG A 1 105 ? 9.048   0.598   -5.467  1.00 16.63 ? 104 ARG A N   1 
ATOM   631  C  CA  . ARG A 1 105 ? 8.938   -0.828  -5.714  1.00 15.56 ? 104 ARG A CA  1 
ATOM   632  C  C   . ARG A 1 105 ? 10.080  -1.565  -5.026  1.00 16.07 ? 104 ARG A C   1 
ATOM   633  O  O   . ARG A 1 105 ? 11.220  -1.106  -5.030  1.00 17.50 ? 104 ARG A O   1 
ATOM   634  C  CB  . ARG A 1 105 ? 8.956   -1.103  -7.221  1.00 19.76 ? 104 ARG A CB  1 
ATOM   635  C  CG  . ARG A 1 105 ? 8.617   -2.537  -7.580  1.00 20.49 ? 104 ARG A CG  1 
ATOM   636  C  CD  . ARG A 1 105 ? 9.102   -2.905  -8.966  1.00 29.33 ? 104 ARG A CD  1 
ATOM   637  N  NE  . ARG A 1 105 ? 9.069   -4.353  -9.143  1.00 41.17 ? 104 ARG A NE  1 
ATOM   638  C  CZ  . ARG A 1 105 ? 7.991   -5.029  -9.520  1.00 35.64 ? 104 ARG A CZ  1 
ATOM   639  N  NH1 . ARG A 1 105 ? 6.865   -4.379  -9.775  1.00 32.69 ? 104 ARG A NH1 1 
ATOM   640  N  NH2 . ARG A 1 105 ? 8.042   -6.349  -9.647  1.00 34.28 ? 104 ARG A NH2 1 
ATOM   641  N  N   . GLY A 1 106 ? 9.778   -2.708  -4.426  1.00 15.02 ? 105 GLY A N   1 
ATOM   642  C  CA  . GLY A 1 106 ? 10.819  -3.451  -3.755  1.00 16.41 ? 105 GLY A CA  1 
ATOM   643  C  C   . GLY A 1 106 ? 10.356  -4.803  -3.272  1.00 15.79 ? 105 GLY A C   1 
ATOM   644  O  O   . GLY A 1 106 ? 9.359   -5.344  -3.743  1.00 16.76 ? 105 GLY A O   1 
ATOM   645  N  N   . THR A 1 107 ? 11.100  -5.344  -2.319  1.00 17.71 ? 106 THR A N   1 
ATOM   646  C  CA  . THR A 1 107 ? 10.737  -6.586  -1.660  1.00 18.48 ? 106 THR A CA  1 
ATOM   647  C  C   . THR A 1 107 ? 10.553  -6.285  -0.186  1.00 18.50 ? 106 THR A C   1 
ATOM   648  O  O   . THR A 1 107 ? 10.872  -5.188  0.281   1.00 18.08 ? 106 THR A O   1 
ATOM   649  C  CB  . THR A 1 107 ? 11.838  -7.637  -1.804  1.00 16.78 ? 106 THR A CB  1 
ATOM   650  O  OG1 . THR A 1 107 ? 13.074  -7.096  -1.324  1.00 16.22 ? 106 THR A OG1 1 
ATOM   651  C  CG2 . THR A 1 107 ? 12.000  -8.052  -3.274  1.00 23.42 ? 106 THR A CG2 1 
ATOM   652  N  N   . PHE A 1 108 ? 10.034  -7.257  0.547   1.00 18.04 ? 107 PHE A N   1 
ATOM   653  C  CA  . PHE A 1 108 ? 9.819   -7.067  1.970   1.00 16.85 ? 107 PHE A CA  1 
ATOM   654  C  C   . PHE A 1 108 ? 9.878   -8.383  2.727   1.00 16.80 ? 107 PHE A C   1 
ATOM   655  O  O   . PHE A 1 108 ? 9.681   -9.452  2.147   1.00 16.97 ? 107 PHE A O   1 
ATOM   656  C  CB  . PHE A 1 108 ? 8.487   -6.357  2.223   1.00 16.21 ? 107 PHE A CB  1 
ATOM   657  C  CG  . PHE A 1 108 ? 7.280   -7.206  1.962   1.00 15.22 ? 107 PHE A CG  1 
ATOM   658  C  CD1 . PHE A 1 108 ? 6.665   -7.896  2.998   1.00 16.39 ? 107 PHE A CD1 1 
ATOM   659  C  CD2 . PHE A 1 108 ? 6.748   -7.310  0.687   1.00 16.65 ? 107 PHE A CD2 1 
ATOM   660  C  CE1 . PHE A 1 108 ? 5.545   -8.673  2.767   1.00 16.91 ? 107 PHE A CE1 1 
ATOM   661  C  CE2 . PHE A 1 108 ? 5.626   -8.087  0.450   1.00 17.94 ? 107 PHE A CE2 1 
ATOM   662  C  CZ  . PHE A 1 108 ? 5.026   -8.772  1.492   1.00 17.04 ? 107 PHE A CZ  1 
ATOM   663  N  N   . GLU A 1 109 ? 10.171  -8.287  4.021   1.00 16.89 ? 108 GLU A N   1 
ATOM   664  C  CA  . GLU A 1 109 ? 10.124  -9.424  4.926   1.00 17.68 ? 108 GLU A CA  1 
ATOM   665  C  C   . GLU A 1 109 ? 8.929   -9.213  5.839   1.00 18.59 ? 108 GLU A C   1 
ATOM   666  O  O   . GLU A 1 109 ? 8.777   -8.141  6.429   1.00 18.39 ? 108 GLU A O   1 
ATOM   667  C  CB  . GLU A 1 109 ? 11.411  -9.512  5.745   1.00 20.88 ? 108 GLU A CB  1 
ATOM   668  C  CG  . GLU A 1 109 ? 12.636  -9.918  4.933   1.00 26.34 ? 108 GLU A CG  1 
ATOM   669  C  CD  . GLU A 1 109 ? 13.948  -9.398  5.510   1.00 39.68 ? 108 GLU A CD  1 
ATOM   670  O  OE1 . GLU A 1 109 ? 13.977  -8.255  6.022   1.00 35.83 ? 108 GLU A OE1 1 
ATOM   671  O  OE2 . GLU A 1 109 ? 14.959  -10.129 5.430   1.00 42.27 ? 108 GLU A OE2 1 
ATOM   672  N  N   . LEU A 1 110 ? 8.072   -10.223 5.939   1.00 17.88 ? 109 LEU A N   1 
ATOM   673  C  CA  . LEU A 1 110 ? 6.878   -10.125 6.766   1.00 18.44 ? 109 LEU A CA  1 
ATOM   674  C  C   . LEU A 1 110 ? 7.216   -10.491 8.201   1.00 20.16 ? 109 LEU A C   1 
ATOM   675  O  O   . LEU A 1 110 ? 7.635   -11.611 8.476   1.00 24.16 ? 109 LEU A O   1 
ATOM   676  C  CB  . LEU A 1 110 ? 5.777   -11.043 6.237   1.00 18.58 ? 109 LEU A CB  1 
ATOM   677  C  CG  . LEU A 1 110 ? 4.460   -11.074 7.013   1.00 18.84 ? 109 LEU A CG  1 
ATOM   678  C  CD1 . LEU A 1 110 ? 3.702   -9.764  6.839   1.00 18.44 ? 109 LEU A CD1 1 
ATOM   679  C  CD2 . LEU A 1 110 ? 3.603   -12.256 6.573   1.00 23.07 ? 109 LEU A CD2 1 
ATOM   680  N  N   . LEU A 1 111 ? 7.033   -9.543  9.112   1.00 17.81 ? 110 LEU A N   1 
ATOM   681  C  CA  . LEU A 1 111 ? 7.421   -9.737  10.501  1.00 19.28 ? 110 LEU A CA  1 
ATOM   682  C  C   . LEU A 1 111 ? 6.270   -10.285 11.324  1.00 17.22 ? 110 LEU A C   1 
ATOM   683  O  O   . LEU A 1 111 ? 6.476   -11.070 12.243  1.00 20.40 ? 110 LEU A O   1 
ATOM   684  C  CB  . LEU A 1 111 ? 7.921   -8.425  11.110  1.00 19.00 ? 110 LEU A CB  1 
ATOM   685  C  CG  . LEU A 1 111 ? 9.074   -7.778  10.337  1.00 20.76 ? 110 LEU A CG  1 
ATOM   686  C  CD1 . LEU A 1 111 ? 9.551   -6.524  11.044  1.00 21.93 ? 110 LEU A CD1 1 
ATOM   687  C  CD2 . LEU A 1 111 ? 10.217  -8.772  10.153  1.00 24.62 ? 110 LEU A CD2 1 
ATOM   688  N  N   . LYS A 1 112 ? 5.057   -9.880  10.974  1.00 14.74 ? 111 LYS A N   1 
ATOM   689  C  CA  . LYS A 1 112 ? 3.882   -10.213 11.760  1.00 16.73 ? 111 LYS A CA  1 
ATOM   690  C  C   . LYS A 1 112 ? 2.639   -9.975  10.918  1.00 16.94 ? 111 LYS A C   1 
ATOM   691  O  O   . LYS A 1 112 ? 2.586   -9.028  10.131  1.00 14.95 ? 111 LYS A O   1 
ATOM   692  C  CB  . LYS A 1 112 ? 3.840   -9.339  13.019  1.00 16.08 ? 111 LYS A CB  1 
ATOM   693  C  CG  . LYS A 1 112 ? 2.624   -9.534  13.917  1.00 24.52 ? 111 LYS A CG  1 
ATOM   694  C  CD  . LYS A 1 112 ? 2.630   -8.510  15.053  1.00 26.76 ? 111 LYS A CD  1 
ATOM   695  C  CE  . LYS A 1 112 ? 1.370   -8.578  15.907  1.00 34.94 ? 111 LYS A CE  1 
ATOM   696  N  NZ  . LYS A 1 112 ? 1.536   -9.445  17.105  1.00 33.86 ? 111 LYS A NZ  1 
ATOM   697  N  N   . ARG A 1 113 ? 1.650   -10.844 11.065  1.00 16.05 ? 112 ARG A N   1 
ATOM   698  C  CA  . ARG A 1 113 ? 0.367   -10.629 10.410  1.00 17.20 ? 112 ARG A CA  1 
ATOM   699  C  C   . ARG A 1 113 ? -0.759  -11.251 11.198  1.00 17.74 ? 112 ARG A C   1 
ATOM   700  O  O   . ARG A 1 113 ? -0.732  -12.440 11.524  1.00 18.66 ? 112 ARG A O   1 
ATOM   701  C  CB  . ARG A 1 113 ? 0.342   -11.172 8.980   1.00 19.14 ? 112 ARG A CB  1 
ATOM   702  C  CG  . ARG A 1 113 ? -1.057  -11.133 8.381   1.00 19.90 ? 112 ARG A CG  1 
ATOM   703  C  CD  . ARG A 1 113 ? -1.062  -11.183 6.865   1.00 20.78 ? 112 ARG A CD  1 
ATOM   704  N  NE  . ARG A 1 113 ? -2.414  -10.997 6.342   1.00 22.57 ? 112 ARG A NE  1 
ATOM   705  C  CZ  . ARG A 1 113 ? -2.873  -11.550 5.223   1.00 20.70 ? 112 ARG A CZ  1 
ATOM   706  N  NH1 . ARG A 1 113 ? -2.091  -12.336 4.500   1.00 21.06 ? 112 ARG A NH1 1 
ATOM   707  N  NH2 . ARG A 1 113 ? -4.122  -11.327 4.834   1.00 20.10 ? 112 ARG A NH2 1 
ATOM   708  N  N   . GLU A 1 114 ? -1.755  -10.432 11.495  1.00 18.09 ? 113 GLU A N   1 
ATOM   709  C  CA  . GLU A 1 114 ? -2.949  -10.882 12.181  1.00 17.97 ? 113 GLU A CA  1 
ATOM   710  C  C   . GLU A 1 114 ? -4.109  -10.138 11.551  1.00 15.69 ? 113 GLU A C   1 
ATOM   711  O  O   . GLU A 1 114 ? -3.898  -9.247  10.734  1.00 20.60 ? 113 GLU A O   1 
ATOM   712  C  CB  . GLU A 1 114 ? -2.839  -10.598 13.685  1.00 20.92 ? 113 GLU A CB  1 
ATOM   713  C  CG  . GLU A 1 114 ? -1.812  -11.480 14.388  1.00 23.36 ? 113 GLU A CG  1 
ATOM   714  C  CD  . GLU A 1 114 ? -1.528  -11.060 15.824  1.00 36.06 ? 113 GLU A CD  1 
ATOM   715  O  OE1 . GLU A 1 114 ? -1.964  -9.959  16.234  1.00 37.29 ? 113 GLU A OE1 1 
ATOM   716  O  OE2 . GLU A 1 114 ? -0.853  -11.840 16.537  1.00 37.32 ? 113 GLU A OE2 1 
ATOM   717  N  N   . GLU A 1 115 ? -5.331  -10.513 11.909  1.00 17.23 ? 114 GLU A N   1 
ATOM   718  C  CA  . GLU A 1 115 ? -6.511  -9.898  11.315  1.00 16.74 ? 114 GLU A CA  1 
ATOM   719  C  C   . GLU A 1 115 ? -6.431  -8.361  11.317  1.00 17.54 ? 114 GLU A C   1 
ATOM   720  O  O   . GLU A 1 115 ? -6.722  -7.715  10.305  1.00 17.95 ? 114 GLU A O   1 
ATOM   721  C  CB  . GLU A 1 115 ? -7.778  -10.388 12.025  1.00 21.53 ? 114 GLU A CB  1 
ATOM   722  C  CG  . GLU A 1 115 ? -9.071  -9.703  11.600  1.00 25.51 ? 114 GLU A CG  1 
ATOM   723  C  CD  . GLU A 1 115 ? -9.503  -10.034 10.179  1.00 29.49 ? 114 GLU A CD  1 
ATOM   724  O  OE1 . GLU A 1 115 ? -8.792  -10.796 9.487   1.00 27.87 ? 114 GLU A OE1 1 
ATOM   725  O  OE2 . GLU A 1 115 ? -10.567 -9.526  9.755   1.00 31.86 ? 114 GLU A OE2 1 
ATOM   726  N  N   . ARG A 1 116 ? -6.013  -7.783  12.441  1.00 20.40 ? 115 ARG A N   1 
ATOM   727  C  CA  . ARG A 1 116 ? -5.997  -6.326  12.585  1.00 20.66 ? 115 ARG A CA  1 
ATOM   728  C  C   . ARG A 1 116 ? -4.613  -5.686  12.595  1.00 18.27 ? 115 ARG A C   1 
ATOM   729  O  O   . ARG A 1 116 ? -4.475  -4.517  12.959  1.00 20.76 ? 115 ARG A O   1 
ATOM   730  C  CB  . ARG A 1 116 ? -6.722  -5.904  13.864  1.00 21.53 ? 115 ARG A CB  1 
ATOM   731  C  CG  . ARG A 1 116 ? -8.235  -5.925  13.782  1.00 25.09 ? 115 ARG A CG  1 
ATOM   732  C  CD  . ARG A 1 116 ? -8.829  -5.116  14.930  1.00 24.99 ? 115 ARG A CD  1 
ATOM   733  N  NE  . ARG A 1 116 ? -8.090  -5.329  16.167  1.00 29.14 ? 115 ARG A NE  1 
ATOM   734  C  CZ  . ARG A 1 116 ? -7.223  -4.467  16.689  1.00 29.41 ? 115 ARG A CZ  1 
ATOM   735  N  NH1 . ARG A 1 116 ? -6.991  -3.305  16.093  1.00 29.51 ? 115 ARG A NH1 1 
ATOM   736  N  NH2 . ARG A 1 116 ? -6.600  -4.766  17.824  1.00 31.23 ? 115 ARG A NH2 1 
ATOM   737  N  N   . GLU A 1 117 ? -3.588  -6.429  12.206  1.00 14.34 ? 116 GLU A N   1 
ATOM   738  C  CA  . GLU A 1 117 ? -2.244  -5.884  12.286  1.00 17.60 ? 116 GLU A CA  1 
ATOM   739  C  C   . GLU A 1 117 ? -1.292  -6.548  11.313  1.00 18.91 ? 116 GLU A C   1 
ATOM   740  O  O   . GLU A 1 117 ? -1.303  -7.768  11.151  1.00 17.42 ? 116 GLU A O   1 
ATOM   741  C  CB  . GLU A 1 117 ? -1.700  -5.978  13.715  1.00 21.14 ? 116 GLU A CB  1 
ATOM   742  C  CG  . GLU A 1 117 ? -0.354  -5.284  13.905  1.00 22.56 ? 116 GLU A CG  1 
ATOM   743  C  CD  . GLU A 1 117 ? 0.149   -5.346  15.345  1.00 32.39 ? 116 GLU A CD  1 
ATOM   744  O  OE1 . GLU A 1 117 ? -0.521  -5.976  16.194  1.00 38.57 ? 116 GLU A OE1 1 
ATOM   745  O  OE2 . GLU A 1 117 ? 1.218   -4.764  15.627  1.00 33.30 ? 116 GLU A OE2 1 
ATOM   746  N  N   . ILE A 1 118 ? -0.485  -5.720  10.658  1.00 15.54 ? 117 ILE A N   1 
ATOM   747  C  CA  . ILE A 1 118 ? 0.539   -6.188  9.738   1.00 16.71 ? 117 ILE A CA  1 
ATOM   748  C  C   . ILE A 1 118 ? 1.820   -5.397  9.964   1.00 18.13 ? 117 ILE A C   1 
ATOM   749  O  O   . ILE A 1 118 ? 1.802   -4.165  10.001  1.00 18.20 ? 117 ILE A O   1 
ATOM   750  C  CB  . ILE A 1 118 ? 0.084   -6.064  8.273   1.00 17.77 ? 117 ILE A CB  1 
ATOM   751  C  CG1 . ILE A 1 118 ? -1.159  -6.930  8.042   1.00 21.55 ? 117 ILE A CG1 1 
ATOM   752  C  CG2 . ILE A 1 118 ? 1.207   -6.466  7.331   1.00 18.50 ? 117 ILE A CG2 1 
ATOM   753  C  CD1 . ILE A 1 118 ? -1.693  -6.909  6.626   1.00 17.87 ? 117 ILE A CD1 1 
ATOM   754  N  N   . VAL A 1 119 ? 2.926   -6.110  10.142  1.00 16.02 ? 118 VAL A N   1 
ATOM   755  C  CA  . VAL A 1 119 ? 4.223   -5.473  10.317  1.00 14.85 ? 118 VAL A CA  1 
ATOM   756  C  C   . VAL A 1 119 ? 5.190   -6.058  9.300   1.00 15.25 ? 118 VAL A C   1 
ATOM   757  O  O   . VAL A 1 119 ? 5.343   -7.273  9.210   1.00 19.25 ? 118 VAL A O   1 
ATOM   758  C  CB  . VAL A 1 119 ? 4.784   -5.698  11.730  1.00 17.11 ? 118 VAL A CB  1 
ATOM   759  C  CG1 . VAL A 1 119 ? 6.079   -4.899  11.923  1.00 17.67 ? 118 VAL A CG1 1 
ATOM   760  C  CG2 . VAL A 1 119 ? 3.753   -5.320  12.780  1.00 17.50 ? 118 VAL A CG2 1 
ATOM   761  N  N   . VAL A 1 120 ? 5.838   -5.193  8.532   1.00 13.59 ? 119 VAL A N   1 
ATOM   762  C  CA  . VAL A 1 120 ? 6.716   -5.640  7.455   1.00 15.66 ? 119 VAL A CA  1 
ATOM   763  C  C   . VAL A 1 120 ? 8.013   -4.837  7.403   1.00 16.82 ? 119 VAL A C   1 
ATOM   764  O  O   . VAL A 1 120 ? 8.042   -3.665  7.762   1.00 16.38 ? 119 VAL A O   1 
ATOM   765  C  CB  . VAL A 1 120 ? 6.020   -5.518  6.092   1.00 14.38 ? 119 VAL A CB  1 
ATOM   766  C  CG1 . VAL A 1 120 ? 4.804   -6.405  6.043   1.00 14.74 ? 119 VAL A CG1 1 
ATOM   767  C  CG2 . VAL A 1 120 ? 5.635   -4.063  5.827   1.00 16.61 ? 119 VAL A CG2 1 
ATOM   768  N  N   . SER A 1 121 ? 9.090   -5.475  6.961   1.00 15.66 ? 120 SER A N   1 
ATOM   769  C  CA  . SER A 1 121 ? 10.329  -4.751  6.720   1.00 16.80 ? 120 SER A CA  1 
ATOM   770  C  C   . SER A 1 121 ? 10.483  -4.513  5.221   1.00 17.90 ? 120 SER A C   1 
ATOM   771  O  O   . SER A 1 121 ? 10.654  -5.455  4.449   1.00 14.37 ? 120 SER A O   1 
ATOM   772  C  CB  . SER A 1 121 ? 11.527  -5.520  7.265   1.00 19.73 ? 120 SER A CB  1 
ATOM   773  O  OG  . SER A 1 121 ? 12.717  -4.791  7.056   1.00 23.49 ? 120 SER A OG  1 
ATOM   774  N  N   . LEU A 1 122 ? 10.407  -3.251  4.816   1.00 13.49 ? 121 LEU A N   1 
ATOM   775  C  CA  . LEU A 1 122 ? 10.435  -2.903  3.400   1.00 17.45 ? 121 LEU A CA  1 
ATOM   776  C  C   . LEU A 1 122 ? 11.842  -2.615  2.880   1.00 19.62 ? 121 LEU A C   1 
ATOM   777  O  O   . LEU A 1 122 ? 12.665  -2.015  3.572   1.00 19.28 ? 121 LEU A O   1 
ATOM   778  C  CB  . LEU A 1 122 ? 9.544   -1.687  3.134   1.00 16.53 ? 121 LEU A CB  1 
ATOM   779  C  CG  . LEU A 1 122 ? 8.081   -1.769  3.570   1.00 15.64 ? 121 LEU A CG  1 
ATOM   780  C  CD1 . LEU A 1 122 ? 7.346   -0.528  3.103   1.00 13.27 ? 121 LEU A CD1 1 
ATOM   781  C  CD2 . LEU A 1 122 ? 7.426   -3.006  3.013   1.00 13.53 ? 121 LEU A CD2 1 
ATOM   782  N  N   . GLU A 1 123 ? 12.102  -3.033  1.646   1.00 21.02 ? 122 GLU A N   1 
ATOM   783  C  CA  . GLU A 1 123 ? 13.373  -2.741  0.996   1.00 22.05 ? 122 GLU A CA  1 
ATOM   784  C  C   . GLU A 1 123 ? 13.138  -2.074  -0.355  1.00 19.47 ? 122 GLU A C   1 
ATOM   785  O  O   . GLU A 1 123 ? 13.255  -2.710  -1.399  1.00 20.36 ? 122 GLU A O   1 
ATOM   786  C  CB  . GLU A 1 123 ? 14.197  -4.021  0.830   1.00 25.48 ? 122 GLU A CB  1 
ATOM   787  C  CG  . GLU A 1 123 ? 15.593  -3.794  0.275   1.00 22.04 ? 122 GLU A CG  1 
ATOM   788  C  CD  . GLU A 1 123 ? 16.371  -2.760  1.070   1.00 34.67 ? 122 GLU A CD  1 
ATOM   789  O  OE1 . GLU A 1 123 ? 16.697  -3.031  2.248   1.00 40.42 ? 122 GLU A OE1 1 
ATOM   790  O  OE2 . GLU A 1 123 ? 16.655  -1.674  0.514   1.00 35.83 ? 122 GLU A OE2 1 
ATOM   791  N  N   . GLY A 1 124 ? 12.790  -0.791  -0.325  1.00 18.72 ? 123 GLY A N   1 
ATOM   792  C  CA  . GLY A 1 124 ? 12.554  -0.029  -1.538  1.00 22.10 ? 123 GLY A CA  1 
ATOM   793  C  C   . GLY A 1 124 ? 13.524  1.131   -1.669  1.00 24.10 ? 123 GLY A C   1 
ATOM   794  O  O   . GLY A 1 124 ? 14.516  1.208   -0.940  1.00 23.42 ? 123 GLY A O   1 
ATOM   795  N  N   . LYS A 1 125 ? 13.239  2.035   -2.602  1.00 21.95 ? 124 LYS A N   1 
ATOM   796  C  CA  . LYS A 1 125 ? 14.100  3.187   -2.846  1.00 23.39 ? 124 LYS A CA  1 
ATOM   797  C  C   . LYS A 1 125 ? 13.614  4.402   -2.066  1.00 23.33 ? 124 LYS A C   1 
ATOM   798  O  O   . LYS A 1 125 ? 14.393  5.289   -1.732  1.00 28.92 ? 124 LYS A O   1 
ATOM   799  C  CB  . LYS A 1 125 ? 14.137  3.525   -4.337  1.00 25.42 ? 124 LYS A CB  1 
ATOM   800  C  CG  . LYS A 1 125 ? 14.753  2.451   -5.207  1.00 28.35 ? 124 LYS A CG  1 
ATOM   801  C  CD  . LYS A 1 125 ? 14.890  2.945   -6.633  1.00 35.21 ? 124 LYS A CD  1 
ATOM   802  C  CE  . LYS A 1 125 ? 15.651  1.955   -7.500  1.00 39.64 ? 124 LYS A CE  1 
ATOM   803  N  NZ  . LYS A 1 125 ? 15.801  2.464   -8.893  1.00 44.58 ? 124 LYS A NZ  1 
ATOM   804  N  N   . GLU A 1 126 ? 12.315  4.445   -1.802  1.00 23.93 ? 125 GLU A N   1 
ATOM   805  C  CA  . GLU A 1 126 ? 11.735  5.505   -0.991  1.00 23.01 ? 125 GLU A CA  1 
ATOM   806  C  C   . GLU A 1 126 ? 11.467  4.969   0.403   1.00 21.78 ? 125 GLU A C   1 
ATOM   807  O  O   . GLU A 1 126 ? 11.804  5.599   1.403   1.00 23.11 ? 125 GLU A O   1 
ATOM   808  C  CB  . GLU A 1 126 ? 10.429  5.996   -1.612  1.00 22.03 ? 125 GLU A CB  1 
ATOM   809  C  CG  . GLU A 1 126 ? 10.547  6.409   -3.066  1.00 23.54 ? 125 GLU A CG  1 
ATOM   810  C  CD  . GLU A 1 126 ? 11.408  7.648   -3.261  1.00 27.99 ? 125 GLU A CD  1 
ATOM   811  O  OE1 . GLU A 1 126 ? 12.241  7.953   -2.381  1.00 34.87 ? 125 GLU A OE1 1 
ATOM   812  O  OE2 . GLU A 1 126 ? 11.250  8.319   -4.300  1.00 37.09 ? 125 GLU A OE2 1 
ATOM   813  N  N   . LEU A 1 127 ? 10.864  3.789   0.454   1.00 21.16 ? 126 LEU A N   1 
ATOM   814  C  CA  . LEU A 1 127 ? 10.480  3.186   1.716   1.00 17.38 ? 126 LEU A CA  1 
ATOM   815  C  C   . LEU A 1 127 ? 11.467  2.100   2.111   1.00 18.95 ? 126 LEU A C   1 
ATOM   816  O  O   . LEU A 1 127 ? 11.607  1.084   1.421   1.00 19.61 ? 126 LEU A O   1 
ATOM   817  C  CB  . LEU A 1 127 ? 9.067   2.601   1.616   1.00 15.56 ? 126 LEU A CB  1 
ATOM   818  C  CG  . LEU A 1 127 ? 7.979   3.487   1.007   1.00 16.19 ? 126 LEU A CG  1 
ATOM   819  C  CD1 . LEU A 1 127 ? 6.622   2.832   1.191   1.00 12.07 ? 126 LEU A CD1 1 
ATOM   820  C  CD2 . LEU A 1 127 ? 7.993   4.880   1.632   1.00 17.86 ? 126 LEU A CD2 1 
ATOM   821  N  N   . LYS A 1 128 ? 12.153  2.322   3.226   1.00 16.38 ? 127 LYS A N   1 
ATOM   822  C  CA  . LYS A 1 128 ? 13.030  1.313   3.798   1.00 20.82 ? 127 LYS A CA  1 
ATOM   823  C  C   . LYS A 1 128 ? 12.755  1.153   5.287   1.00 19.43 ? 127 LYS A C   1 
ATOM   824  O  O   . LYS A 1 128 ? 12.465  2.124   5.980   1.00 25.27 ? 127 LYS A O   1 
ATOM   825  C  CB  . LYS A 1 128 ? 14.494  1.692   3.593   1.00 21.62 ? 127 LYS A CB  1 
ATOM   826  C  CG  . LYS A 1 128 ? 14.889  1.934   2.160   1.00 23.10 ? 127 LYS A CG  1 
ATOM   827  C  CD  . LYS A 1 128 ? 16.317  2.444   2.083   1.00 27.58 ? 127 LYS A CD  1 
ATOM   828  C  CE  . LYS A 1 128 ? 16.741  2.698   0.644   1.00 25.51 ? 127 LYS A CE  1 
ATOM   829  N  NZ  . LYS A 1 128 ? 15.845  3.692   -0.003  1.00 30.54 ? 127 LYS A NZ  1 
ATOM   830  N  N   . GLY A 1 129 ? 12.857  -0.076  5.776   1.00 17.47 ? 128 GLY A N   1 
ATOM   831  C  CA  . GLY A 1 129 ? 12.716  -0.334  7.194   1.00 19.88 ? 128 GLY A CA  1 
ATOM   832  C  C   . GLY A 1 129 ? 11.333  -0.812  7.583   1.00 19.50 ? 128 GLY A C   1 
ATOM   833  O  O   . GLY A 1 129 ? 10.507  -1.137  6.727   1.00 13.12 ? 128 GLY A O   1 
ATOM   834  N  N   . ILE A 1 130 ? 11.072  -0.837  8.884   1.00 17.70 ? 129 ILE A N   1 
ATOM   835  C  CA  . ILE A 1 130 ? 9.855   -1.454  9.384   1.00 17.43 ? 129 ILE A CA  1 
ATOM   836  C  C   . ILE A 1 130 ? 8.652   -0.526  9.308   1.00 18.46 ? 129 ILE A C   1 
ATOM   837  O  O   . ILE A 1 130 ? 8.695   0.609   9.772   1.00 19.11 ? 129 ILE A O   1 
ATOM   838  C  CB  . ILE A 1 130 ? 10.037  -1.991  10.816  1.00 21.55 ? 129 ILE A CB  1 
ATOM   839  C  CG1 . ILE A 1 130 ? 11.291  -2.870  10.892  1.00 21.46 ? 129 ILE A CG1 1 
ATOM   840  C  CG2 . ILE A 1 130 ? 8.805   -2.780  11.248  1.00 16.43 ? 129 ILE A CG2 1 
ATOM   841  C  CD1 . ILE A 1 130 ? 11.672  -3.265  12.303  1.00 24.78 ? 129 ILE A CD1 1 
ATOM   842  N  N   . TYR A 1 131 ? 7.583   -1.031  8.704   1.00 17.18 ? 130 TYR A N   1 
ATOM   843  C  CA  . TYR A 1 131 ? 6.332   -0.303  8.564   1.00 15.35 ? 130 TYR A CA  1 
ATOM   844  C  C   . TYR A 1 131 ? 5.206   -1.090  9.216   1.00 15.69 ? 130 TYR A C   1 
ATOM   845  O  O   . TYR A 1 131 ? 5.246   -2.318  9.248   1.00 16.90 ? 130 TYR A O   1 
ATOM   846  C  CB  . TYR A 1 131 ? 6.028   -0.057  7.085   1.00 15.63 ? 130 TYR A CB  1 
ATOM   847  C  CG  . TYR A 1 131 ? 6.826   1.080   6.510   1.00 15.44 ? 130 TYR A CG  1 
ATOM   848  C  CD1 . TYR A 1 131 ? 6.223   2.291   6.211   1.00 12.43 ? 130 TYR A CD1 1 
ATOM   849  C  CD2 . TYR A 1 131 ? 8.195   0.953   6.289   1.00 18.27 ? 130 TYR A CD2 1 
ATOM   850  C  CE1 . TYR A 1 131 ? 6.954   3.343   5.697   1.00 17.36 ? 130 TYR A CE1 1 
ATOM   851  C  CE2 . TYR A 1 131 ? 8.936   2.000   5.770   1.00 15.65 ? 130 TYR A CE2 1 
ATOM   852  C  CZ  . TYR A 1 131 ? 8.311   3.195   5.483   1.00 15.54 ? 130 TYR A CZ  1 
ATOM   853  O  OH  . TYR A 1 131 ? 9.031   4.247   4.971   1.00 18.96 ? 130 TYR A OH  1 
ATOM   854  N  N   . VAL A 1 132 ? 4.208   -0.379  9.735   1.00 15.52 ? 131 VAL A N   1 
ATOM   855  C  CA  . VAL A 1 132 ? 3.123   -1.006  10.483  1.00 16.82 ? 131 VAL A CA  1 
ATOM   856  C  C   . VAL A 1 132 ? 1.756   -0.586  9.948   1.00 14.89 ? 131 VAL A C   1 
ATOM   857  O  O   . VAL A 1 132 ? 1.520   0.589   9.663   1.00 14.94 ? 131 VAL A O   1 
ATOM   858  C  CB  . VAL A 1 132 ? 3.211   -0.664  12.003  1.00 20.54 ? 131 VAL A CB  1 
ATOM   859  C  CG1 . VAL A 1 132 ? 2.155   -1.430  12.807  1.00 18.67 ? 131 VAL A CG1 1 
ATOM   860  C  CG2 . VAL A 1 132 ? 4.602   -0.972  12.543  1.00 17.34 ? 131 VAL A CG2 1 
ATOM   861  N  N   . LEU A 1 133 ? 0.869   -1.564  9.794   1.00 15.58 ? 132 LEU A N   1 
ATOM   862  C  CA  . LEU A 1 133 ? -0.534  -1.309  9.486   1.00 15.55 ? 132 LEU A CA  1 
ATOM   863  C  C   . LEU A 1 133 ? -1.405  -1.864  10.612  1.00 18.52 ? 132 LEU A C   1 
ATOM   864  O  O   . LEU A 1 133 ? -1.345  -3.058  10.916  1.00 17.71 ? 132 LEU A O   1 
ATOM   865  C  CB  . LEU A 1 133 ? -0.922  -1.956  8.156   1.00 16.46 ? 132 LEU A CB  1 
ATOM   866  C  CG  . LEU A 1 133 ? -0.332  -1.312  6.893   1.00 15.81 ? 132 LEU A CG  1 
ATOM   867  C  CD1 . LEU A 1 133 ? -0.382  -2.271  5.722   1.00 21.19 ? 132 LEU A CD1 1 
ATOM   868  C  CD2 . LEU A 1 133 ? -1.055  -0.023  6.560   1.00 16.10 ? 132 LEU A CD2 1 
ATOM   869  N  N   . ILE A 1 134 ? -2.201  -0.998  11.236  1.00 15.82 ? 133 ILE A N   1 
ATOM   870  C  CA  . ILE A 1 134 ? -3.091  -1.415  12.321  1.00 17.51 ? 133 ILE A CA  1 
ATOM   871  C  C   . ILE A 1 134 ? -4.522  -1.027  11.998  1.00 16.74 ? 133 ILE A C   1 
ATOM   872  O  O   . ILE A 1 134 ? -4.815  0.147   11.789  1.00 18.94 ? 133 ILE A O   1 
ATOM   873  C  CB  . ILE A 1 134 ? -2.703  -0.762  13.665  1.00 19.99 ? 133 ILE A CB  1 
ATOM   874  C  CG1 . ILE A 1 134 ? -1.226  -1.003  13.978  1.00 21.98 ? 133 ILE A CG1 1 
ATOM   875  C  CG2 . ILE A 1 134 ? -3.570  -1.296  14.799  1.00 17.34 ? 133 ILE A CG2 1 
ATOM   876  C  CD1 . ILE A 1 134 ? -0.802  -0.443  15.317  1.00 18.98 ? 133 ILE A CD1 1 
ATOM   877  N  N   . ARG A 1 135 ? -5.416  -2.008  11.955  1.00 16.39 ? 134 ARG A N   1 
ATOM   878  C  CA  . ARG A 1 135 ? -6.799  -1.724  11.599  1.00 17.46 ? 134 ARG A CA  1 
ATOM   879  C  C   . ARG A 1 135 ? -7.549  -1.212  12.815  1.00 19.72 ? 134 ARG A C   1 
ATOM   880  O  O   . ARG A 1 135 ? -7.650  -1.909  13.821  1.00 20.46 ? 134 ARG A O   1 
ATOM   881  C  CB  . ARG A 1 135 ? -7.501  -2.958  11.031  1.00 17.22 ? 134 ARG A CB  1 
ATOM   882  C  CG  . ARG A 1 135 ? -8.869  -2.636  10.433  1.00 20.36 ? 134 ARG A CG  1 
ATOM   883  C  CD  . ARG A 1 135 ? -9.539  -3.873  9.854   1.00 22.22 ? 134 ARG A CD  1 
ATOM   884  N  NE  . ARG A 1 135 ? -10.059 -4.752  10.897  1.00 18.55 ? 134 ARG A NE  1 
ATOM   885  C  CZ  . ARG A 1 135 ? -10.532 -5.973  10.671  1.00 22.05 ? 134 ARG A CZ  1 
ATOM   886  N  NH1 . ARG A 1 135 ? -10.535 -6.464  9.440   1.00 25.93 ? 134 ARG A NH1 1 
ATOM   887  N  NH2 . ARG A 1 135 ? -10.990 -6.711  11.679  1.00 27.53 ? 134 ARG A NH2 1 
ATOM   888  N  N   . THR A 1 136 ? -8.061  0.011   12.721  1.00 19.16 ? 135 THR A N   1 
ATOM   889  C  CA  . THR A 1 136 ? -8.817  0.603   13.815  1.00 18.44 ? 135 THR A CA  1 
ATOM   890  C  C   . THR A 1 136 ? -9.995  -0.292  14.210  1.00 19.58 ? 135 THR A C   1 
ATOM   891  O  O   . THR A 1 136 ? -10.607 -0.935  13.355  1.00 19.66 ? 135 THR A O   1 
ATOM   892  C  CB  . THR A 1 136 ? -9.334  2.012   13.451  1.00 17.74 ? 135 THR A CB  1 
ATOM   893  O  OG1 . THR A 1 136 ? -9.979  2.592   14.594  1.00 19.39 ? 135 THR A OG1 1 
ATOM   894  C  CG2 . THR A 1 136 ? -10.326 1.945   12.296  1.00 20.64 ? 135 THR A CG2 1 
ATOM   895  N  N   . LYS A 1 137 ? -10.292 -0.342  15.506  1.00 18.97 ? 136 LYS A N   1 
ATOM   896  C  CA  . LYS A 1 137 ? -11.445 -1.092  15.999  1.00 21.46 ? 136 LYS A CA  1 
ATOM   897  C  C   . LYS A 1 137 ? -12.712 -0.254  15.912  1.00 23.01 ? 136 LYS A C   1 
ATOM   898  O  O   . LYS A 1 137 ? -13.811 -0.748  16.161  1.00 25.08 ? 136 LYS A O   1 
ATOM   899  C  CB  . LYS A 1 137 ? -11.248 -1.512  17.459  1.00 21.49 ? 136 LYS A CB  1 
ATOM   900  C  CG  . LYS A 1 137 ? -10.031 -2.378  17.754  1.00 25.78 ? 136 LYS A CG  1 
ATOM   901  C  CD  . LYS A 1 137 ? -10.281 -3.226  19.005  1.00 30.91 ? 136 LYS A CD  1 
ATOM   902  C  CE  . LYS A 1 137 ? -9.022  -3.434  19.841  1.00 29.25 ? 136 LYS A CE  1 
ATOM   903  N  NZ  . LYS A 1 137 ? -8.900  -2.423  20.937  1.00 35.91 ? 136 LYS A NZ  1 
ATOM   904  N  N   . TYR A 1 138 ? -12.556 1.022   15.573  1.00 21.63 ? 137 TYR A N   1 
ATOM   905  C  CA  . TYR A 1 138 ? -13.665 1.960   15.630  1.00 23.59 ? 137 TYR A CA  1 
ATOM   906  C  C   . TYR A 1 138 ? -14.458 2.059   14.324  1.00 24.07 ? 137 TYR A C   1 
ATOM   907  O  O   . TYR A 1 138 ? -13.894 1.970   13.235  1.00 24.90 ? 137 TYR A O   1 
ATOM   908  C  CB  . TYR A 1 138 ? -13.165 3.344   16.051  1.00 25.91 ? 137 TYR A CB  1 
ATOM   909  C  CG  . TYR A 1 138 ? -14.273 4.351   16.208  1.00 27.57 ? 137 TYR A CG  1 
ATOM   910  C  CD1 . TYR A 1 138 ? -15.135 4.294   17.297  1.00 26.79 ? 137 TYR A CD1 1 
ATOM   911  C  CD2 . TYR A 1 138 ? -14.464 5.352   15.267  1.00 25.48 ? 137 TYR A CD2 1 
ATOM   912  C  CE1 . TYR A 1 138 ? -16.156 5.209   17.445  1.00 29.92 ? 137 TYR A CE1 1 
ATOM   913  C  CE2 . TYR A 1 138 ? -15.482 6.273   15.405  1.00 27.84 ? 137 TYR A CE2 1 
ATOM   914  C  CZ  . TYR A 1 138 ? -16.326 6.197   16.495  1.00 34.38 ? 137 TYR A CZ  1 
ATOM   915  O  OH  . TYR A 1 138 ? -17.343 7.112   16.641  1.00 45.07 ? 137 TYR A OH  1 
ATOM   916  N  N   . GLY A 1 139 ? -15.770 2.243   14.446  1.00 29.23 ? 138 GLY A N   1 
ATOM   917  C  CA  . GLY A 1 139 ? -16.628 2.447   13.290  1.00 33.05 ? 138 GLY A CA  1 
ATOM   918  C  C   . GLY A 1 139 ? -17.107 1.157   12.651  1.00 41.99 ? 138 GLY A C   1 
ATOM   919  O  O   . GLY A 1 139 ? -17.622 0.269   13.331  1.00 43.64 ? 138 GLY A O   1 
ATOM   920  N  N   . GLY A 1 141 ? -19.087 0.101   10.329  1.00 45.86 ? 140 GLY A N   1 
ATOM   921  C  CA  . GLY A 1 141 ? -18.675 0.176   8.939   1.00 51.80 ? 140 GLY A CA  1 
ATOM   922  C  C   . GLY A 1 141 ? -17.309 -0.437  8.707   1.00 50.42 ? 140 GLY A C   1 
ATOM   923  O  O   . GLY A 1 141 ? -16.659 -0.892  9.646   1.00 51.85 ? 140 GLY A O   1 
ATOM   924  N  N   . GLU A 1 142 ? -16.875 -0.458  7.449   1.00 49.72 ? 141 GLU A N   1 
ATOM   925  C  CA  . GLU A 1 142 ? -15.547 -0.956  7.110   1.00 47.61 ? 141 GLU A CA  1 
ATOM   926  C  C   . GLU A 1 142 ? -14.488 -0.085  7.777   1.00 39.76 ? 141 GLU A C   1 
ATOM   927  O  O   . GLU A 1 142 ? -14.594 1.141   7.779   1.00 44.25 ? 141 GLU A O   1 
ATOM   928  C  CB  . GLU A 1 142 ? -15.346 -0.983  5.592   1.00 53.92 ? 141 GLU A CB  1 
ATOM   929  N  N   . LYS A 1 143 ? -13.467 -0.719  8.344   1.00 32.75 ? 142 LYS A N   1 
ATOM   930  C  CA  . LYS A 1 143 ? -12.503 0.001   9.170   1.00 32.35 ? 142 LYS A CA  1 
ATOM   931  C  C   . LYS A 1 143 ? -11.159 0.249   8.488   1.00 26.34 ? 142 LYS A C   1 
ATOM   932  O  O   . LYS A 1 143 ? -10.562 -0.659  7.910   1.00 23.88 ? 142 LYS A O   1 
ATOM   933  C  CB  . LYS A 1 143 ? -12.310 -0.724  10.502  1.00 28.54 ? 142 LYS A CB  1 
ATOM   934  C  CG  . LYS A 1 143 ? -13.579 -0.780  11.329  1.00 31.06 ? 142 LYS A CG  1 
ATOM   935  C  CD  . LYS A 1 143 ? -13.535 -1.900  12.351  1.00 31.51 ? 142 LYS A CD  1 
ATOM   936  C  CE  . LYS A 1 143 ? -14.877 -2.041  13.051  1.00 34.44 ? 142 LYS A CE  1 
ATOM   937  N  NZ  . LYS A 1 143 ? -15.983 -2.273  12.081  1.00 42.47 ? 142 LYS A NZ  1 
ATOM   938  N  N   . GLY A 1 144 ? -10.693 1.492   8.571   1.00 24.08 ? 143 GLY A N   1 
ATOM   939  C  CA  . GLY A 1 144 ? -9.423  1.880   7.988   1.00 20.12 ? 143 GLY A CA  1 
ATOM   940  C  C   . GLY A 1 144 ? -8.230  1.436   8.807   1.00 19.88 ? 143 GLY A C   1 
ATOM   941  O  O   . GLY A 1 144 ? -8.371  0.925   9.919   1.00 19.66 ? 143 GLY A O   1 
ATOM   942  N  N   . TRP A 1 145 ? -7.041  1.639   8.253   1.00 16.41 ? 144 TRP A N   1 
ATOM   943  C  CA  . TRP A 1 145 ? -5.814  1.226   8.915   1.00 16.69 ? 144 TRP A CA  1 
ATOM   944  C  C   . TRP A 1 145 ? -4.923  2.414   9.197   1.00 17.26 ? 144 TRP A C   1 
ATOM   945  O  O   . TRP A 1 145 ? -4.796  3.318   8.364   1.00 20.42 ? 144 TRP A O   1 
ATOM   946  C  CB  . TRP A 1 145 ? -5.044  0.250   8.034   1.00 16.45 ? 144 TRP A CB  1 
ATOM   947  C  CG  . TRP A 1 145 ? -5.763  -1.017  7.731   1.00 16.83 ? 144 TRP A CG  1 
ATOM   948  C  CD1 . TRP A 1 145 ? -6.908  -1.156  7.003   1.00 16.10 ? 144 TRP A CD1 1 
ATOM   949  C  CD2 . TRP A 1 145 ? -5.370  -2.335  8.121   1.00 16.47 ? 144 TRP A CD2 1 
ATOM   950  N  NE1 . TRP A 1 145 ? -7.255  -2.477  6.920   1.00 14.84 ? 144 TRP A NE1 1 
ATOM   951  C  CE2 . TRP A 1 145 ? -6.328  -3.226  7.597   1.00 14.51 ? 144 TRP A CE2 1 
ATOM   952  C  CE3 . TRP A 1 145 ? -4.302  -2.852  8.862   1.00 15.96 ? 144 TRP A CE3 1 
ATOM   953  C  CZ2 . TRP A 1 145 ? -6.255  -4.607  7.797   1.00 13.77 ? 144 TRP A CZ2 1 
ATOM   954  C  CZ3 . TRP A 1 145 ? -4.230  -4.221  9.061   1.00 17.94 ? 144 TRP A CZ3 1 
ATOM   955  C  CH2 . TRP A 1 145 ? -5.203  -5.082  8.528   1.00 15.30 ? 144 TRP A CH2 1 
ATOM   956  N  N   . LEU A 1 146 ? -4.303  2.409   10.369  1.00 17.07 ? 145 LEU A N   1 
ATOM   957  C  CA  . LEU A 1 146 ? -3.262  3.381   10.690  1.00 18.76 ? 145 LEU A CA  1 
ATOM   958  C  C   . LEU A 1 146 ? -1.940  2.902   10.093  1.00 18.44 ? 145 LEU A C   1 
ATOM   959  O  O   . LEU A 1 146 ? -1.481  1.802   10.392  1.00 16.82 ? 145 LEU A O   1 
ATOM   960  C  CB  . LEU A 1 146 ? -3.112  3.519   12.201  1.00 18.53 ? 145 LEU A CB  1 
ATOM   961  C  CG  . LEU A 1 146 ? -2.205  4.663   12.641  1.00 21.86 ? 145 LEU A CG  1 
ATOM   962  C  CD1 . LEU A 1 146 ? -2.957  5.956   12.461  1.00 19.25 ? 145 LEU A CD1 1 
ATOM   963  C  CD2 . LEU A 1 146 ? -1.786  4.484   14.088  1.00 21.42 ? 145 LEU A CD2 1 
ATOM   964  N  N   . PHE A 1 147 ? -1.323  3.738   9.265   1.00 15.48 ? 146 PHE A N   1 
ATOM   965  C  CA  . PHE A 1 147 ? -0.143  3.343   8.504   1.00 13.78 ? 146 PHE A CA  1 
ATOM   966  C  C   . PHE A 1 147 ? 1.066   4.211   8.869   1.00 17.86 ? 146 PHE A C   1 
ATOM   967  O  O   . PHE A 1 147 ? 1.012   5.430   8.754   1.00 14.20 ? 146 PHE A O   1 
ATOM   968  C  CB  . PHE A 1 147 ? -0.465  3.470   7.010   1.00 14.16 ? 146 PHE A CB  1 
ATOM   969  C  CG  . PHE A 1 147 ? 0.653   3.061   6.091   1.00 16.24 ? 146 PHE A CG  1 
ATOM   970  C  CD1 . PHE A 1 147 ? 1.535   2.049   6.440   1.00 18.29 ? 146 PHE A CD1 1 
ATOM   971  C  CD2 . PHE A 1 147 ? 0.794   3.666   4.852   1.00 19.83 ? 146 PHE A CD2 1 
ATOM   972  C  CE1 . PHE A 1 147 ? 2.550   1.668   5.581   1.00 17.93 ? 146 PHE A CE1 1 
ATOM   973  C  CE2 . PHE A 1 147 ? 1.809   3.291   3.987   1.00 19.98 ? 146 PHE A CE2 1 
ATOM   974  C  CZ  . PHE A 1 147 ? 2.690   2.290   4.353   1.00 18.33 ? 146 PHE A CZ  1 
ATOM   975  N  N   . PHE A 1 148 ? 2.160   3.593   9.304   1.00 17.65 ? 147 PHE A N   1 
ATOM   976  C  CA  . PHE A 1 148 ? 3.340   4.368   9.678   1.00 17.07 ? 147 PHE A CA  1 
ATOM   977  C  C   . PHE A 1 148 ? 4.645   3.576   9.660   1.00 17.16 ? 147 PHE A C   1 
ATOM   978  O  O   . PHE A 1 148 ? 4.647   2.349   9.692   1.00 16.11 ? 147 PHE A O   1 
ATOM   979  C  CB  . PHE A 1 148 ? 3.145   5.021   11.058  1.00 16.55 ? 147 PHE A CB  1 
ATOM   980  C  CG  . PHE A 1 148 ? 2.922   4.035   12.177  1.00 16.92 ? 147 PHE A CG  1 
ATOM   981  C  CD1 . PHE A 1 148 ? 3.983   3.585   12.942  1.00 18.95 ? 147 PHE A CD1 1 
ATOM   982  C  CD2 . PHE A 1 148 ? 1.647   3.573   12.468  1.00 16.29 ? 147 PHE A CD2 1 
ATOM   983  C  CE1 . PHE A 1 148 ? 3.781   2.683   13.979  1.00 20.57 ? 147 PHE A CE1 1 
ATOM   984  C  CE2 . PHE A 1 148 ? 1.436   2.674   13.502  1.00 15.46 ? 147 PHE A CE2 1 
ATOM   985  C  CZ  . PHE A 1 148 ? 2.507   2.228   14.257  1.00 18.84 ? 147 PHE A CZ  1 
ATOM   986  N  N   . LYS A 1 149 ? 5.756   4.305   9.620   1.00 19.30 ? 148 LYS A N   1 
ATOM   987  C  CA  . LYS A 1 149 ? 7.079   3.708   9.716   1.00 19.46 ? 148 LYS A CA  1 
ATOM   988  C  C   . LYS A 1 149 ? 7.494   3.636   11.180  1.00 20.84 ? 148 LYS A C   1 
ATOM   989  O  O   . LYS A 1 149 ? 7.396   4.624   11.903  1.00 20.81 ? 148 LYS A O   1 
ATOM   990  C  CB  . LYS A 1 149 ? 8.100   4.530   8.930   1.00 17.74 ? 148 LYS A CB  1 
ATOM   991  C  CG  . LYS A 1 149 ? 9.501   3.940   8.964   1.00 21.02 ? 148 LYS A CG  1 
ATOM   992  C  CD  . LYS A 1 149 ? 10.497  4.791   8.204   1.00 22.00 ? 148 LYS A CD  1 
ATOM   993  C  CE  . LYS A 1 149 ? 11.904  4.234   8.357   1.00 25.58 ? 148 LYS A CE  1 
ATOM   994  N  NZ  . LYS A 1 149 ? 12.877  5.002   7.543   1.00 28.50 ? 148 LYS A NZ  1 
ATOM   995  N  N   . LYS A 1 150 ? 7.955   2.467   11.615  1.00 20.25 ? 149 LYS A N   1 
ATOM   996  C  CA  . LYS A 1 150 ? 8.352   2.273   13.011  1.00 25.43 ? 149 LYS A CA  1 
ATOM   997  C  C   . LYS A 1 150 ? 9.535   3.166   13.390  1.00 21.71 ? 149 LYS A C   1 
ATOM   998  O  O   . LYS A 1 150 ? 10.480  3.335   12.616  1.00 27.39 ? 149 LYS A O   1 
ATOM   999  C  CB  . LYS A 1 150 ? 8.673   0.801   13.282  1.00 22.46 ? 149 LYS A CB  1 
ATOM   1000 C  CG  . LYS A 1 150 ? 7.886   0.193   14.429  1.00 23.65 ? 149 LYS A CG  1 
ATOM   1001 C  CD  . LYS A 1 150 ? 8.045   -1.314  14.465  1.00 25.02 ? 149 LYS A CD  1 
ATOM   1002 C  CE  . LYS A 1 150 ? 7.257   -1.938  15.608  1.00 33.85 ? 149 LYS A CE  1 
ATOM   1003 N  NZ  . LYS A 1 150 ? 7.840   -1.590  16.933  1.00 28.55 ? 149 LYS A NZ  1 
ATOM   1004 N  N   . ALA A 1 151 ? 9.470   3.733   14.589  1.00 27.46 ? 150 ALA A N   1 
ATOM   1005 C  CA  . ALA A 1 151 ? 10.480  4.666   15.074  1.00 31.54 ? 150 ALA A CA  1 
ATOM   1006 C  C   . ALA A 1 151 ? 11.865  4.040   15.089  1.00 34.45 ? 150 ALA A C   1 
ATOM   1007 O  O   . ALA A 1 151 ? 12.865  4.730   14.902  1.00 34.98 ? 150 ALA A O   1 
ATOM   1008 C  CB  . ALA A 1 151 ? 10.112  5.177   16.466  1.00 31.59 ? 150 ALA A CB  1 
ATOM   1009 N  N   . SER A 1 152 ? 11.914  2.732   15.317  1.00 29.67 ? 151 SER A N   1 
ATOM   1010 C  CA  . SER A 1 152 ? 13.170  1.985   15.312  1.00 40.06 ? 151 SER A CA  1 
ATOM   1011 C  C   . SER A 1 152 ? 14.400  2.869   15.532  1.00 45.92 ? 151 SER A C   1 
ATOM   1012 O  O   . SER A 1 152 ? 14.920  2.964   16.644  1.00 47.35 ? 151 SER A O   1 
ATOM   1013 C  CB  . SER A 1 152 ? 13.313  1.196   14.005  1.00 40.86 ? 151 SER A CB  1 
ATOM   1014 O  OG  . SER A 1 152 ? 12.254  0.264   13.846  1.00 38.00 ? 151 SER A OG  1 
ATOM   1015 O  OXT . SER A 1 152 ? 14.906  3.512   14.607  1.00 39.89 ? 151 SER A OXT 1 
HETATM 1016 MN MN  . MN  B 2 .   ? -6.309  3.620   -6.315  1.00 21.87 ? 152 MN  A MN  1 
HETATM 1017 CL CL  . CL  C 3 .   ? -3.610  10.285  5.602   1.00 39.08 ? 153 CL  A CL  1 
HETATM 1018 P  P   . PO4 D 4 .   ? -8.849  2.342   -6.045  0.67 36.19 ? 201 PO4 A P   1 
HETATM 1019 O  O1  . PO4 D 4 .   ? -8.010  1.607   -7.063  0.67 31.46 ? 201 PO4 A O1  1 
HETATM 1020 O  O2  . PO4 D 4 .   ? -9.088  3.760   -6.507  0.67 25.51 ? 201 PO4 A O2  1 
HETATM 1021 O  O3  . PO4 D 4 .   ? -8.115  2.360   -4.727  0.67 32.24 ? 201 PO4 A O3  1 
HETATM 1022 O  O4  . PO4 D 4 .   ? -10.176 1.640   -5.880  0.67 36.10 ? 201 PO4 A O4  1 
HETATM 1023 O  O   . HOH E 5 .   ? -4.576  -2.768  18.088  1.00 22.42 ? 154 HOH A O   1 
HETATM 1024 O  O   . HOH E 5 .   ? 5.891   7.030   9.907   1.00 16.82 ? 155 HOH A O   1 
HETATM 1025 O  O   . HOH E 5 .   ? -0.428  9.106   -10.904 1.00 18.58 ? 156 HOH A O   1 
HETATM 1026 O  O   . HOH E 5 .   ? 12.342  4.917   4.388   1.00 21.76 ? 157 HOH A O   1 
HETATM 1027 O  O   . HOH E 5 .   ? -5.313  1.531   -10.543 1.00 20.75 ? 158 HOH A O   1 
HETATM 1028 O  O   . HOH E 5 .   ? -12.225 9.774   -3.944  1.00 44.04 ? 159 HOH A O   1 
HETATM 1029 O  O   . HOH E 5 .   ? 7.812   10.928  6.504   1.00 23.63 ? 160 HOH A O   1 
HETATM 1030 O  O   . HOH E 5 .   ? 11.655  5.591   -6.991  1.00 36.31 ? 161 HOH A O   1 
HETATM 1031 O  O   . HOH E 5 .   ? -4.072  -9.436  7.848   1.00 17.87 ? 162 HOH A O   1 
HETATM 1032 O  O   . HOH E 5 .   ? 5.167   13.265  1.958   1.00 35.42 ? 163 HOH A O   1 
HETATM 1033 O  O   . HOH E 5 .   ? 8.624   -12.759 4.331   1.00 22.34 ? 164 HOH A O   1 
HETATM 1034 O  O   . HOH E 5 .   ? 4.627   11.314  -13.790 1.00 29.80 ? 165 HOH A O   1 
HETATM 1035 O  O   . HOH E 5 .   ? -6.596  -5.978  -0.691  1.00 18.67 ? 166 HOH A O   1 
HETATM 1036 O  O   . HOH E 5 .   ? -3.523  -11.841 -0.014  1.00 24.15 ? 167 HOH A O   1 
HETATM 1037 O  O   . HOH E 5 .   ? 0.769   7.628   17.663  1.00 25.94 ? 168 HOH A O   1 
HETATM 1038 O  O   . HOH E 5 .   ? 14.610  -4.077  9.135   1.00 28.50 ? 169 HOH A O   1 
HETATM 1039 O  O   . HOH E 5 .   ? -10.177 0.121   5.260   1.00 19.20 ? 170 HOH A O   1 
HETATM 1040 O  O   . HOH E 5 .   ? 9.147   8.128   -6.215  1.00 24.95 ? 171 HOH A O   1 
HETATM 1041 O  O   . HOH E 5 .   ? -10.214 -8.369  -2.330  1.00 27.97 ? 172 HOH A O   1 
HETATM 1042 O  O   . HOH E 5 .   ? -9.994  8.422   -6.267  1.00 29.36 ? 173 HOH A O   1 
HETATM 1043 O  O   . HOH E 5 .   ? -2.601  13.066  -2.190  1.00 21.13 ? 174 HOH A O   1 
HETATM 1044 O  O   . HOH E 5 .   ? -2.202  -12.722 -9.118  1.00 29.77 ? 175 HOH A O   1 
HETATM 1045 O  O   . HOH E 5 .   ? -1.085  -19.308 -0.502  1.00 28.96 ? 176 HOH A O   1 
HETATM 1046 O  O   . HOH E 5 .   ? 6.668   -13.793 9.592   1.00 26.79 ? 177 HOH A O   1 
HETATM 1047 O  O   . HOH E 5 .   ? 5.570   12.232  5.613   1.00 36.96 ? 178 HOH A O   1 
HETATM 1048 O  O   . HOH E 5 .   ? 9.774   -5.563  -6.614  1.00 22.07 ? 179 HOH A O   1 
HETATM 1049 O  O   . HOH E 5 .   ? 4.559   11.436  -6.873  1.00 21.44 ? 180 HOH A O   1 
HETATM 1050 O  O   . HOH E 5 .   ? 14.880  -3.753  5.249   1.00 31.31 ? 181 HOH A O   1 
HETATM 1051 O  O   . HOH E 5 .   ? -2.847  2.117   -8.787  1.00 20.67 ? 182 HOH A O   1 
HETATM 1052 O  O   . HOH E 5 .   ? -3.556  -13.129 2.334   1.00 27.27 ? 183 HOH A O   1 
HETATM 1053 O  O   . HOH E 5 .   ? -10.359 6.625   -20.953 1.00 32.42 ? 184 HOH A O   1 
HETATM 1054 O  O   . HOH E 5 .   ? 4.352   -12.794 1.022   1.00 23.83 ? 185 HOH A O   1 
HETATM 1055 O  O   . HOH E 5 .   ? 6.572   12.320  -5.158  1.00 23.71 ? 186 HOH A O   1 
HETATM 1056 O  O   . HOH E 5 .   ? -5.480  3.720   -21.846 1.00 30.35 ? 187 HOH A O   1 
HETATM 1057 O  O   . HOH E 5 .   ? -1.096  12.394  7.630   1.00 28.25 ? 188 HOH A O   1 
HETATM 1058 O  O   . HOH E 5 .   ? -12.848 -2.882  3.631   1.00 37.84 ? 189 HOH A O   1 
HETATM 1059 O  O   . HOH E 5 .   ? -4.485  6.577   -22.341 1.00 40.09 ? 190 HOH A O   1 
HETATM 1060 O  O   . HOH E 5 .   ? -8.992  7.124   -17.135 1.00 21.83 ? 191 HOH A O   1 
HETATM 1061 O  O   . HOH E 5 .   ? 12.738  4.807   11.708  1.00 29.20 ? 192 HOH A O   1 
HETATM 1062 O  O   . HOH E 5 .   ? -12.463 -4.801  15.017  1.00 15.69 ? 193 HOH A O   1 
HETATM 1063 O  O   . HOH E 5 .   ? -10.779 -3.548  13.265  1.00 21.96 ? 194 HOH A O   1 
HETATM 1064 O  O   . HOH E 5 .   ? -14.651 0.754   -19.392 1.00 25.35 ? 195 HOH A O   1 
HETATM 1065 O  O   . HOH E 5 .   ? -5.821  -9.144  15.194  1.00 22.97 ? 196 HOH A O   1 
HETATM 1066 O  O   . HOH E 5 .   ? 6.615   6.395   13.497  1.00 22.65 ? 197 HOH A O   1 
HETATM 1067 O  O   . HOH E 5 .   ? 14.395  9.636   -2.035  1.00 36.29 ? 198 HOH A O   1 
HETATM 1068 O  O   . HOH E 5 .   ? 12.599  7.503   10.632  1.00 26.45 ? 199 HOH A O   1 
HETATM 1069 O  O   . HOH E 5 .   ? 6.714   10.153  0.919   1.00 23.30 ? 200 HOH A O   1 
HETATM 1070 O  O   . HOH E 5 .   ? 1.668   11.965  12.527  1.00 25.34 ? 202 HOH A O   1 
HETATM 1071 O  O   . HOH E 5 .   ? 13.432  -6.099  4.153   1.00 26.84 ? 203 HOH A O   1 
HETATM 1072 O  O   . HOH E 5 .   ? 8.354   7.817   -10.454 1.00 30.04 ? 204 HOH A O   1 
HETATM 1073 O  O   . HOH E 5 .   ? 7.505   11.237  3.362   1.00 29.86 ? 205 HOH A O   1 
HETATM 1074 O  O   . HOH E 5 .   ? -13.219 -3.218  -13.351 1.00 28.43 ? 206 HOH A O   1 
HETATM 1075 O  O   . HOH E 5 .   ? -6.002  12.067  -1.608  1.00 23.94 ? 207 HOH A O   1 
HETATM 1076 O  O   . HOH E 5 .   ? 3.692   10.556  15.823  1.00 41.06 ? 208 HOH A O   1 
HETATM 1077 O  O   . HOH E 5 .   ? 8.071   11.920  9.383   1.00 29.50 ? 209 HOH A O   1 
HETATM 1078 O  O   . HOH E 5 .   ? -0.790  -7.393  19.236  1.00 33.68 ? 210 HOH A O   1 
HETATM 1079 O  O   . HOH E 5 .   ? -12.563 -10.124 7.927   1.00 38.51 ? 211 HOH A O   1 
HETATM 1080 O  O   . HOH E 5 .   ? -11.010 -0.380  22.245  1.00 34.88 ? 212 HOH A O   1 
HETATM 1081 O  O   . HOH E 5 .   ? -18.546 0.421   -16.162 1.00 39.81 ? 213 HOH A O   1 
HETATM 1082 O  O   . HOH E 5 .   ? 7.280   -15.447 1.448   1.00 41.54 ? 214 HOH A O   1 
HETATM 1083 O  O   . HOH E 5 .   ? 14.902  2.670   8.208   1.00 42.09 ? 215 HOH A O   1 
HETATM 1084 O  O   . HOH E 5 .   ? -6.158  13.187  -14.006 1.00 36.23 ? 216 HOH A O   1 
HETATM 1085 O  O   . HOH E 5 .   ? 17.872  3.797   -2.120  1.00 29.74 ? 217 HOH A O   1 
HETATM 1086 O  O   . HOH E 5 .   ? -13.379 -0.435  20.867  1.00 28.34 ? 218 HOH A O   1 
HETATM 1087 O  O   . HOH E 5 .   ? 15.321  -5.998  -2.951  1.00 32.51 ? 219 HOH A O   1 
HETATM 1088 O  O   . HOH E 5 .   ? -2.676  3.200   -23.393 1.00 34.48 ? 220 HOH A O   1 
HETATM 1089 O  O   . HOH E 5 .   ? -4.136  15.469  -9.692  1.00 29.14 ? 221 HOH A O   1 
HETATM 1090 O  O   . HOH E 5 .   ? 13.406  -7.625  1.738   1.00 27.05 ? 222 HOH A O   1 
HETATM 1091 O  O   . HOH E 5 .   ? 7.649   -11.957 -5.904  1.00 33.54 ? 223 HOH A O   1 
HETATM 1092 O  O   . HOH E 5 .   ? -9.380  8.262   -3.346  1.00 31.98 ? 224 HOH A O   1 
HETATM 1093 O  O   . HOH E 5 .   ? 17.825  1.144   -2.878  1.00 37.05 ? 225 HOH A O   1 
HETATM 1094 O  O   . HOH E 5 .   ? -5.365  -4.144  20.407  1.00 38.15 ? 226 HOH A O   1 
HETATM 1095 O  O   . HOH E 5 .   ? -6.657  15.912  -14.416 1.00 38.88 ? 227 HOH A O   1 
HETATM 1096 O  O   . HOH E 5 .   ? 6.742   -14.867 -3.383  1.00 40.12 ? 228 HOH A O   1 
HETATM 1097 O  O   . HOH E 5 .   ? -7.659  10.634  -14.070 1.00 30.39 ? 229 HOH A O   1 
HETATM 1098 O  O   . HOH E 5 .   ? 11.304  -10.666 -5.819  1.00 24.69 ? 230 HOH A O   1 
HETATM 1099 O  O   . HOH E 5 .   ? -11.226 -6.623  17.981  1.00 28.85 ? 231 HOH A O   1 
HETATM 1100 O  O   . HOH E 5 .   ? 6.059   14.318  13.455  1.00 39.64 ? 232 HOH A O   1 
HETATM 1101 O  O   . HOH E 5 .   ? 11.976  -7.944  -6.959  1.00 37.45 ? 233 HOH A O   1 
HETATM 1102 O  O   . HOH E 5 .   ? -10.622 -9.464  -6.516  1.00 45.89 ? 234 HOH A O   1 
HETATM 1103 O  O   . HOH E 5 .   ? 6.826   -15.726 11.487  1.00 34.63 ? 235 HOH A O   1 
HETATM 1104 O  O   . HOH E 5 .   ? -0.882  -11.946 -12.153 1.00 27.34 ? 236 HOH A O   1 
HETATM 1105 O  O   . HOH E 5 .   ? -6.694  -8.468  7.493   1.00 27.11 ? 237 HOH A O   1 
HETATM 1106 O  O   . HOH E 5 .   ? 2.924   -14.800 -2.690  1.00 34.27 ? 238 HOH A O   1 
HETATM 1107 O  O   . HOH E 5 .   ? -12.105 3.638   10.111  1.00 31.35 ? 239 HOH A O   1 
HETATM 1108 O  O   . HOH E 5 .   ? 12.074  1.665   10.687  1.00 30.63 ? 240 HOH A O   1 
HETATM 1109 O  O   . HOH E 5 .   ? 8.960   -12.089 12.763  1.00 28.89 ? 241 HOH A O   1 
HETATM 1110 O  O   . HOH E 5 .   ? -14.320 5.031   -13.512 1.00 29.14 ? 242 HOH A O   1 
HETATM 1111 O  O   . HOH E 5 .   ? -9.239  -10.693 6.779   1.00 35.05 ? 243 HOH A O   1 
HETATM 1112 O  O   . HOH E 5 .   ? 4.871   -14.940 -0.733  1.00 36.59 ? 244 HOH A O   1 
HETATM 1113 O  O   . HOH E 5 .   ? -5.964  0.281   -8.234  1.00 29.14 ? 245 HOH A O   1 
HETATM 1114 O  O   . HOH E 5 .   ? -5.949  0.047   -4.375  1.00 27.89 ? 246 HOH A O   1 
# 
loop_
_pdbx_poly_seq_scheme.asym_id 
_pdbx_poly_seq_scheme.entity_id 
_pdbx_poly_seq_scheme.seq_id 
_pdbx_poly_seq_scheme.mon_id 
_pdbx_poly_seq_scheme.ndb_seq_num 
_pdbx_poly_seq_scheme.pdb_seq_num 
_pdbx_poly_seq_scheme.auth_seq_num 
_pdbx_poly_seq_scheme.pdb_mon_id 
_pdbx_poly_seq_scheme.auth_mon_id 
_pdbx_poly_seq_scheme.pdb_strand_id 
_pdbx_poly_seq_scheme.pdb_ins_code 
_pdbx_poly_seq_scheme.hetero 
A 1 1   SER 1   0   ?   ?   ?   A . n 
A 1 2   MET 2   1   ?   ?   ?   A . n 
A 1 3   LEU 3   2   ?   ?   ?   A . n 
A 1 4   GLU 4   3   ?   ?   ?   A . n 
A 1 5   GLU 5   4   ?   ?   ?   A . n 
A 1 6   TYR 6   5   ?   ?   ?   A . n 
A 1 7   GLU 7   6   ?   ?   ?   A . n 
A 1 8   LYS 8   7   ?   ?   ?   A . n 
A 1 9   LYS 9   8   ?   ?   ?   A . n 
A 1 10  ARG 10  9   ?   ?   ?   A . n 
A 1 11  HIS 11  10  ?   ?   ?   A . n 
A 1 12  PHE 12  11  ?   ?   ?   A . n 
A 1 13  GLN 13  12  ?   ?   ?   A . n 
A 1 14  LYS 14  13  ?   ?   ?   A . n 
A 1 15  THR 15  14  ?   ?   ?   A . n 
A 1 16  PRO 16  15  ?   ?   ?   A . n 
A 1 17  GLU 17  16  ?   ?   ?   A . n 
A 1 18  PRO 18  17  ?   ?   ?   A . n 
A 1 19  SER 19  18  ?   ?   ?   A . n 
A 1 20  THR 20  19  ?   ?   ?   A . n 
A 1 21  THR 21  20  ?   ?   ?   A . n 
A 1 22  GLY 22  21  ?   ?   ?   A . n 
A 1 23  VAL 23  22  ?   ?   ?   A . n 
A 1 24  LYS 24  23  ?   ?   ?   A . n 
A 1 25  LYS 25  24  ?   ?   ?   A . n 
A 1 26  SER 26  25  ?   ?   ?   A . n 
A 1 27  SER 27  26  ?   ?   ?   A . n 
A 1 28  ASP 28  27  27  ASP ASP A . n 
A 1 29  LYS 29  28  28  LYS LYS A . n 
A 1 30  PRO 30  29  29  PRO PRO A . n 
A 1 31  ILE 31  30  30  ILE ILE A . n 
A 1 32  PHE 32  31  31  PHE PHE A . n 
A 1 33  VAL 33  32  32  VAL VAL A . n 
A 1 34  VAL 34  33  33  VAL VAL A . n 
A 1 35  GLN 35  34  34  GLN GLN A . n 
A 1 36  ARG 36  35  35  ARG ARG A . n 
A 1 37  HIS 37  36  36  HIS HIS A . n 
A 1 38  ASP 38  37  37  ASP ASP A . n 
A 1 39  ALA 39  38  38  ALA ALA A . n 
A 1 40  ARG 40  39  39  ARG ARG A . n 
A 1 41  LYS 41  40  40  LYS LYS A . n 
A 1 42  LEU 42  41  41  LEU LEU A . n 
A 1 43  HIS 43  42  42  HIS HIS A . n 
A 1 44  TYR 44  43  43  TYR TYR A . n 
A 1 45  ASP 45  44  44  ASP ASP A . n 
A 1 46  PHE 46  45  45  PHE PHE A . n 
A 1 47  ARG 47  46  46  ARG ARG A . n 
A 1 48  LEU 48  47  47  LEU LEU A . n 
A 1 49  GLU 49  48  48  GLU GLU A . n 
A 1 50  MET 50  49  49  MET MET A . n 
A 1 51  ASP 51  50  50  ASP ASP A . n 
A 1 52  GLY 52  51  51  GLY GLY A . n 
A 1 53  VAL 53  52  52  VAL VAL A . n 
A 1 54  LEU 54  53  53  LEU LEU A . n 
A 1 55  LYS 55  54  54  LYS LYS A . n 
A 1 56  SER 56  55  55  SER SER A . n 
A 1 57  TRP 57  56  56  TRP TRP A . n 
A 1 58  ALA 58  57  57  ALA ALA A . n 
A 1 59  VAL 59  58  58  VAL VAL A . n 
A 1 60  PRO 60  59  59  PRO PRO A . n 
A 1 61  LYS 61  60  60  LYS LYS A . n 
A 1 62  GLU 62  61  61  GLU GLU A . n 
A 1 63  PRO 63  62  62  PRO PRO A . n 
A 1 64  PRO 64  63  63  PRO PRO A . n 
A 1 65  LYS 65  64  64  LYS LYS A . n 
A 1 66  ASP 66  65  65  ASP ASP A . n 
A 1 67  ALA 67  66  66  ALA ALA A . n 
A 1 68  GLY 68  67  67  GLY GLY A . n 
A 1 69  THR 69  68  68  THR THR A . n 
A 1 70  ARG 70  69  69  ARG ARG A . n 
A 1 71  ARG 71  70  70  ARG ARG A . n 
A 1 72  LEU 72  71  71  LEU LEU A . n 
A 1 73  ALA 73  72  72  ALA ALA A . n 
A 1 74  ILE 74  73  73  ILE ILE A . n 
A 1 75  GLU 75  74  74  GLU GLU A . n 
A 1 76  THR 76  75  75  THR THR A . n 
A 1 77  GLU 77  76  76  GLU GLU A . n 
A 1 78  ASP 78  77  77  ASP ASP A . n 
A 1 79  HIS 79  78  78  HIS HIS A . n 
A 1 80  PRO 80  79  79  PRO PRO A . n 
A 1 81  LEU 81  80  80  LEU LEU A . n 
A 1 82  ALA 82  81  81  ALA ALA A . n 
A 1 83  TYR 83  82  82  TYR TYR A . n 
A 1 84  ALA 84  83  83  ALA ALA A . n 
A 1 85  ASP 85  84  84  ASP ASP A . n 
A 1 86  PHE 86  85  85  PHE PHE A . n 
A 1 87  GLU 87  86  86  GLU GLU A . n 
A 1 88  GLY 88  87  87  GLY GLY A . n 
A 1 89  GLU 89  88  88  GLU GLU A . n 
A 1 90  ILE 90  89  89  ILE ILE A . n 
A 1 91  PRO 91  90  90  PRO PRO A . n 
A 1 92  ALA 92  91  91  ALA ALA A . n 
A 1 93  GLY 93  92  92  GLY GLY A . n 
A 1 94  GLU 94  93  93  GLU GLU A . n 
A 1 95  TYR 95  94  94  TYR TYR A . n 
A 1 96  GLY 96  95  95  GLY GLY A . n 
A 1 97  ALA 97  96  96  ALA ALA A . n 
A 1 98  GLY 98  97  97  GLY GLY A . n 
A 1 99  LYS 99  98  98  LYS LYS A . n 
A 1 100 VAL 100 99  99  VAL VAL A . n 
A 1 101 GLU 101 100 100 GLU GLU A . n 
A 1 102 ILE 102 101 101 ILE ILE A . n 
A 1 103 TRP 103 102 102 TRP TRP A . n 
A 1 104 ASP 104 103 103 ASP ASP A . n 
A 1 105 ARG 105 104 104 ARG ARG A . n 
A 1 106 GLY 106 105 105 GLY GLY A . n 
A 1 107 THR 107 106 106 THR THR A . n 
A 1 108 PHE 108 107 107 PHE PHE A . n 
A 1 109 GLU 109 108 108 GLU GLU A . n 
A 1 110 LEU 110 109 109 LEU LEU A . n 
A 1 111 LEU 111 110 110 LEU LEU A . n 
A 1 112 LYS 112 111 111 LYS LYS A . n 
A 1 113 ARG 113 112 112 ARG ARG A . n 
A 1 114 GLU 114 113 113 GLU GLU A . n 
A 1 115 GLU 115 114 114 GLU GLU A . n 
A 1 116 ARG 116 115 115 ARG ARG A . n 
A 1 117 GLU 117 116 116 GLU GLU A . n 
A 1 118 ILE 118 117 117 ILE ILE A . n 
A 1 119 VAL 119 118 118 VAL VAL A . n 
A 1 120 VAL 120 119 119 VAL VAL A . n 
A 1 121 SER 121 120 120 SER SER A . n 
A 1 122 LEU 122 121 121 LEU LEU A . n 
A 1 123 GLU 123 122 122 GLU GLU A . n 
A 1 124 GLY 124 123 123 GLY GLY A . n 
A 1 125 LYS 125 124 124 LYS LYS A . n 
A 1 126 GLU 126 125 125 GLU GLU A . n 
A 1 127 LEU 127 126 126 LEU LEU A . n 
A 1 128 LYS 128 127 127 LYS LYS A . n 
A 1 129 GLY 129 128 128 GLY GLY A . n 
A 1 130 ILE 130 129 129 ILE ILE A . n 
A 1 131 TYR 131 130 130 TYR TYR A . n 
A 1 132 VAL 132 131 131 VAL VAL A . n 
A 1 133 LEU 133 132 132 LEU LEU A . n 
A 1 134 ILE 134 133 133 ILE ILE A . n 
A 1 135 ARG 135 134 134 ARG ARG A . n 
A 1 136 THR 136 135 135 THR THR A . n 
A 1 137 LYS 137 136 136 LYS LYS A . n 
A 1 138 TYR 138 137 137 TYR TYR A . n 
A 1 139 GLY 139 138 138 GLY GLY A . n 
A 1 140 LYS 140 139 ?   ?   ?   A . n 
A 1 141 GLY 141 140 140 GLY GLY A . n 
A 1 142 GLU 142 141 141 GLU GLU A . n 
A 1 143 LYS 143 142 142 LYS LYS A . n 
A 1 144 GLY 144 143 143 GLY GLY A . n 
A 1 145 TRP 145 144 144 TRP TRP A . n 
A 1 146 LEU 146 145 145 LEU LEU A . n 
A 1 147 PHE 147 146 146 PHE PHE A . n 
A 1 148 PHE 148 147 147 PHE PHE A . n 
A 1 149 LYS 149 148 148 LYS LYS A . n 
A 1 150 LYS 150 149 149 LYS LYS A . n 
A 1 151 ALA 151 150 150 ALA ALA A . n 
A 1 152 SER 152 151 151 SER SER A . n 
# 
loop_
_pdbx_nonpoly_scheme.asym_id 
_pdbx_nonpoly_scheme.entity_id 
_pdbx_nonpoly_scheme.mon_id 
_pdbx_nonpoly_scheme.ndb_seq_num 
_pdbx_nonpoly_scheme.pdb_seq_num 
_pdbx_nonpoly_scheme.auth_seq_num 
_pdbx_nonpoly_scheme.pdb_mon_id 
_pdbx_nonpoly_scheme.auth_mon_id 
_pdbx_nonpoly_scheme.pdb_strand_id 
_pdbx_nonpoly_scheme.pdb_ins_code 
B 2 MN  1  152 1   MN  MN  A . 
C 3 CL  1  153 1   CL  CL  A . 
D 4 PO4 1  201 201 PO4 PO4 A . 
E 5 HOH 1  154 1   HOH HOH A . 
E 5 HOH 2  155 2   HOH HOH A . 
E 5 HOH 3  156 3   HOH HOH A . 
E 5 HOH 4  157 4   HOH HOH A . 
E 5 HOH 5  158 6   HOH HOH A . 
E 5 HOH 6  159 7   HOH HOH A . 
E 5 HOH 7  160 8   HOH HOH A . 
E 5 HOH 8  161 9   HOH HOH A . 
E 5 HOH 9  162 10  HOH HOH A . 
E 5 HOH 10 163 11  HOH HOH A . 
E 5 HOH 11 164 12  HOH HOH A . 
E 5 HOH 12 165 13  HOH HOH A . 
E 5 HOH 13 166 14  HOH HOH A . 
E 5 HOH 14 167 15  HOH HOH A . 
E 5 HOH 15 168 16  HOH HOH A . 
E 5 HOH 16 169 17  HOH HOH A . 
E 5 HOH 17 170 18  HOH HOH A . 
E 5 HOH 18 171 19  HOH HOH A . 
E 5 HOH 19 172 20  HOH HOH A . 
E 5 HOH 20 173 21  HOH HOH A . 
E 5 HOH 21 174 23  HOH HOH A . 
E 5 HOH 22 175 24  HOH HOH A . 
E 5 HOH 23 176 25  HOH HOH A . 
E 5 HOH 24 177 26  HOH HOH A . 
E 5 HOH 25 178 27  HOH HOH A . 
E 5 HOH 26 179 28  HOH HOH A . 
E 5 HOH 27 180 29  HOH HOH A . 
E 5 HOH 28 181 30  HOH HOH A . 
E 5 HOH 29 182 31  HOH HOH A . 
E 5 HOH 30 183 32  HOH HOH A . 
E 5 HOH 31 184 33  HOH HOH A . 
E 5 HOH 32 185 34  HOH HOH A . 
E 5 HOH 33 186 35  HOH HOH A . 
E 5 HOH 34 187 36  HOH HOH A . 
E 5 HOH 35 188 37  HOH HOH A . 
E 5 HOH 36 189 39  HOH HOH A . 
E 5 HOH 37 190 40  HOH HOH A . 
E 5 HOH 38 191 41  HOH HOH A . 
E 5 HOH 39 192 42  HOH HOH A . 
E 5 HOH 40 193 44  HOH HOH A . 
E 5 HOH 41 194 45  HOH HOH A . 
E 5 HOH 42 195 46  HOH HOH A . 
E 5 HOH 43 196 47  HOH HOH A . 
E 5 HOH 44 197 48  HOH HOH A . 
E 5 HOH 45 198 49  HOH HOH A . 
E 5 HOH 46 199 50  HOH HOH A . 
E 5 HOH 47 200 51  HOH HOH A . 
E 5 HOH 48 202 52  HOH HOH A . 
E 5 HOH 49 203 53  HOH HOH A . 
E 5 HOH 50 204 54  HOH HOH A . 
E 5 HOH 51 205 55  HOH HOH A . 
E 5 HOH 52 206 56  HOH HOH A . 
E 5 HOH 53 207 57  HOH HOH A . 
E 5 HOH 54 208 58  HOH HOH A . 
E 5 HOH 55 209 59  HOH HOH A . 
E 5 HOH 56 210 60  HOH HOH A . 
E 5 HOH 57 211 61  HOH HOH A . 
E 5 HOH 58 212 62  HOH HOH A . 
E 5 HOH 59 213 63  HOH HOH A . 
E 5 HOH 60 214 64  HOH HOH A . 
E 5 HOH 61 215 65  HOH HOH A . 
E 5 HOH 62 216 66  HOH HOH A . 
E 5 HOH 63 217 67  HOH HOH A . 
E 5 HOH 64 218 68  HOH HOH A . 
E 5 HOH 65 219 69  HOH HOH A . 
E 5 HOH 66 220 70  HOH HOH A . 
E 5 HOH 67 221 71  HOH HOH A . 
E 5 HOH 68 222 72  HOH HOH A . 
E 5 HOH 69 223 73  HOH HOH A . 
E 5 HOH 70 224 74  HOH HOH A . 
E 5 HOH 71 225 75  HOH HOH A . 
E 5 HOH 72 226 76  HOH HOH A . 
E 5 HOH 73 227 77  HOH HOH A . 
E 5 HOH 74 228 78  HOH HOH A . 
E 5 HOH 75 229 79  HOH HOH A . 
E 5 HOH 76 230 80  HOH HOH A . 
E 5 HOH 77 231 81  HOH HOH A . 
E 5 HOH 78 232 82  HOH HOH A . 
E 5 HOH 79 233 83  HOH HOH A . 
E 5 HOH 80 234 84  HOH HOH A . 
E 5 HOH 81 235 86  HOH HOH A . 
E 5 HOH 82 236 87  HOH HOH A . 
E 5 HOH 83 237 92  HOH HOH A . 
E 5 HOH 84 238 93  HOH HOH A . 
E 5 HOH 85 239 94  HOH HOH A . 
E 5 HOH 86 240 95  HOH HOH A . 
E 5 HOH 87 241 96  HOH HOH A . 
E 5 HOH 88 242 98  HOH HOH A . 
E 5 HOH 89 243 99  HOH HOH A . 
E 5 HOH 90 244 100 HOH HOH A . 
E 5 HOH 91 245 101 HOH HOH A . 
E 5 HOH 92 246 102 HOH HOH A . 
# 
_pdbx_struct_assembly.id                   1 
_pdbx_struct_assembly.details              author_and_software_defined_assembly 
_pdbx_struct_assembly.method_details       PISA 
_pdbx_struct_assembly.oligomeric_details   monomeric 
_pdbx_struct_assembly.oligomeric_count     1 
# 
_pdbx_struct_assembly_gen.assembly_id       1 
_pdbx_struct_assembly_gen.oper_expression   1 
_pdbx_struct_assembly_gen.asym_id_list      A,B,C,D,E 
# 
_pdbx_struct_oper_list.id                   1 
_pdbx_struct_oper_list.type                 'identity operation' 
_pdbx_struct_oper_list.name                 1_555 
_pdbx_struct_oper_list.symmetry_operation   x,y,z 
_pdbx_struct_oper_list.matrix[1][1]         1.0000000000 
_pdbx_struct_oper_list.matrix[1][2]         0.0000000000 
_pdbx_struct_oper_list.matrix[1][3]         0.0000000000 
_pdbx_struct_oper_list.vector[1]            0.0000000000 
_pdbx_struct_oper_list.matrix[2][1]         0.0000000000 
_pdbx_struct_oper_list.matrix[2][2]         1.0000000000 
_pdbx_struct_oper_list.matrix[2][3]         0.0000000000 
_pdbx_struct_oper_list.vector[2]            0.0000000000 
_pdbx_struct_oper_list.matrix[3][1]         0.0000000000 
_pdbx_struct_oper_list.matrix[3][2]         0.0000000000 
_pdbx_struct_oper_list.matrix[3][3]         1.0000000000 
_pdbx_struct_oper_list.vector[3]            0.0000000000 
# 
loop_
_pdbx_struct_conn_angle.id 
_pdbx_struct_conn_angle.ptnr1_label_atom_id 
_pdbx_struct_conn_angle.ptnr1_label_alt_id 
_pdbx_struct_conn_angle.ptnr1_label_asym_id 
_pdbx_struct_conn_angle.ptnr1_label_comp_id 
_pdbx_struct_conn_angle.ptnr1_label_seq_id 
_pdbx_struct_conn_angle.ptnr1_auth_atom_id 
_pdbx_struct_conn_angle.ptnr1_auth_asym_id 
_pdbx_struct_conn_angle.ptnr1_auth_comp_id 
_pdbx_struct_conn_angle.ptnr1_auth_seq_id 
_pdbx_struct_conn_angle.ptnr1_PDB_ins_code 
_pdbx_struct_conn_angle.ptnr1_symmetry 
_pdbx_struct_conn_angle.ptnr2_label_atom_id 
_pdbx_struct_conn_angle.ptnr2_label_alt_id 
_pdbx_struct_conn_angle.ptnr2_label_asym_id 
_pdbx_struct_conn_angle.ptnr2_label_comp_id 
_pdbx_struct_conn_angle.ptnr2_label_seq_id 
_pdbx_struct_conn_angle.ptnr2_auth_atom_id 
_pdbx_struct_conn_angle.ptnr2_auth_asym_id 
_pdbx_struct_conn_angle.ptnr2_auth_comp_id 
_pdbx_struct_conn_angle.ptnr2_auth_seq_id 
_pdbx_struct_conn_angle.ptnr2_PDB_ins_code 
_pdbx_struct_conn_angle.ptnr2_symmetry 
_pdbx_struct_conn_angle.ptnr3_label_atom_id 
_pdbx_struct_conn_angle.ptnr3_label_alt_id 
_pdbx_struct_conn_angle.ptnr3_label_asym_id 
_pdbx_struct_conn_angle.ptnr3_label_comp_id 
_pdbx_struct_conn_angle.ptnr3_label_seq_id 
_pdbx_struct_conn_angle.ptnr3_auth_atom_id 
_pdbx_struct_conn_angle.ptnr3_auth_asym_id 
_pdbx_struct_conn_angle.ptnr3_auth_comp_id 
_pdbx_struct_conn_angle.ptnr3_auth_seq_id 
_pdbx_struct_conn_angle.ptnr3_PDB_ins_code 
_pdbx_struct_conn_angle.ptnr3_symmetry 
_pdbx_struct_conn_angle.value 
_pdbx_struct_conn_angle.value_esd 
1  ND1 ? A HIS 37 ? A HIS 36  ? 1_555 MN ? B MN . ? A MN 152 ? 1_555 NE2 ? A HIS 43 ? A HIS 42  ? 1_555 92.5  ? 
2  ND1 ? A HIS 37 ? A HIS 36  ? 1_555 MN ? B MN . ? A MN 152 ? 1_555 OD2 ? A ASP 45 ? A ASP 44  ? 1_555 89.8  ? 
3  NE2 ? A HIS 43 ? A HIS 42  ? 1_555 MN ? B MN . ? A MN 152 ? 1_555 OD2 ? A ASP 45 ? A ASP 44  ? 1_555 102.0 ? 
4  ND1 ? A HIS 37 ? A HIS 36  ? 1_555 MN ? B MN . ? A MN 152 ? 1_555 OD1 ? A ASP 45 ? A ASP 44  ? 1_555 141.6 ? 
5  NE2 ? A HIS 43 ? A HIS 42  ? 1_555 MN ? B MN . ? A MN 152 ? 1_555 OD1 ? A ASP 45 ? A ASP 44  ? 1_555 92.0  ? 
6  OD2 ? A ASP 45 ? A ASP 44  ? 1_555 MN ? B MN . ? A MN 152 ? 1_555 OD1 ? A ASP 45 ? A ASP 44  ? 1_555 52.0  ? 
7  ND1 ? A HIS 37 ? A HIS 36  ? 1_555 MN ? B MN . ? A MN 152 ? 1_555 O3  ? D PO4 .  ? A PO4 201 ? 1_555 140.5 ? 
8  NE2 ? A HIS 43 ? A HIS 42  ? 1_555 MN ? B MN . ? A MN 152 ? 1_555 O3  ? D PO4 .  ? A PO4 201 ? 1_555 101.7 ? 
9  OD2 ? A ASP 45 ? A ASP 44  ? 1_555 MN ? B MN . ? A MN 152 ? 1_555 O3  ? D PO4 .  ? A PO4 201 ? 1_555 122.0 ? 
10 OD1 ? A ASP 45 ? A ASP 44  ? 1_555 MN ? B MN . ? A MN 152 ? 1_555 O3  ? D PO4 .  ? A PO4 201 ? 1_555 75.1  ? 
11 ND1 ? A HIS 37 ? A HIS 36  ? 1_555 MN ? B MN . ? A MN 152 ? 1_555 O1  ? D PO4 .  ? A PO4 201 ? 1_555 94.2  ? 
12 NE2 ? A HIS 43 ? A HIS 42  ? 1_555 MN ? B MN . ? A MN 152 ? 1_555 O1  ? D PO4 .  ? A PO4 201 ? 1_555 143.3 ? 
13 OD2 ? A ASP 45 ? A ASP 44  ? 1_555 MN ? B MN . ? A MN 152 ? 1_555 O1  ? D PO4 .  ? A PO4 201 ? 1_555 114.0 ? 
14 OD1 ? A ASP 45 ? A ASP 44  ? 1_555 MN ? B MN . ? A MN 152 ? 1_555 O1  ? D PO4 .  ? A PO4 201 ? 1_555 104.4 ? 
15 O3  ? D PO4 .  ? A PO4 201 ? 1_555 MN ? B MN . ? A MN 152 ? 1_555 O1  ? D PO4 .  ? A PO4 201 ? 1_555 53.5  ? 
16 ND1 ? A HIS 37 ? A HIS 36  ? 1_555 MN ? B MN . ? A MN 152 ? 1_555 O2  ? D PO4 .  ? A PO4 201 ? 1_555 90.4  ? 
17 NE2 ? A HIS 43 ? A HIS 42  ? 1_555 MN ? B MN . ? A MN 152 ? 1_555 O2  ? D PO4 .  ? A PO4 201 ? 1_555 90.9  ? 
18 OD2 ? A ASP 45 ? A ASP 44  ? 1_555 MN ? B MN . ? A MN 152 ? 1_555 O2  ? D PO4 .  ? A PO4 201 ? 1_555 167.1 ? 
19 OD1 ? A ASP 45 ? A ASP 44  ? 1_555 MN ? B MN . ? A MN 152 ? 1_555 O2  ? D PO4 .  ? A PO4 201 ? 1_555 127.6 ? 
20 O3  ? D PO4 .  ? A PO4 201 ? 1_555 MN ? B MN . ? A MN 152 ? 1_555 O2  ? D PO4 .  ? A PO4 201 ? 1_555 53.2  ? 
21 O1  ? D PO4 .  ? A PO4 201 ? 1_555 MN ? B MN . ? A MN 152 ? 1_555 O2  ? D PO4 .  ? A PO4 201 ? 1_555 53.1  ? 
# 
loop_
_pdbx_audit_revision_history.ordinal 
_pdbx_audit_revision_history.data_content_type 
_pdbx_audit_revision_history.major_revision 
_pdbx_audit_revision_history.minor_revision 
_pdbx_audit_revision_history.revision_date 
1 'Structure model' 1 0 2011-01-19 
2 'Structure model' 1 1 2011-07-13 
3 'Structure model' 1 2 2023-09-06 
# 
_pdbx_audit_revision_details.ordinal             1 
_pdbx_audit_revision_details.revision_ordinal    1 
_pdbx_audit_revision_details.data_content_type   'Structure model' 
_pdbx_audit_revision_details.provider            repository 
_pdbx_audit_revision_details.type                'Initial release' 
_pdbx_audit_revision_details.description         ? 
_pdbx_audit_revision_details.details             ? 
# 
loop_
_pdbx_audit_revision_group.ordinal 
_pdbx_audit_revision_group.revision_ordinal 
_pdbx_audit_revision_group.data_content_type 
_pdbx_audit_revision_group.group 
1 2 'Structure model' 'Version format compliance' 
2 3 'Structure model' 'Data collection'           
3 3 'Structure model' 'Database references'       
4 3 'Structure model' 'Derived calculations'      
5 3 'Structure model' 'Refinement description'    
# 
loop_
_pdbx_audit_revision_category.ordinal 
_pdbx_audit_revision_category.revision_ordinal 
_pdbx_audit_revision_category.data_content_type 
_pdbx_audit_revision_category.category 
1 3 'Structure model' chem_comp_atom                
2 3 'Structure model' chem_comp_bond                
3 3 'Structure model' database_2                    
4 3 'Structure model' pdbx_initial_refinement_model 
5 3 'Structure model' pdbx_struct_conn_angle        
6 3 'Structure model' struct_conn                   
7 3 'Structure model' struct_ref_seq_dif            
8 3 'Structure model' struct_site                   
# 
loop_
_pdbx_audit_revision_item.ordinal 
_pdbx_audit_revision_item.revision_ordinal 
_pdbx_audit_revision_item.data_content_type 
_pdbx_audit_revision_item.item 
1  3 'Structure model' '_database_2.pdbx_DOI'                        
2  3 'Structure model' '_database_2.pdbx_database_accession'         
3  3 'Structure model' '_pdbx_struct_conn_angle.ptnr1_auth_comp_id'  
4  3 'Structure model' '_pdbx_struct_conn_angle.ptnr1_auth_seq_id'   
5  3 'Structure model' '_pdbx_struct_conn_angle.ptnr1_label_atom_id' 
6  3 'Structure model' '_pdbx_struct_conn_angle.ptnr1_label_comp_id' 
7  3 'Structure model' '_pdbx_struct_conn_angle.ptnr1_label_seq_id'  
8  3 'Structure model' '_pdbx_struct_conn_angle.ptnr3_auth_comp_id'  
9  3 'Structure model' '_pdbx_struct_conn_angle.ptnr3_auth_seq_id'   
10 3 'Structure model' '_pdbx_struct_conn_angle.ptnr3_label_atom_id' 
11 3 'Structure model' '_pdbx_struct_conn_angle.ptnr3_label_comp_id' 
12 3 'Structure model' '_pdbx_struct_conn_angle.ptnr3_label_seq_id'  
13 3 'Structure model' '_pdbx_struct_conn_angle.value'               
14 3 'Structure model' '_struct_conn.pdbx_dist_value'                
15 3 'Structure model' '_struct_conn.ptnr1_auth_comp_id'             
16 3 'Structure model' '_struct_conn.ptnr1_auth_seq_id'              
17 3 'Structure model' '_struct_conn.ptnr1_label_atom_id'            
18 3 'Structure model' '_struct_conn.ptnr1_label_comp_id'            
19 3 'Structure model' '_struct_conn.ptnr1_label_seq_id'             
20 3 'Structure model' '_struct_ref_seq_dif.details'                 
21 3 'Structure model' '_struct_site.pdbx_auth_asym_id'              
22 3 'Structure model' '_struct_site.pdbx_auth_comp_id'              
23 3 'Structure model' '_struct_site.pdbx_auth_seq_id'               
# 
loop_
_software.name 
_software.classification 
_software.version 
_software.citation_id 
_software.pdbx_ordinal 
HKL-2000  'data collection' .                            ? 1 
SOLVE     phasing           .                            ? 2 
PHENIX    refinement        '(phenix.refine: 1.6.4_486)' ? 3 
HKL-2000  'data reduction'  .                            ? 4 
SCALEPACK 'data scaling'    .                            ? 5 
# 
loop_
_pdbx_validate_torsion.id 
_pdbx_validate_torsion.PDB_model_num 
_pdbx_validate_torsion.auth_comp_id 
_pdbx_validate_torsion.auth_asym_id 
_pdbx_validate_torsion.auth_seq_id 
_pdbx_validate_torsion.PDB_ins_code 
_pdbx_validate_torsion.label_alt_id 
_pdbx_validate_torsion.phi 
_pdbx_validate_torsion.psi 
1 1 LYS A 28 ? ? -170.91 -54.55  
2 1 ALA A 38 ? ? -117.87 -129.03 
# 
loop_
_pdbx_unobs_or_zero_occ_atoms.id 
_pdbx_unobs_or_zero_occ_atoms.PDB_model_num 
_pdbx_unobs_or_zero_occ_atoms.polymer_flag 
_pdbx_unobs_or_zero_occ_atoms.occupancy_flag 
_pdbx_unobs_or_zero_occ_atoms.auth_asym_id 
_pdbx_unobs_or_zero_occ_atoms.auth_comp_id 
_pdbx_unobs_or_zero_occ_atoms.auth_seq_id 
_pdbx_unobs_or_zero_occ_atoms.PDB_ins_code 
_pdbx_unobs_or_zero_occ_atoms.auth_atom_id 
_pdbx_unobs_or_zero_occ_atoms.label_alt_id 
_pdbx_unobs_or_zero_occ_atoms.label_asym_id 
_pdbx_unobs_or_zero_occ_atoms.label_comp_id 
_pdbx_unobs_or_zero_occ_atoms.label_seq_id 
_pdbx_unobs_or_zero_occ_atoms.label_atom_id 
1 1 Y 1 A ASP 27  ? N   ? A ASP 28  N   
2 1 Y 1 A ASP 27  ? CG  ? A ASP 28  CG  
3 1 Y 1 A ASP 27  ? OD1 ? A ASP 28  OD1 
4 1 Y 1 A ASP 27  ? OD2 ? A ASP 28  OD2 
5 1 Y 1 A GLU 141 ? CG  ? A GLU 142 CG  
6 1 Y 1 A GLU 141 ? CD  ? A GLU 142 CD  
7 1 Y 1 A GLU 141 ? OE1 ? A GLU 142 OE1 
8 1 Y 1 A GLU 141 ? OE2 ? A GLU 142 OE2 
# 
loop_
_pdbx_unobs_or_zero_occ_residues.id 
_pdbx_unobs_or_zero_occ_residues.PDB_model_num 
_pdbx_unobs_or_zero_occ_residues.polymer_flag 
_pdbx_unobs_or_zero_occ_residues.occupancy_flag 
_pdbx_unobs_or_zero_occ_residues.auth_asym_id 
_pdbx_unobs_or_zero_occ_residues.auth_comp_id 
_pdbx_unobs_or_zero_occ_residues.auth_seq_id 
_pdbx_unobs_or_zero_occ_residues.PDB_ins_code 
_pdbx_unobs_or_zero_occ_residues.label_asym_id 
_pdbx_unobs_or_zero_occ_residues.label_comp_id 
_pdbx_unobs_or_zero_occ_residues.label_seq_id 
1  1 Y 1 A SER 0   ? A SER 1   
2  1 Y 1 A MET 1   ? A MET 2   
3  1 Y 1 A LEU 2   ? A LEU 3   
4  1 Y 1 A GLU 3   ? A GLU 4   
5  1 Y 1 A GLU 4   ? A GLU 5   
6  1 Y 1 A TYR 5   ? A TYR 6   
7  1 Y 1 A GLU 6   ? A GLU 7   
8  1 Y 1 A LYS 7   ? A LYS 8   
9  1 Y 1 A LYS 8   ? A LYS 9   
10 1 Y 1 A ARG 9   ? A ARG 10  
11 1 Y 1 A HIS 10  ? A HIS 11  
12 1 Y 1 A PHE 11  ? A PHE 12  
13 1 Y 1 A GLN 12  ? A GLN 13  
14 1 Y 1 A LYS 13  ? A LYS 14  
15 1 Y 1 A THR 14  ? A THR 15  
16 1 Y 1 A PRO 15  ? A PRO 16  
17 1 Y 1 A GLU 16  ? A GLU 17  
18 1 Y 1 A PRO 17  ? A PRO 18  
19 1 Y 1 A SER 18  ? A SER 19  
20 1 Y 1 A THR 19  ? A THR 20  
21 1 Y 1 A THR 20  ? A THR 21  
22 1 Y 1 A GLY 21  ? A GLY 22  
23 1 Y 1 A VAL 22  ? A VAL 23  
24 1 Y 1 A LYS 23  ? A LYS 24  
25 1 Y 1 A LYS 24  ? A LYS 25  
26 1 Y 1 A SER 25  ? A SER 26  
27 1 Y 1 A SER 26  ? A SER 27  
28 1 Y 1 A LYS 139 ? A LYS 140 
# 
loop_
_chem_comp_atom.comp_id 
_chem_comp_atom.atom_id 
_chem_comp_atom.type_symbol 
_chem_comp_atom.pdbx_aromatic_flag 
_chem_comp_atom.pdbx_stereo_config 
_chem_comp_atom.pdbx_ordinal 
ALA N    N  N N 1   
ALA CA   C  N S 2   
ALA C    C  N N 3   
ALA O    O  N N 4   
ALA CB   C  N N 5   
ALA OXT  O  N N 6   
ALA H    H  N N 7   
ALA H2   H  N N 8   
ALA HA   H  N N 9   
ALA HB1  H  N N 10  
ALA HB2  H  N N 11  
ALA HB3  H  N N 12  
ALA HXT  H  N N 13  
ARG N    N  N N 14  
ARG CA   C  N S 15  
ARG C    C  N N 16  
ARG O    O  N N 17  
ARG CB   C  N N 18  
ARG CG   C  N N 19  
ARG CD   C  N N 20  
ARG NE   N  N N 21  
ARG CZ   C  N N 22  
ARG NH1  N  N N 23  
ARG NH2  N  N N 24  
ARG OXT  O  N N 25  
ARG H    H  N N 26  
ARG H2   H  N N 27  
ARG HA   H  N N 28  
ARG HB2  H  N N 29  
ARG HB3  H  N N 30  
ARG HG2  H  N N 31  
ARG HG3  H  N N 32  
ARG HD2  H  N N 33  
ARG HD3  H  N N 34  
ARG HE   H  N N 35  
ARG HH11 H  N N 36  
ARG HH12 H  N N 37  
ARG HH21 H  N N 38  
ARG HH22 H  N N 39  
ARG HXT  H  N N 40  
ASP N    N  N N 41  
ASP CA   C  N S 42  
ASP C    C  N N 43  
ASP O    O  N N 44  
ASP CB   C  N N 45  
ASP CG   C  N N 46  
ASP OD1  O  N N 47  
ASP OD2  O  N N 48  
ASP OXT  O  N N 49  
ASP H    H  N N 50  
ASP H2   H  N N 51  
ASP HA   H  N N 52  
ASP HB2  H  N N 53  
ASP HB3  H  N N 54  
ASP HD2  H  N N 55  
ASP HXT  H  N N 56  
CL  CL   CL N N 57  
GLN N    N  N N 58  
GLN CA   C  N S 59  
GLN C    C  N N 60  
GLN O    O  N N 61  
GLN CB   C  N N 62  
GLN CG   C  N N 63  
GLN CD   C  N N 64  
GLN OE1  O  N N 65  
GLN NE2  N  N N 66  
GLN OXT  O  N N 67  
GLN H    H  N N 68  
GLN H2   H  N N 69  
GLN HA   H  N N 70  
GLN HB2  H  N N 71  
GLN HB3  H  N N 72  
GLN HG2  H  N N 73  
GLN HG3  H  N N 74  
GLN HE21 H  N N 75  
GLN HE22 H  N N 76  
GLN HXT  H  N N 77  
GLU N    N  N N 78  
GLU CA   C  N S 79  
GLU C    C  N N 80  
GLU O    O  N N 81  
GLU CB   C  N N 82  
GLU CG   C  N N 83  
GLU CD   C  N N 84  
GLU OE1  O  N N 85  
GLU OE2  O  N N 86  
GLU OXT  O  N N 87  
GLU H    H  N N 88  
GLU H2   H  N N 89  
GLU HA   H  N N 90  
GLU HB2  H  N N 91  
GLU HB3  H  N N 92  
GLU HG2  H  N N 93  
GLU HG3  H  N N 94  
GLU HE2  H  N N 95  
GLU HXT  H  N N 96  
GLY N    N  N N 97  
GLY CA   C  N N 98  
GLY C    C  N N 99  
GLY O    O  N N 100 
GLY OXT  O  N N 101 
GLY H    H  N N 102 
GLY H2   H  N N 103 
GLY HA2  H  N N 104 
GLY HA3  H  N N 105 
GLY HXT  H  N N 106 
HIS N    N  N N 107 
HIS CA   C  N S 108 
HIS C    C  N N 109 
HIS O    O  N N 110 
HIS CB   C  N N 111 
HIS CG   C  Y N 112 
HIS ND1  N  Y N 113 
HIS CD2  C  Y N 114 
HIS CE1  C  Y N 115 
HIS NE2  N  Y N 116 
HIS OXT  O  N N 117 
HIS H    H  N N 118 
HIS H2   H  N N 119 
HIS HA   H  N N 120 
HIS HB2  H  N N 121 
HIS HB3  H  N N 122 
HIS HD1  H  N N 123 
HIS HD2  H  N N 124 
HIS HE1  H  N N 125 
HIS HE2  H  N N 126 
HIS HXT  H  N N 127 
HOH O    O  N N 128 
HOH H1   H  N N 129 
HOH H2   H  N N 130 
ILE N    N  N N 131 
ILE CA   C  N S 132 
ILE C    C  N N 133 
ILE O    O  N N 134 
ILE CB   C  N S 135 
ILE CG1  C  N N 136 
ILE CG2  C  N N 137 
ILE CD1  C  N N 138 
ILE OXT  O  N N 139 
ILE H    H  N N 140 
ILE H2   H  N N 141 
ILE HA   H  N N 142 
ILE HB   H  N N 143 
ILE HG12 H  N N 144 
ILE HG13 H  N N 145 
ILE HG21 H  N N 146 
ILE HG22 H  N N 147 
ILE HG23 H  N N 148 
ILE HD11 H  N N 149 
ILE HD12 H  N N 150 
ILE HD13 H  N N 151 
ILE HXT  H  N N 152 
LEU N    N  N N 153 
LEU CA   C  N S 154 
LEU C    C  N N 155 
LEU O    O  N N 156 
LEU CB   C  N N 157 
LEU CG   C  N N 158 
LEU CD1  C  N N 159 
LEU CD2  C  N N 160 
LEU OXT  O  N N 161 
LEU H    H  N N 162 
LEU H2   H  N N 163 
LEU HA   H  N N 164 
LEU HB2  H  N N 165 
LEU HB3  H  N N 166 
LEU HG   H  N N 167 
LEU HD11 H  N N 168 
LEU HD12 H  N N 169 
LEU HD13 H  N N 170 
LEU HD21 H  N N 171 
LEU HD22 H  N N 172 
LEU HD23 H  N N 173 
LEU HXT  H  N N 174 
LYS N    N  N N 175 
LYS CA   C  N S 176 
LYS C    C  N N 177 
LYS O    O  N N 178 
LYS CB   C  N N 179 
LYS CG   C  N N 180 
LYS CD   C  N N 181 
LYS CE   C  N N 182 
LYS NZ   N  N N 183 
LYS OXT  O  N N 184 
LYS H    H  N N 185 
LYS H2   H  N N 186 
LYS HA   H  N N 187 
LYS HB2  H  N N 188 
LYS HB3  H  N N 189 
LYS HG2  H  N N 190 
LYS HG3  H  N N 191 
LYS HD2  H  N N 192 
LYS HD3  H  N N 193 
LYS HE2  H  N N 194 
LYS HE3  H  N N 195 
LYS HZ1  H  N N 196 
LYS HZ2  H  N N 197 
LYS HZ3  H  N N 198 
LYS HXT  H  N N 199 
MET N    N  N N 200 
MET CA   C  N S 201 
MET C    C  N N 202 
MET O    O  N N 203 
MET CB   C  N N 204 
MET CG   C  N N 205 
MET SD   S  N N 206 
MET CE   C  N N 207 
MET OXT  O  N N 208 
MET H    H  N N 209 
MET H2   H  N N 210 
MET HA   H  N N 211 
MET HB2  H  N N 212 
MET HB3  H  N N 213 
MET HG2  H  N N 214 
MET HG3  H  N N 215 
MET HE1  H  N N 216 
MET HE2  H  N N 217 
MET HE3  H  N N 218 
MET HXT  H  N N 219 
MN  MN   MN N N 220 
PHE N    N  N N 221 
PHE CA   C  N S 222 
PHE C    C  N N 223 
PHE O    O  N N 224 
PHE CB   C  N N 225 
PHE CG   C  Y N 226 
PHE CD1  C  Y N 227 
PHE CD2  C  Y N 228 
PHE CE1  C  Y N 229 
PHE CE2  C  Y N 230 
PHE CZ   C  Y N 231 
PHE OXT  O  N N 232 
PHE H    H  N N 233 
PHE H2   H  N N 234 
PHE HA   H  N N 235 
PHE HB2  H  N N 236 
PHE HB3  H  N N 237 
PHE HD1  H  N N 238 
PHE HD2  H  N N 239 
PHE HE1  H  N N 240 
PHE HE2  H  N N 241 
PHE HZ   H  N N 242 
PHE HXT  H  N N 243 
PO4 P    P  N N 244 
PO4 O1   O  N N 245 
PO4 O2   O  N N 246 
PO4 O3   O  N N 247 
PO4 O4   O  N N 248 
PRO N    N  N N 249 
PRO CA   C  N S 250 
PRO C    C  N N 251 
PRO O    O  N N 252 
PRO CB   C  N N 253 
PRO CG   C  N N 254 
PRO CD   C  N N 255 
PRO OXT  O  N N 256 
PRO H    H  N N 257 
PRO HA   H  N N 258 
PRO HB2  H  N N 259 
PRO HB3  H  N N 260 
PRO HG2  H  N N 261 
PRO HG3  H  N N 262 
PRO HD2  H  N N 263 
PRO HD3  H  N N 264 
PRO HXT  H  N N 265 
SER N    N  N N 266 
SER CA   C  N S 267 
SER C    C  N N 268 
SER O    O  N N 269 
SER CB   C  N N 270 
SER OG   O  N N 271 
SER OXT  O  N N 272 
SER H    H  N N 273 
SER H2   H  N N 274 
SER HA   H  N N 275 
SER HB2  H  N N 276 
SER HB3  H  N N 277 
SER HG   H  N N 278 
SER HXT  H  N N 279 
THR N    N  N N 280 
THR CA   C  N S 281 
THR C    C  N N 282 
THR O    O  N N 283 
THR CB   C  N R 284 
THR OG1  O  N N 285 
THR CG2  C  N N 286 
THR OXT  O  N N 287 
THR H    H  N N 288 
THR H2   H  N N 289 
THR HA   H  N N 290 
THR HB   H  N N 291 
THR HG1  H  N N 292 
THR HG21 H  N N 293 
THR HG22 H  N N 294 
THR HG23 H  N N 295 
THR HXT  H  N N 296 
TRP N    N  N N 297 
TRP CA   C  N S 298 
TRP C    C  N N 299 
TRP O    O  N N 300 
TRP CB   C  N N 301 
TRP CG   C  Y N 302 
TRP CD1  C  Y N 303 
TRP CD2  C  Y N 304 
TRP NE1  N  Y N 305 
TRP CE2  C  Y N 306 
TRP CE3  C  Y N 307 
TRP CZ2  C  Y N 308 
TRP CZ3  C  Y N 309 
TRP CH2  C  Y N 310 
TRP OXT  O  N N 311 
TRP H    H  N N 312 
TRP H2   H  N N 313 
TRP HA   H  N N 314 
TRP HB2  H  N N 315 
TRP HB3  H  N N 316 
TRP HD1  H  N N 317 
TRP HE1  H  N N 318 
TRP HE3  H  N N 319 
TRP HZ2  H  N N 320 
TRP HZ3  H  N N 321 
TRP HH2  H  N N 322 
TRP HXT  H  N N 323 
TYR N    N  N N 324 
TYR CA   C  N S 325 
TYR C    C  N N 326 
TYR O    O  N N 327 
TYR CB   C  N N 328 
TYR CG   C  Y N 329 
TYR CD1  C  Y N 330 
TYR CD2  C  Y N 331 
TYR CE1  C  Y N 332 
TYR CE2  C  Y N 333 
TYR CZ   C  Y N 334 
TYR OH   O  N N 335 
TYR OXT  O  N N 336 
TYR H    H  N N 337 
TYR H2   H  N N 338 
TYR HA   H  N N 339 
TYR HB2  H  N N 340 
TYR HB3  H  N N 341 
TYR HD1  H  N N 342 
TYR HD2  H  N N 343 
TYR HE1  H  N N 344 
TYR HE2  H  N N 345 
TYR HH   H  N N 346 
TYR HXT  H  N N 347 
VAL N    N  N N 348 
VAL CA   C  N S 349 
VAL C    C  N N 350 
VAL O    O  N N 351 
VAL CB   C  N N 352 
VAL CG1  C  N N 353 
VAL CG2  C  N N 354 
VAL OXT  O  N N 355 
VAL H    H  N N 356 
VAL H2   H  N N 357 
VAL HA   H  N N 358 
VAL HB   H  N N 359 
VAL HG11 H  N N 360 
VAL HG12 H  N N 361 
VAL HG13 H  N N 362 
VAL HG21 H  N N 363 
VAL HG22 H  N N 364 
VAL HG23 H  N N 365 
VAL HXT  H  N N 366 
# 
loop_
_chem_comp_bond.comp_id 
_chem_comp_bond.atom_id_1 
_chem_comp_bond.atom_id_2 
_chem_comp_bond.value_order 
_chem_comp_bond.pdbx_aromatic_flag 
_chem_comp_bond.pdbx_stereo_config 
_chem_comp_bond.pdbx_ordinal 
ALA N   CA   sing N N 1   
ALA N   H    sing N N 2   
ALA N   H2   sing N N 3   
ALA CA  C    sing N N 4   
ALA CA  CB   sing N N 5   
ALA CA  HA   sing N N 6   
ALA C   O    doub N N 7   
ALA C   OXT  sing N N 8   
ALA CB  HB1  sing N N 9   
ALA CB  HB2  sing N N 10  
ALA CB  HB3  sing N N 11  
ALA OXT HXT  sing N N 12  
ARG N   CA   sing N N 13  
ARG N   H    sing N N 14  
ARG N   H2   sing N N 15  
ARG CA  C    sing N N 16  
ARG CA  CB   sing N N 17  
ARG CA  HA   sing N N 18  
ARG C   O    doub N N 19  
ARG C   OXT  sing N N 20  
ARG CB  CG   sing N N 21  
ARG CB  HB2  sing N N 22  
ARG CB  HB3  sing N N 23  
ARG CG  CD   sing N N 24  
ARG CG  HG2  sing N N 25  
ARG CG  HG3  sing N N 26  
ARG CD  NE   sing N N 27  
ARG CD  HD2  sing N N 28  
ARG CD  HD3  sing N N 29  
ARG NE  CZ   sing N N 30  
ARG NE  HE   sing N N 31  
ARG CZ  NH1  sing N N 32  
ARG CZ  NH2  doub N N 33  
ARG NH1 HH11 sing N N 34  
ARG NH1 HH12 sing N N 35  
ARG NH2 HH21 sing N N 36  
ARG NH2 HH22 sing N N 37  
ARG OXT HXT  sing N N 38  
ASP N   CA   sing N N 39  
ASP N   H    sing N N 40  
ASP N   H2   sing N N 41  
ASP CA  C    sing N N 42  
ASP CA  CB   sing N N 43  
ASP CA  HA   sing N N 44  
ASP C   O    doub N N 45  
ASP C   OXT  sing N N 46  
ASP CB  CG   sing N N 47  
ASP CB  HB2  sing N N 48  
ASP CB  HB3  sing N N 49  
ASP CG  OD1  doub N N 50  
ASP CG  OD2  sing N N 51  
ASP OD2 HD2  sing N N 52  
ASP OXT HXT  sing N N 53  
GLN N   CA   sing N N 54  
GLN N   H    sing N N 55  
GLN N   H2   sing N N 56  
GLN CA  C    sing N N 57  
GLN CA  CB   sing N N 58  
GLN CA  HA   sing N N 59  
GLN C   O    doub N N 60  
GLN C   OXT  sing N N 61  
GLN CB  CG   sing N N 62  
GLN CB  HB2  sing N N 63  
GLN CB  HB3  sing N N 64  
GLN CG  CD   sing N N 65  
GLN CG  HG2  sing N N 66  
GLN CG  HG3  sing N N 67  
GLN CD  OE1  doub N N 68  
GLN CD  NE2  sing N N 69  
GLN NE2 HE21 sing N N 70  
GLN NE2 HE22 sing N N 71  
GLN OXT HXT  sing N N 72  
GLU N   CA   sing N N 73  
GLU N   H    sing N N 74  
GLU N   H2   sing N N 75  
GLU CA  C    sing N N 76  
GLU CA  CB   sing N N 77  
GLU CA  HA   sing N N 78  
GLU C   O    doub N N 79  
GLU C   OXT  sing N N 80  
GLU CB  CG   sing N N 81  
GLU CB  HB2  sing N N 82  
GLU CB  HB3  sing N N 83  
GLU CG  CD   sing N N 84  
GLU CG  HG2  sing N N 85  
GLU CG  HG3  sing N N 86  
GLU CD  OE1  doub N N 87  
GLU CD  OE2  sing N N 88  
GLU OE2 HE2  sing N N 89  
GLU OXT HXT  sing N N 90  
GLY N   CA   sing N N 91  
GLY N   H    sing N N 92  
GLY N   H2   sing N N 93  
GLY CA  C    sing N N 94  
GLY CA  HA2  sing N N 95  
GLY CA  HA3  sing N N 96  
GLY C   O    doub N N 97  
GLY C   OXT  sing N N 98  
GLY OXT HXT  sing N N 99  
HIS N   CA   sing N N 100 
HIS N   H    sing N N 101 
HIS N   H2   sing N N 102 
HIS CA  C    sing N N 103 
HIS CA  CB   sing N N 104 
HIS CA  HA   sing N N 105 
HIS C   O    doub N N 106 
HIS C   OXT  sing N N 107 
HIS CB  CG   sing N N 108 
HIS CB  HB2  sing N N 109 
HIS CB  HB3  sing N N 110 
HIS CG  ND1  sing Y N 111 
HIS CG  CD2  doub Y N 112 
HIS ND1 CE1  doub Y N 113 
HIS ND1 HD1  sing N N 114 
HIS CD2 NE2  sing Y N 115 
HIS CD2 HD2  sing N N 116 
HIS CE1 NE2  sing Y N 117 
HIS CE1 HE1  sing N N 118 
HIS NE2 HE2  sing N N 119 
HIS OXT HXT  sing N N 120 
HOH O   H1   sing N N 121 
HOH O   H2   sing N N 122 
ILE N   CA   sing N N 123 
ILE N   H    sing N N 124 
ILE N   H2   sing N N 125 
ILE CA  C    sing N N 126 
ILE CA  CB   sing N N 127 
ILE CA  HA   sing N N 128 
ILE C   O    doub N N 129 
ILE C   OXT  sing N N 130 
ILE CB  CG1  sing N N 131 
ILE CB  CG2  sing N N 132 
ILE CB  HB   sing N N 133 
ILE CG1 CD1  sing N N 134 
ILE CG1 HG12 sing N N 135 
ILE CG1 HG13 sing N N 136 
ILE CG2 HG21 sing N N 137 
ILE CG2 HG22 sing N N 138 
ILE CG2 HG23 sing N N 139 
ILE CD1 HD11 sing N N 140 
ILE CD1 HD12 sing N N 141 
ILE CD1 HD13 sing N N 142 
ILE OXT HXT  sing N N 143 
LEU N   CA   sing N N 144 
LEU N   H    sing N N 145 
LEU N   H2   sing N N 146 
LEU CA  C    sing N N 147 
LEU CA  CB   sing N N 148 
LEU CA  HA   sing N N 149 
LEU C   O    doub N N 150 
LEU C   OXT  sing N N 151 
LEU CB  CG   sing N N 152 
LEU CB  HB2  sing N N 153 
LEU CB  HB3  sing N N 154 
LEU CG  CD1  sing N N 155 
LEU CG  CD2  sing N N 156 
LEU CG  HG   sing N N 157 
LEU CD1 HD11 sing N N 158 
LEU CD1 HD12 sing N N 159 
LEU CD1 HD13 sing N N 160 
LEU CD2 HD21 sing N N 161 
LEU CD2 HD22 sing N N 162 
LEU CD2 HD23 sing N N 163 
LEU OXT HXT  sing N N 164 
LYS N   CA   sing N N 165 
LYS N   H    sing N N 166 
LYS N   H2   sing N N 167 
LYS CA  C    sing N N 168 
LYS CA  CB   sing N N 169 
LYS CA  HA   sing N N 170 
LYS C   O    doub N N 171 
LYS C   OXT  sing N N 172 
LYS CB  CG   sing N N 173 
LYS CB  HB2  sing N N 174 
LYS CB  HB3  sing N N 175 
LYS CG  CD   sing N N 176 
LYS CG  HG2  sing N N 177 
LYS CG  HG3  sing N N 178 
LYS CD  CE   sing N N 179 
LYS CD  HD2  sing N N 180 
LYS CD  HD3  sing N N 181 
LYS CE  NZ   sing N N 182 
LYS CE  HE2  sing N N 183 
LYS CE  HE3  sing N N 184 
LYS NZ  HZ1  sing N N 185 
LYS NZ  HZ2  sing N N 186 
LYS NZ  HZ3  sing N N 187 
LYS OXT HXT  sing N N 188 
MET N   CA   sing N N 189 
MET N   H    sing N N 190 
MET N   H2   sing N N 191 
MET CA  C    sing N N 192 
MET CA  CB   sing N N 193 
MET CA  HA   sing N N 194 
MET C   O    doub N N 195 
MET C   OXT  sing N N 196 
MET CB  CG   sing N N 197 
MET CB  HB2  sing N N 198 
MET CB  HB3  sing N N 199 
MET CG  SD   sing N N 200 
MET CG  HG2  sing N N 201 
MET CG  HG3  sing N N 202 
MET SD  CE   sing N N 203 
MET CE  HE1  sing N N 204 
MET CE  HE2  sing N N 205 
MET CE  HE3  sing N N 206 
MET OXT HXT  sing N N 207 
PHE N   CA   sing N N 208 
PHE N   H    sing N N 209 
PHE N   H2   sing N N 210 
PHE CA  C    sing N N 211 
PHE CA  CB   sing N N 212 
PHE CA  HA   sing N N 213 
PHE C   O    doub N N 214 
PHE C   OXT  sing N N 215 
PHE CB  CG   sing N N 216 
PHE CB  HB2  sing N N 217 
PHE CB  HB3  sing N N 218 
PHE CG  CD1  doub Y N 219 
PHE CG  CD2  sing Y N 220 
PHE CD1 CE1  sing Y N 221 
PHE CD1 HD1  sing N N 222 
PHE CD2 CE2  doub Y N 223 
PHE CD2 HD2  sing N N 224 
PHE CE1 CZ   doub Y N 225 
PHE CE1 HE1  sing N N 226 
PHE CE2 CZ   sing Y N 227 
PHE CE2 HE2  sing N N 228 
PHE CZ  HZ   sing N N 229 
PHE OXT HXT  sing N N 230 
PO4 P   O1   doub N N 231 
PO4 P   O2   sing N N 232 
PO4 P   O3   sing N N 233 
PO4 P   O4   sing N N 234 
PRO N   CA   sing N N 235 
PRO N   CD   sing N N 236 
PRO N   H    sing N N 237 
PRO CA  C    sing N N 238 
PRO CA  CB   sing N N 239 
PRO CA  HA   sing N N 240 
PRO C   O    doub N N 241 
PRO C   OXT  sing N N 242 
PRO CB  CG   sing N N 243 
PRO CB  HB2  sing N N 244 
PRO CB  HB3  sing N N 245 
PRO CG  CD   sing N N 246 
PRO CG  HG2  sing N N 247 
PRO CG  HG3  sing N N 248 
PRO CD  HD2  sing N N 249 
PRO CD  HD3  sing N N 250 
PRO OXT HXT  sing N N 251 
SER N   CA   sing N N 252 
SER N   H    sing N N 253 
SER N   H2   sing N N 254 
SER CA  C    sing N N 255 
SER CA  CB   sing N N 256 
SER CA  HA   sing N N 257 
SER C   O    doub N N 258 
SER C   OXT  sing N N 259 
SER CB  OG   sing N N 260 
SER CB  HB2  sing N N 261 
SER CB  HB3  sing N N 262 
SER OG  HG   sing N N 263 
SER OXT HXT  sing N N 264 
THR N   CA   sing N N 265 
THR N   H    sing N N 266 
THR N   H2   sing N N 267 
THR CA  C    sing N N 268 
THR CA  CB   sing N N 269 
THR CA  HA   sing N N 270 
THR C   O    doub N N 271 
THR C   OXT  sing N N 272 
THR CB  OG1  sing N N 273 
THR CB  CG2  sing N N 274 
THR CB  HB   sing N N 275 
THR OG1 HG1  sing N N 276 
THR CG2 HG21 sing N N 277 
THR CG2 HG22 sing N N 278 
THR CG2 HG23 sing N N 279 
THR OXT HXT  sing N N 280 
TRP N   CA   sing N N 281 
TRP N   H    sing N N 282 
TRP N   H2   sing N N 283 
TRP CA  C    sing N N 284 
TRP CA  CB   sing N N 285 
TRP CA  HA   sing N N 286 
TRP C   O    doub N N 287 
TRP C   OXT  sing N N 288 
TRP CB  CG   sing N N 289 
TRP CB  HB2  sing N N 290 
TRP CB  HB3  sing N N 291 
TRP CG  CD1  doub Y N 292 
TRP CG  CD2  sing Y N 293 
TRP CD1 NE1  sing Y N 294 
TRP CD1 HD1  sing N N 295 
TRP CD2 CE2  doub Y N 296 
TRP CD2 CE3  sing Y N 297 
TRP NE1 CE2  sing Y N 298 
TRP NE1 HE1  sing N N 299 
TRP CE2 CZ2  sing Y N 300 
TRP CE3 CZ3  doub Y N 301 
TRP CE3 HE3  sing N N 302 
TRP CZ2 CH2  doub Y N 303 
TRP CZ2 HZ2  sing N N 304 
TRP CZ3 CH2  sing Y N 305 
TRP CZ3 HZ3  sing N N 306 
TRP CH2 HH2  sing N N 307 
TRP OXT HXT  sing N N 308 
TYR N   CA   sing N N 309 
TYR N   H    sing N N 310 
TYR N   H2   sing N N 311 
TYR CA  C    sing N N 312 
TYR CA  CB   sing N N 313 
TYR CA  HA   sing N N 314 
TYR C   O    doub N N 315 
TYR C   OXT  sing N N 316 
TYR CB  CG   sing N N 317 
TYR CB  HB2  sing N N 318 
TYR CB  HB3  sing N N 319 
TYR CG  CD1  doub Y N 320 
TYR CG  CD2  sing Y N 321 
TYR CD1 CE1  sing Y N 322 
TYR CD1 HD1  sing N N 323 
TYR CD2 CE2  doub Y N 324 
TYR CD2 HD2  sing N N 325 
TYR CE1 CZ   doub Y N 326 
TYR CE1 HE1  sing N N 327 
TYR CE2 CZ   sing Y N 328 
TYR CE2 HE2  sing N N 329 
TYR CZ  OH   sing N N 330 
TYR OH  HH   sing N N 331 
TYR OXT HXT  sing N N 332 
VAL N   CA   sing N N 333 
VAL N   H    sing N N 334 
VAL N   H2   sing N N 335 
VAL CA  C    sing N N 336 
VAL CA  CB   sing N N 337 
VAL CA  HA   sing N N 338 
VAL C   O    doub N N 339 
VAL C   OXT  sing N N 340 
VAL CB  CG1  sing N N 341 
VAL CB  CG2  sing N N 342 
VAL CB  HB   sing N N 343 
VAL CG1 HG11 sing N N 344 
VAL CG1 HG12 sing N N 345 
VAL CG1 HG13 sing N N 346 
VAL CG2 HG21 sing N N 347 
VAL CG2 HG22 sing N N 348 
VAL CG2 HG23 sing N N 349 
VAL OXT HXT  sing N N 350 
# 
loop_
_pdbx_entity_nonpoly.entity_id 
_pdbx_entity_nonpoly.name 
_pdbx_entity_nonpoly.comp_id 
2 'MANGANESE (II) ION' MN  
3 'CHLORIDE ION'       CL  
4 'PHOSPHATE ION'      PO4 
5 water                HOH 
# 
_pdbx_initial_refinement_model.id               1 
_pdbx_initial_refinement_model.entity_id_list   ? 
_pdbx_initial_refinement_model.type             'experimental model' 
_pdbx_initial_refinement_model.source_name      PDB 
_pdbx_initial_refinement_model.accession_code   3N9B 
_pdbx_initial_refinement_model.details          'PDB ENTRY 3N9B' 
# 
